data_3VZC
#
_entry.id   3VZC
#
_cell.length_a   102.220
_cell.length_b   106.610
_cell.length_c   226.180
_cell.angle_alpha   90.00
_cell.angle_beta   90.00
_cell.angle_gamma   90.00
#
_symmetry.space_group_name_H-M   'P 21 21 21'
#
loop_
_entity.id
_entity.type
_entity.pdbx_description
1 polymer 'Sphingosine kinase 1'
2 non-polymer 4-{[4-(4-chlorophenyl)-1,3-thiazol-2-yl]amino}phenol
3 non-polymer 1,2-ETHANEDIOL
4 water water
#
_entity_poly.entity_id   1
_entity_poly.type   'polypeptide(L)'
_entity_poly.pdbx_seq_one_letter_code
;GAMGSGVLPRPCRVLVLLNPRGGKGKALQLFRSHVQPLLAEAEISFTLMLTERRNHARELVRSEELGRWDALVVMSGDGL
MHEVVNGLMERPDWETAIQKPLCSLPAGSGNALAASLNHYAGYEQVTNEDLLTNCTLLLCRRLLSPMNLLSLHTASGLRL
FSVLSLAWGFIADVDLESEKYRRLGEMRFTLGTFLRLAALRTYRGRLAYLPVGRVGSKTPASPVVVQQGPVDAHLVPLEE
PVPSHWTVVPDEDFVLVLALLHSHLGSEMFAAPMGRCAAGVMHLFYVRAGVSRAMLLRLFLAMEKGRHMEYECPYLVYVP
VVAFRLEPKDGKGVFAVDGELMVSEAVQGQVHPNYFWMVSG
;
_entity_poly.pdbx_strand_id   A,B,C,D,E,F
#
loop_
_chem_comp.id
_chem_comp.type
_chem_comp.name
_chem_comp.formula
EDO non-polymer 1,2-ETHANEDIOL 'C2 H6 O2'
UUL non-polymer 4-{[4-(4-chlorophenyl)-1,3-thiazol-2-yl]amino}phenol 'C15 H11 Cl N2 O S'
#
# COMPACT_ATOMS: atom_id res chain seq x y z
N MET A 3 -19.93 13.05 31.45
CA MET A 3 -20.44 11.88 30.67
C MET A 3 -21.58 12.30 29.73
N GLY A 4 -22.54 13.06 30.26
CA GLY A 4 -23.63 13.61 29.45
C GLY A 4 -23.19 14.79 28.59
N SER A 5 -23.70 14.85 27.37
CA SER A 5 -23.35 15.91 26.43
C SER A 5 -24.48 16.93 26.21
N GLY A 6 -25.56 16.82 26.98
CA GLY A 6 -26.71 17.70 26.83
C GLY A 6 -27.74 17.42 27.91
N VAL A 7 -28.72 18.31 28.04
CA VAL A 7 -29.80 18.09 29.00
C VAL A 7 -31.16 18.48 28.48
N LEU A 8 -32.16 17.70 28.87
CA LEU A 8 -33.53 18.16 28.72
C LEU A 8 -33.76 19.25 29.75
N PRO A 9 -34.52 20.28 29.38
CA PRO A 9 -35.04 21.29 30.30
C PRO A 9 -35.85 20.66 31.44
N ARG A 10 -35.74 21.25 32.64
CA ARG A 10 -36.69 20.98 33.72
C ARG A 10 -37.43 22.28 34.03
N PRO A 11 -38.78 22.27 33.95
CA PRO A 11 -39.65 21.20 33.48
C PRO A 11 -39.55 21.00 31.97
N CYS A 12 -40.16 19.94 31.47
CA CYS A 12 -40.26 19.71 30.04
C CYS A 12 -41.53 18.93 29.76
N ARG A 13 -41.90 18.87 28.48
CA ARG A 13 -42.99 18.03 28.03
C ARG A 13 -42.48 17.11 26.95
N VAL A 14 -43.11 15.95 26.85
CA VAL A 14 -42.52 14.79 26.20
C VAL A 14 -43.62 14.02 25.48
N LEU A 15 -43.38 13.68 24.21
CA LEU A 15 -44.34 12.83 23.50
C LEU A 15 -44.00 11.35 23.70
N VAL A 16 -44.96 10.57 24.22
CA VAL A 16 -44.76 9.14 24.42
C VAL A 16 -45.50 8.33 23.36
N LEU A 17 -44.76 7.66 22.48
CA LEU A 17 -45.35 6.73 21.54
C LEU A 17 -45.24 5.33 22.12
N LEU A 18 -46.38 4.66 22.21
CA LEU A 18 -46.49 3.39 22.90
C LEU A 18 -47.26 2.45 22.02
N ASN A 19 -46.74 1.24 21.90
CA ASN A 19 -47.39 0.15 21.21
C ASN A 19 -48.02 -0.69 22.31
N PRO A 20 -49.36 -0.67 22.42
CA PRO A 20 -50.08 -1.40 23.46
C PRO A 20 -49.97 -2.92 23.35
N ARG A 21 -49.56 -3.44 22.19
CA ARG A 21 -49.32 -4.89 22.00
C ARG A 21 -47.96 -5.34 22.54
N GLY A 22 -47.31 -4.48 23.33
CA GLY A 22 -45.97 -4.75 23.85
C GLY A 22 -46.00 -5.26 25.28
N GLY A 23 -45.04 -6.12 25.61
CA GLY A 23 -45.00 -6.78 26.92
C GLY A 23 -46.21 -7.69 27.10
N LYS A 24 -46.44 -8.58 26.12
CA LYS A 24 -47.66 -9.37 26.00
C LYS A 24 -48.91 -8.51 26.25
N GLY A 25 -48.99 -7.37 25.55
CA GLY A 25 -50.14 -6.48 25.63
C GLY A 25 -50.30 -5.72 26.94
N LYS A 26 -49.21 -5.52 27.66
CA LYS A 26 -49.28 -4.86 28.98
C LYS A 26 -48.49 -3.56 29.04
N ALA A 27 -48.06 -3.07 27.88
CA ALA A 27 -47.22 -1.87 27.79
C ALA A 27 -47.87 -0.65 28.45
N LEU A 28 -49.14 -0.39 28.13
CA LEU A 28 -49.86 0.72 28.75
C LEU A 28 -49.95 0.58 30.28
N GLN A 29 -50.32 -0.61 30.76
CA GLN A 29 -50.39 -0.90 32.18
C GLN A 29 -49.03 -0.67 32.86
N LEU A 30 -47.98 -1.19 32.23
CA LEU A 30 -46.60 -0.96 32.67
C LEU A 30 -46.25 0.53 32.70
N PHE A 31 -46.70 1.27 31.68
CA PHE A 31 -46.47 2.73 31.70
C PHE A 31 -47.11 3.35 32.94
N ARG A 32 -48.38 3.01 33.14
CA ARG A 32 -49.16 3.53 34.26
C ARG A 32 -48.52 3.21 35.61
N SER A 33 -48.13 1.94 35.79
CA SER A 33 -47.54 1.50 37.06
C SER A 33 -46.08 1.91 37.27
N HIS A 34 -45.26 1.85 36.22
CA HIS A 34 -43.81 2.04 36.36
C HIS A 34 -43.26 3.36 35.88
N VAL A 35 -43.82 3.89 34.80
CA VAL A 35 -43.29 5.12 34.20
C VAL A 35 -43.97 6.39 34.70
N GLN A 36 -45.29 6.46 34.56
CA GLN A 36 -46.05 7.64 35.04
C GLN A 36 -45.69 8.22 36.42
N PRO A 37 -45.63 7.39 37.50
CA PRO A 37 -45.36 8.04 38.79
C PRO A 37 -44.00 8.70 38.88
N LEU A 38 -43.00 8.19 38.14
CA LEU A 38 -41.67 8.78 38.16
C LEU A 38 -41.63 10.11 37.39
N LEU A 39 -42.41 10.19 36.32
CA LEU A 39 -42.51 11.42 35.52
C LEU A 39 -43.11 12.57 36.32
N ALA A 40 -44.13 12.25 37.13
CA ALA A 40 -44.79 13.25 37.98
C ALA A 40 -43.78 13.90 38.93
N GLU A 41 -43.03 13.08 39.66
CA GLU A 41 -41.96 13.57 40.56
C GLU A 41 -40.87 14.38 39.84
N ALA A 42 -40.57 14.04 38.59
CA ALA A 42 -39.46 14.72 37.86
C ALA A 42 -39.92 15.97 37.11
N GLU A 43 -41.19 16.32 37.26
CA GLU A 43 -41.82 17.44 36.54
C GLU A 43 -41.76 17.24 35.03
N ILE A 44 -41.98 16.01 34.60
CA ILE A 44 -42.04 15.72 33.17
C ILE A 44 -43.49 15.48 32.76
N SER A 45 -44.07 16.44 32.04
CA SER A 45 -45.39 16.22 31.43
C SER A 45 -45.25 15.34 30.22
N PHE A 46 -46.36 14.71 29.80
CA PHE A 46 -46.35 13.86 28.63
C PHE A 46 -47.72 13.78 27.99
N THR A 47 -47.77 13.31 26.74
CA THR A 47 -49.01 12.82 26.18
C THR A 47 -48.80 11.45 25.52
N LEU A 48 -49.68 10.51 25.82
CA LEU A 48 -49.61 9.17 25.23
C LEU A 48 -50.34 9.07 23.91
N MET A 49 -49.61 8.58 22.91
CA MET A 49 -50.18 8.34 21.61
C MET A 49 -49.97 6.86 21.36
N LEU A 50 -51.06 6.17 21.05
CA LEU A 50 -50.97 4.72 20.82
C LEU A 50 -50.66 4.43 19.35
N THR A 51 -49.71 3.52 19.12
CA THR A 51 -49.27 3.20 17.78
C THR A 51 -49.03 1.70 17.61
N GLU A 52 -49.97 1.01 16.96
CA GLU A 52 -49.83 -0.45 16.73
C GLU A 52 -49.65 -0.87 15.26
N ARG A 53 -50.41 -0.29 14.34
CA ARG A 53 -50.40 -0.75 12.94
C ARG A 53 -49.08 -0.39 12.24
N ARG A 54 -48.75 -1.12 11.17
CA ARG A 54 -47.46 -0.91 10.46
C ARG A 54 -47.32 0.48 9.82
N ASN A 55 -46.15 1.08 10.02
CA ASN A 55 -45.83 2.43 9.50
C ASN A 55 -46.56 3.58 10.18
N HIS A 56 -47.31 3.27 11.23
CA HIS A 56 -48.09 4.29 11.89
C HIS A 56 -47.23 5.31 12.58
N ALA A 57 -46.34 4.85 13.47
CA ALA A 57 -45.48 5.74 14.23
C ALA A 57 -44.52 6.53 13.33
N ARG A 58 -44.10 5.89 12.24
CA ARG A 58 -43.32 6.50 11.16
C ARG A 58 -44.06 7.72 10.58
N GLU A 59 -45.33 7.53 10.23
CA GLU A 59 -46.13 8.59 9.62
C GLU A 59 -46.41 9.73 10.59
N LEU A 60 -46.70 9.40 11.84
CA LEU A 60 -46.89 10.41 12.89
C LEU A 60 -45.69 11.32 13.04
N VAL A 61 -44.52 10.70 13.20
CA VAL A 61 -43.28 11.39 13.43
C VAL A 61 -42.86 12.21 12.20
N ARG A 62 -43.15 11.68 11.02
CA ARG A 62 -42.89 12.36 9.75
C ARG A 62 -43.66 13.68 9.66
N SER A 63 -44.89 13.69 10.19
CA SER A 63 -45.78 14.86 10.07
C SER A 63 -45.85 15.75 11.31
N GLU A 64 -45.25 15.31 12.42
CA GLU A 64 -45.30 16.03 13.71
C GLU A 64 -44.65 17.42 13.71
N GLU A 65 -45.23 18.34 14.47
CA GLU A 65 -44.58 19.61 14.78
C GLU A 65 -43.72 19.37 16.01
N LEU A 66 -42.40 19.39 15.82
CA LEU A 66 -41.50 18.88 16.84
C LEU A 66 -41.15 19.91 17.89
N GLY A 67 -41.49 21.17 17.61
CA GLY A 67 -41.27 22.27 18.53
C GLY A 67 -42.13 22.20 19.78
N ARG A 68 -43.24 21.47 19.75
CA ARG A 68 -44.05 21.28 20.96
C ARG A 68 -43.45 20.29 21.96
N TRP A 69 -42.41 19.56 21.55
CA TRP A 69 -41.82 18.53 22.43
C TRP A 69 -40.36 18.77 22.74
N ASP A 70 -39.98 18.51 23.99
CA ASP A 70 -38.55 18.52 24.37
C ASP A 70 -37.87 17.16 24.08
N ALA A 71 -38.66 16.09 24.01
CA ALA A 71 -38.17 14.76 23.64
C ALA A 71 -39.31 13.86 23.16
N LEU A 72 -38.98 12.89 22.31
CA LEU A 72 -39.91 11.85 21.96
C LEU A 72 -39.54 10.57 22.68
N VAL A 73 -40.40 10.08 23.59
CA VAL A 73 -40.08 8.82 24.24
C VAL A 73 -40.85 7.68 23.61
N VAL A 74 -40.11 6.60 23.36
CA VAL A 74 -40.60 5.48 22.56
C VAL A 74 -40.69 4.26 23.47
N MET A 75 -41.91 3.79 23.73
CA MET A 75 -42.15 2.66 24.64
C MET A 75 -42.69 1.43 23.93
N SER A 76 -41.76 0.56 23.57
CA SER A 76 -42.04 -0.69 22.86
C SER A 76 -40.69 -1.41 22.82
N GLY A 77 -40.23 -1.78 21.63
CA GLY A 77 -38.91 -2.36 21.48
C GLY A 77 -37.94 -1.57 20.61
N ASP A 78 -36.95 -2.28 20.08
CA ASP A 78 -36.00 -1.69 19.15
C ASP A 78 -36.71 -1.34 17.87
N GLY A 79 -37.70 -2.15 17.50
CA GLY A 79 -38.46 -1.95 16.28
C GLY A 79 -39.19 -0.61 16.18
N LEU A 80 -39.64 -0.08 17.31
CA LEU A 80 -40.39 1.18 17.27
C LEU A 80 -39.43 2.34 17.07
N MET A 81 -38.32 2.33 17.83
CA MET A 81 -37.25 3.31 17.68
C MET A 81 -36.79 3.40 16.23
N HIS A 82 -36.53 2.24 15.65
CA HIS A 82 -36.31 2.13 14.23
C HIS A 82 -37.28 2.93 13.38
N GLU A 83 -38.60 2.74 13.58
CA GLU A 83 -39.61 3.44 12.79
C GLU A 83 -39.55 4.96 13.03
N VAL A 84 -39.36 5.36 14.28
CA VAL A 84 -39.30 6.75 14.67
C VAL A 84 -38.12 7.45 14.01
N VAL A 85 -36.95 6.85 14.12
CA VAL A 85 -35.75 7.39 13.52
C VAL A 85 -35.88 7.47 11.99
N ASN A 86 -36.39 6.43 11.35
CA ASN A 86 -36.60 6.53 9.93
C ASN A 86 -37.61 7.60 9.54
N GLY A 87 -38.68 7.74 10.33
CA GLY A 87 -39.66 8.80 10.18
C GLY A 87 -39.05 10.18 10.19
N LEU A 88 -38.16 10.45 11.15
CA LEU A 88 -37.52 11.74 11.23
C LEU A 88 -36.58 12.01 10.03
N MET A 89 -35.81 10.99 9.64
CA MET A 89 -34.84 11.08 8.54
C MET A 89 -35.52 11.21 7.18
N GLU A 90 -36.75 10.71 7.08
CA GLU A 90 -37.54 10.82 5.85
C GLU A 90 -38.16 12.21 5.65
N ARG A 91 -37.95 13.11 6.62
CA ARG A 91 -38.57 14.43 6.58
C ARG A 91 -37.75 15.36 5.70
N PRO A 92 -38.40 16.31 4.99
CA PRO A 92 -37.61 17.34 4.28
C PRO A 92 -36.72 18.16 5.22
N ASP A 93 -37.18 18.39 6.45
CA ASP A 93 -36.35 19.07 7.45
C ASP A 93 -35.54 18.11 8.35
N TRP A 94 -35.07 17.00 7.80
CA TRP A 94 -34.37 15.97 8.60
C TRP A 94 -33.21 16.49 9.41
N GLU A 95 -32.45 17.45 8.87
CA GLU A 95 -31.21 17.94 9.53
C GLU A 95 -31.48 18.45 10.93
N THR A 96 -32.60 19.16 11.10
CA THR A 96 -32.99 19.66 12.41
C THR A 96 -33.93 18.67 13.14
N ALA A 97 -34.76 17.96 12.39
CA ALA A 97 -35.66 16.97 12.97
C ALA A 97 -34.94 15.83 13.72
N ILE A 98 -33.79 15.41 13.18
CA ILE A 98 -33.02 14.31 13.80
C ILE A 98 -32.35 14.77 15.11
N GLN A 99 -32.32 16.07 15.37
CA GLN A 99 -31.79 16.57 16.66
C GLN A 99 -32.72 16.45 17.88
N LYS A 100 -33.97 16.09 17.66
CA LYS A 100 -34.91 15.91 18.78
C LYS A 100 -34.48 14.75 19.69
N PRO A 101 -34.18 15.05 20.97
CA PRO A 101 -33.83 13.99 21.90
C PRO A 101 -34.83 12.80 21.89
N LEU A 102 -34.30 11.60 21.83
CA LEU A 102 -35.13 10.41 21.77
C LEU A 102 -34.87 9.65 23.05
N CYS A 103 -35.88 8.92 23.49
CA CYS A 103 -35.77 8.14 24.70
C CYS A 103 -36.37 6.76 24.45
N SER A 104 -35.64 5.74 24.86
CA SER A 104 -36.06 4.37 24.67
C SER A 104 -36.50 3.74 25.98
N LEU A 105 -37.80 3.49 26.12
CA LEU A 105 -38.34 2.78 27.28
C LEU A 105 -38.74 1.36 26.86
N PRO A 106 -38.11 0.35 27.49
CA PRO A 106 -38.30 -1.05 27.11
C PRO A 106 -39.64 -1.62 27.55
N ALA A 107 -40.39 -2.19 26.61
CA ALA A 107 -41.61 -2.92 26.95
C ALA A 107 -41.52 -4.35 26.43
N GLY A 108 -41.58 -4.52 25.11
CA GLY A 108 -41.73 -5.85 24.50
C GLY A 108 -40.57 -6.81 24.71
N SER A 109 -40.09 -7.33 23.58
CA SER A 109 -38.85 -8.10 23.51
C SER A 109 -38.06 -7.54 22.34
N GLY A 110 -36.75 -7.53 22.49
CA GLY A 110 -35.91 -6.81 21.56
C GLY A 110 -35.80 -5.42 22.15
N ASN A 111 -35.10 -5.35 23.28
CA ASN A 111 -34.76 -4.08 23.93
C ASN A 111 -33.25 -3.98 24.09
N ALA A 112 -32.56 -4.24 22.99
CA ALA A 112 -31.10 -4.14 22.97
C ALA A 112 -30.64 -2.71 23.20
N LEU A 113 -31.32 -1.75 22.57
CA LEU A 113 -30.97 -0.35 22.72
C LEU A 113 -31.07 0.09 24.18
N ALA A 114 -32.22 -0.22 24.80
CA ALA A 114 -32.49 0.15 26.17
C ALA A 114 -31.49 -0.52 27.10
N ALA A 115 -31.19 -1.80 26.80
CA ALA A 115 -30.20 -2.55 27.57
C ALA A 115 -28.82 -1.89 27.51
N SER A 116 -28.40 -1.49 26.30
CA SER A 116 -27.09 -0.84 26.11
C SER A 116 -26.98 0.44 26.92
N LEU A 117 -28.02 1.26 26.87
CA LEU A 117 -28.05 2.55 27.60
C LEU A 117 -28.03 2.35 29.09
N ASN A 118 -28.76 1.35 29.56
CA ASN A 118 -28.74 0.97 30.95
C ASN A 118 -27.33 0.59 31.41
N HIS A 119 -26.66 -0.21 30.57
CA HIS A 119 -25.24 -0.52 30.74
C HIS A 119 -24.33 0.69 30.69
N TYR A 120 -24.49 1.57 29.70
CA TYR A 120 -23.59 2.73 29.64
C TYR A 120 -23.69 3.57 30.92
N ALA A 121 -24.88 3.55 31.53
CA ALA A 121 -25.15 4.42 32.67
C ALA A 121 -24.54 3.85 33.94
N GLY A 122 -24.08 2.60 33.86
CA GLY A 122 -23.41 1.95 34.99
C GLY A 122 -24.29 1.05 35.86
N TYR A 123 -25.49 0.69 35.38
CA TYR A 123 -26.37 -0.20 36.14
C TYR A 123 -26.05 -1.65 35.82
N GLU A 124 -26.53 -2.55 36.69
CA GLU A 124 -26.41 -3.99 36.48
C GLU A 124 -27.23 -4.40 35.28
N GLN A 125 -26.92 -5.54 34.70
CA GLN A 125 -27.67 -6.03 33.56
C GLN A 125 -29.04 -6.57 33.99
N VAL A 126 -29.96 -5.66 34.29
CA VAL A 126 -31.28 -6.01 34.79
C VAL A 126 -32.24 -6.27 33.64
N THR A 127 -33.44 -6.76 33.96
CA THR A 127 -34.35 -7.24 32.94
C THR A 127 -35.81 -6.84 33.20
N ASN A 128 -36.66 -6.99 32.19
CA ASN A 128 -38.09 -6.70 32.31
C ASN A 128 -38.41 -5.38 33.02
N GLU A 129 -39.09 -5.48 34.15
CA GLU A 129 -39.61 -4.33 34.87
C GLU A 129 -38.51 -3.50 35.52
N ASP A 130 -37.46 -4.16 36.00
CA ASP A 130 -36.27 -3.47 36.52
C ASP A 130 -35.57 -2.63 35.44
N LEU A 131 -35.54 -3.15 34.22
CA LEU A 131 -34.98 -2.43 33.07
C LEU A 131 -35.83 -1.20 32.77
N LEU A 132 -37.14 -1.41 32.66
CA LEU A 132 -38.10 -0.31 32.46
C LEU A 132 -37.92 0.80 33.51
N THR A 133 -37.69 0.42 34.76
CA THR A 133 -37.53 1.38 35.84
C THR A 133 -36.23 2.17 35.70
N ASN A 134 -35.16 1.46 35.37
CA ASN A 134 -33.85 2.09 35.18
C ASN A 134 -33.82 3.12 34.04
N CYS A 135 -34.41 2.76 32.91
CA CYS A 135 -34.44 3.65 31.75
C CYS A 135 -35.33 4.89 31.97
N THR A 136 -36.37 4.69 32.77
CA THR A 136 -37.23 5.78 33.18
C THR A 136 -36.47 6.77 34.07
N LEU A 137 -35.62 6.22 34.94
CA LEU A 137 -34.78 7.00 35.84
C LEU A 137 -33.77 7.80 35.05
N LEU A 138 -33.25 7.22 33.97
CA LEU A 138 -32.43 7.97 33.02
C LEU A 138 -33.20 9.13 32.43
N LEU A 139 -34.41 8.89 31.94
CA LEU A 139 -35.24 9.99 31.44
C LEU A 139 -35.47 11.05 32.53
N CYS A 140 -35.80 10.62 33.75
CA CYS A 140 -35.94 11.57 34.87
C CYS A 140 -34.70 12.41 35.15
N ARG A 141 -33.52 11.85 34.97
CA ARG A 141 -32.26 12.56 35.19
C ARG A 141 -31.90 13.52 34.06
N ARG A 142 -32.51 13.32 32.89
CA ARG A 142 -32.50 14.30 31.79
C ARG A 142 -31.20 14.46 30.95
N LEU A 143 -30.15 13.72 31.29
CA LEU A 143 -28.89 13.76 30.51
C LEU A 143 -29.05 13.21 29.11
N LEU A 144 -28.34 13.82 28.17
CA LEU A 144 -28.41 13.49 26.76
C LEU A 144 -27.02 13.11 26.26
N SER A 145 -26.95 12.10 25.37
CA SER A 145 -25.71 11.66 24.69
C SER A 145 -26.00 11.56 23.19
N PRO A 146 -25.03 11.94 22.32
CA PRO A 146 -25.24 11.68 20.89
C PRO A 146 -24.87 10.23 20.48
N MET A 147 -25.55 9.67 19.48
CA MET A 147 -25.35 8.30 19.06
C MET A 147 -25.12 8.20 17.57
N ASN A 148 -24.37 7.18 17.19
CA ASN A 148 -24.15 6.88 15.78
C ASN A 148 -25.42 6.37 15.10
N LEU A 149 -25.50 6.59 13.79
CA LEU A 149 -26.62 6.08 12.99
C LEU A 149 -26.04 5.30 11.85
N LEU A 150 -26.68 4.20 11.48
CA LEU A 150 -26.25 3.42 10.34
C LEU A 150 -27.13 3.68 9.13
N SER A 151 -26.50 4.10 8.04
CA SER A 151 -27.20 4.24 6.77
C SER A 151 -26.97 2.99 5.89
N LEU A 152 -28.05 2.42 5.37
CA LEU A 152 -27.99 1.18 4.60
C LEU A 152 -28.62 1.35 3.24
N HIS A 153 -28.10 0.61 2.27
CA HIS A 153 -28.57 0.60 0.90
C HIS A 153 -28.74 -0.83 0.53
N THR A 154 -29.74 -1.11 -0.28
CA THR A 154 -30.07 -2.47 -0.65
C THR A 154 -30.10 -2.53 -2.16
N ALA A 155 -29.87 -3.72 -2.72
CA ALA A 155 -29.75 -3.90 -4.17
C ALA A 155 -30.96 -3.39 -4.95
N SER A 156 -32.15 -3.42 -4.32
CA SER A 156 -33.36 -2.94 -4.96
C SER A 156 -33.43 -1.42 -4.98
N GLY A 157 -32.54 -0.75 -4.24
CA GLY A 157 -32.46 0.70 -4.25
C GLY A 157 -33.03 1.40 -3.04
N LEU A 158 -33.49 0.62 -2.05
CA LEU A 158 -33.99 1.17 -0.80
C LEU A 158 -32.85 1.71 0.07
N ARG A 159 -33.03 2.92 0.59
CA ARG A 159 -32.13 3.48 1.57
C ARG A 159 -32.87 3.61 2.88
N LEU A 160 -32.29 3.08 3.95
CA LEU A 160 -32.93 3.13 5.27
C LEU A 160 -31.90 3.33 6.36
N PHE A 161 -32.36 3.50 7.59
CA PHE A 161 -31.47 3.77 8.69
C PHE A 161 -31.65 2.75 9.81
N SER A 162 -30.55 2.50 10.51
CA SER A 162 -30.49 1.48 11.53
C SER A 162 -29.91 2.12 12.78
N VAL A 163 -30.58 1.94 13.90
CA VAL A 163 -30.08 2.51 15.16
C VAL A 163 -29.28 1.50 16.00
N LEU A 164 -29.34 0.22 15.65
CA LEU A 164 -28.77 -0.84 16.51
C LEU A 164 -27.92 -1.87 15.78
N SER A 165 -28.52 -2.60 14.85
CA SER A 165 -27.83 -3.72 14.24
C SER A 165 -28.34 -4.08 12.85
N LEU A 166 -27.44 -4.63 12.05
CA LEU A 166 -27.81 -5.42 10.88
C LEU A 166 -27.16 -6.77 11.05
N ALA A 167 -27.97 -7.81 10.92
CA ALA A 167 -27.57 -9.17 11.22
C ALA A 167 -27.92 -10.02 10.04
N TRP A 168 -27.07 -11.00 9.74
CA TRP A 168 -27.32 -11.93 8.65
C TRP A 168 -26.88 -13.32 9.02
N GLY A 169 -27.58 -14.32 8.48
CA GLY A 169 -27.30 -15.70 8.77
C GLY A 169 -28.02 -16.17 10.01
N PHE A 170 -27.29 -16.88 10.87
CA PHE A 170 -27.86 -17.54 12.06
C PHE A 170 -28.74 -16.62 12.90
N ILE A 171 -28.21 -15.47 13.31
CA ILE A 171 -28.98 -14.49 14.09
C ILE A 171 -30.25 -14.00 13.36
N ALA A 172 -30.15 -13.80 12.05
CA ALA A 172 -31.32 -13.37 11.30
C ALA A 172 -32.37 -14.48 11.28
N ASP A 173 -31.92 -15.69 11.00
CA ASP A 173 -32.83 -16.84 10.90
C ASP A 173 -33.63 -17.06 12.19
N VAL A 174 -32.98 -16.82 13.32
CA VAL A 174 -33.57 -17.00 14.65
C VAL A 174 -34.52 -15.86 15.01
N ASP A 175 -34.13 -14.61 14.71
CA ASP A 175 -35.05 -13.47 14.88
C ASP A 175 -36.37 -13.72 14.16
N LEU A 176 -36.32 -14.27 12.94
CA LEU A 176 -37.51 -14.64 12.17
C LEU A 176 -38.21 -15.87 12.75
N GLU A 177 -37.45 -16.96 12.97
CA GLU A 177 -38.01 -18.21 13.48
C GLU A 177 -38.77 -18.02 14.80
N SER A 178 -38.44 -16.95 15.53
CA SER A 178 -39.15 -16.63 16.77
C SER A 178 -40.54 -16.01 16.55
N GLU A 179 -41.53 -16.61 17.20
CA GLU A 179 -42.92 -16.15 17.21
C GLU A 179 -43.50 -16.48 18.59
N LYS A 180 -42.94 -15.83 19.60
CA LYS A 180 -43.23 -16.19 20.99
C LYS A 180 -43.29 -14.97 21.92
N TYR A 181 -43.37 -15.26 23.22
CA TYR A 181 -43.48 -14.25 24.27
C TYR A 181 -42.30 -14.52 25.18
N ARG A 182 -42.19 -15.77 25.60
CA ARG A 182 -41.01 -16.29 26.26
C ARG A 182 -41.13 -17.81 26.30
N MET A 187 -36.26 -16.88 27.40
CA MET A 187 -36.55 -16.03 26.24
C MET A 187 -36.46 -16.80 24.92
N ARG A 188 -37.29 -16.36 23.98
CA ARG A 188 -37.43 -16.99 22.67
C ARG A 188 -36.13 -17.10 21.87
N PHE A 189 -35.12 -16.31 22.24
CA PHE A 189 -33.88 -16.30 21.48
C PHE A 189 -33.00 -17.49 21.84
N THR A 190 -32.98 -17.82 23.12
CA THR A 190 -32.29 -19.02 23.60
C THR A 190 -32.89 -20.27 22.97
N LEU A 191 -34.21 -20.37 23.06
CA LEU A 191 -34.95 -21.48 22.49
C LEU A 191 -34.75 -21.57 20.98
N GLY A 192 -34.86 -20.43 20.30
CA GLY A 192 -34.62 -20.37 18.86
C GLY A 192 -33.19 -20.72 18.47
N THR A 193 -32.24 -20.26 19.27
CA THR A 193 -30.84 -20.54 19.00
C THR A 193 -30.61 -22.04 19.13
N PHE A 194 -31.17 -22.60 20.22
CA PHE A 194 -31.00 -24.02 20.51
C PHE A 194 -31.45 -24.90 19.37
N LEU A 195 -32.62 -24.62 18.82
CA LEU A 195 -33.18 -25.54 17.83
C LEU A 195 -32.74 -25.26 16.38
N ARG A 196 -32.31 -24.04 16.10
CA ARG A 196 -31.58 -23.77 14.85
C ARG A 196 -30.19 -24.40 14.88
N LEU A 197 -29.61 -24.46 16.07
CA LEU A 197 -28.33 -25.12 16.28
C LEU A 197 -28.39 -26.58 15.85
N ALA A 198 -29.58 -27.17 15.92
CA ALA A 198 -29.75 -28.61 15.64
C ALA A 198 -29.29 -28.95 14.22
N ALA A 199 -29.99 -28.42 13.22
CA ALA A 199 -29.55 -28.58 11.84
C ALA A 199 -28.85 -27.31 11.40
N LEU A 200 -27.68 -27.05 12.00
CA LEU A 200 -26.85 -25.88 11.72
C LEU A 200 -26.59 -25.80 10.22
N ARG A 201 -26.68 -24.59 9.68
CA ARG A 201 -26.32 -24.34 8.30
C ARG A 201 -25.35 -23.17 8.18
N THR A 202 -24.63 -23.15 7.07
CA THR A 202 -23.73 -22.06 6.78
C THR A 202 -24.38 -21.26 5.68
N TYR A 203 -24.02 -19.99 5.60
CA TYR A 203 -24.56 -19.14 4.55
C TYR A 203 -23.42 -18.69 3.64
N ARG A 204 -23.67 -18.75 2.33
CA ARG A 204 -22.64 -18.38 1.35
C ARG A 204 -22.79 -16.91 1.03
N GLY A 205 -21.73 -16.14 1.25
CA GLY A 205 -21.77 -14.72 0.89
C GLY A 205 -20.43 -14.05 0.75
N ARG A 206 -20.44 -12.79 0.31
CA ARG A 206 -19.23 -11.98 0.20
C ARG A 206 -19.30 -10.77 1.11
N LEU A 207 -18.31 -10.67 2.00
CA LEU A 207 -18.23 -9.61 2.98
C LEU A 207 -17.00 -8.74 2.70
N ALA A 208 -17.23 -7.43 2.68
CA ALA A 208 -16.18 -6.44 2.59
C ALA A 208 -16.46 -5.38 3.65
N TYR A 209 -15.42 -4.79 4.21
CA TYR A 209 -15.62 -3.71 5.18
C TYR A 209 -14.51 -2.68 5.14
N LEU A 210 -14.75 -1.55 5.80
CA LEU A 210 -13.77 -0.46 5.89
C LEU A 210 -13.37 -0.25 7.34
N PRO A 211 -12.17 -0.73 7.72
CA PRO A 211 -11.72 -0.61 9.10
C PRO A 211 -11.47 0.83 9.45
N VAL A 212 -11.51 1.16 10.73
CA VAL A 212 -11.20 2.51 11.22
C VAL A 212 -9.91 3.11 10.65
N GLY A 213 -9.08 2.29 9.99
CA GLY A 213 -8.01 2.79 9.10
C GLY A 213 -8.42 3.28 7.70
N ARG A 214 -9.17 4.37 7.65
CA ARG A 214 -9.55 5.07 6.41
C ARG A 214 -8.72 6.38 6.26
N VAL A 215 -8.79 7.01 5.09
CA VAL A 215 -7.73 7.95 4.69
C VAL A 215 -8.15 9.43 4.56
N GLY A 216 -7.22 10.26 4.05
CA GLY A 216 -7.40 11.72 3.92
C GLY A 216 -8.40 12.17 2.86
N SER A 217 -8.82 11.24 2.00
CA SER A 217 -9.79 11.50 0.94
C SER A 217 -10.66 10.25 0.75
N LYS A 218 -11.66 10.35 -0.14
CA LYS A 218 -12.61 9.27 -0.36
C LYS A 218 -13.28 9.32 -1.73
N THR A 219 -13.64 8.15 -2.24
CA THR A 219 -14.55 8.01 -3.38
C THR A 219 -15.28 6.68 -3.22
N GLN A 228 -33.45 13.56 0.99
CA GLN A 228 -32.43 12.72 0.36
C GLN A 228 -31.37 12.33 1.39
N GLY A 229 -31.53 12.83 2.61
CA GLY A 229 -30.65 12.46 3.73
C GLY A 229 -29.20 12.84 3.49
N PRO A 230 -28.29 12.41 4.40
CA PRO A 230 -26.88 12.73 4.21
C PRO A 230 -26.28 11.90 3.10
N VAL A 231 -25.05 12.25 2.69
CA VAL A 231 -24.36 11.52 1.64
C VAL A 231 -23.51 10.44 2.28
N ASP A 232 -23.54 9.26 1.68
CA ASP A 232 -22.71 8.18 2.15
C ASP A 232 -21.36 8.22 1.40
N ALA A 233 -20.48 9.10 1.85
CA ALA A 233 -19.22 9.35 1.14
C ALA A 233 -18.29 8.13 1.02
N HIS A 234 -18.40 7.19 1.95
CA HIS A 234 -17.54 6.00 1.91
C HIS A 234 -18.01 4.93 0.97
N LEU A 235 -19.23 5.08 0.44
CA LEU A 235 -19.87 4.02 -0.33
C LEU A 235 -19.89 4.26 -1.83
N VAL A 236 -19.63 3.20 -2.60
CA VAL A 236 -19.79 3.25 -4.05
C VAL A 236 -20.96 2.35 -4.46
N PRO A 237 -21.53 2.58 -5.66
CA PRO A 237 -22.72 1.76 -5.98
C PRO A 237 -22.43 0.25 -5.86
N LEU A 238 -23.47 -0.48 -5.45
CA LEU A 238 -23.42 -1.94 -5.32
C LEU A 238 -23.01 -2.69 -6.60
N GLU A 239 -23.16 -2.06 -7.76
CA GLU A 239 -22.70 -2.65 -9.04
C GLU A 239 -21.19 -2.51 -9.22
N GLU A 240 -20.59 -1.54 -8.53
CA GLU A 240 -19.14 -1.34 -8.57
C GLU A 240 -18.49 -2.24 -7.51
N PRO A 241 -17.21 -2.62 -7.71
CA PRO A 241 -16.56 -3.31 -6.60
C PRO A 241 -16.25 -2.31 -5.48
N VAL A 242 -16.04 -2.80 -4.26
CA VAL A 242 -15.63 -1.92 -3.15
C VAL A 242 -14.25 -1.26 -3.42
N PRO A 243 -14.00 -0.07 -2.85
CA PRO A 243 -12.70 0.56 -3.12
C PRO A 243 -11.55 -0.32 -2.67
N SER A 244 -10.39 -0.16 -3.30
CA SER A 244 -9.25 -1.07 -3.07
C SER A 244 -8.68 -0.99 -1.66
N HIS A 245 -9.01 0.07 -0.93
CA HIS A 245 -8.47 0.19 0.43
C HIS A 245 -9.31 -0.52 1.49
N TRP A 246 -10.45 -1.08 1.06
CA TRP A 246 -11.26 -1.93 1.95
C TRP A 246 -10.65 -3.30 2.11
N THR A 247 -11.07 -4.03 3.15
CA THR A 247 -10.75 -5.44 3.31
C THR A 247 -11.91 -6.27 2.76
N VAL A 248 -11.61 -7.09 1.77
CA VAL A 248 -12.50 -8.15 1.28
C VAL A 248 -12.17 -9.42 2.07
N VAL A 249 -13.18 -9.99 2.71
CA VAL A 249 -12.99 -11.21 3.50
C VAL A 249 -12.84 -12.40 2.55
N PRO A 250 -11.80 -13.23 2.76
CA PRO A 250 -11.57 -14.35 1.83
C PRO A 250 -12.62 -15.45 1.92
N ASP A 251 -12.99 -15.84 3.14
CA ASP A 251 -13.98 -16.92 3.35
C ASP A 251 -15.33 -16.45 2.87
N GLU A 252 -16.05 -17.35 2.22
CA GLU A 252 -17.34 -17.00 1.64
C GLU A 252 -18.43 -17.94 2.18
N ASP A 253 -18.12 -18.57 3.31
CA ASP A 253 -19.08 -19.38 4.07
C ASP A 253 -19.11 -18.90 5.51
N PHE A 254 -20.30 -18.50 5.95
CA PHE A 254 -20.46 -17.92 7.28
C PHE A 254 -21.53 -18.65 8.08
N VAL A 255 -21.46 -18.58 9.39
CA VAL A 255 -22.66 -18.93 10.16
C VAL A 255 -23.46 -17.64 10.42
N LEU A 256 -22.75 -16.55 10.73
CA LEU A 256 -23.36 -15.22 10.91
C LEU A 256 -22.43 -14.04 10.65
N VAL A 257 -23.03 -12.92 10.24
CA VAL A 257 -22.39 -11.61 10.21
C VAL A 257 -23.26 -10.64 11.01
N LEU A 258 -22.61 -9.76 11.76
CA LEU A 258 -23.29 -8.87 12.65
C LEU A 258 -22.62 -7.52 12.70
N ALA A 259 -23.38 -6.51 12.30
CA ALA A 259 -22.98 -5.12 12.43
C ALA A 259 -23.77 -4.59 13.64
N LEU A 260 -23.06 -4.07 14.63
CA LEU A 260 -23.68 -3.68 15.88
C LEU A 260 -23.14 -2.34 16.37
N LEU A 261 -24.04 -1.41 16.65
CA LEU A 261 -23.66 -0.06 17.03
C LEU A 261 -23.53 0.10 18.55
N HIS A 262 -23.95 -0.92 19.30
CA HIS A 262 -24.01 -0.75 20.76
C HIS A 262 -23.46 -1.96 21.46
N SER A 263 -23.49 -1.95 22.80
CA SER A 263 -22.89 -3.04 23.57
C SER A 263 -23.77 -4.28 23.61
N HIS A 264 -25.08 -4.09 23.53
CA HIS A 264 -25.99 -5.21 23.71
C HIS A 264 -26.79 -5.56 22.50
N LEU A 265 -26.86 -6.87 22.23
CA LEU A 265 -27.78 -7.44 21.23
C LEU A 265 -29.18 -7.74 21.79
N GLY A 266 -29.32 -7.66 23.10
CA GLY A 266 -30.54 -8.08 23.78
C GLY A 266 -30.32 -7.78 25.24
N SER A 267 -31.39 -7.79 26.04
CA SER A 267 -31.28 -7.42 27.45
C SER A 267 -30.33 -8.27 28.27
N GLU A 268 -30.07 -9.50 27.80
CA GLU A 268 -29.10 -10.39 28.47
C GLU A 268 -28.05 -10.94 27.49
N MET A 269 -27.66 -10.08 26.54
CA MET A 269 -26.66 -10.40 25.55
C MET A 269 -25.66 -9.23 25.48
N PHE A 270 -24.63 -9.29 26.31
CA PHE A 270 -23.55 -8.31 26.33
C PHE A 270 -22.56 -8.67 25.21
N ALA A 271 -22.97 -8.42 23.96
CA ALA A 271 -22.27 -8.90 22.76
C ALA A 271 -20.96 -8.17 22.48
N ALA A 272 -20.85 -6.93 22.95
CA ALA A 272 -19.70 -6.11 22.65
C ALA A 272 -19.08 -5.53 23.91
N PRO A 273 -18.32 -6.35 24.66
CA PRO A 273 -17.69 -5.94 25.91
C PRO A 273 -16.38 -5.14 25.76
N MET A 274 -15.78 -5.17 24.58
CA MET A 274 -14.66 -4.29 24.35
C MET A 274 -15.41 -2.97 24.40
N GLY A 275 -14.75 -1.85 24.69
CA GLY A 275 -15.52 -0.64 25.03
C GLY A 275 -16.60 -0.15 24.07
N ARG A 276 -17.25 0.93 24.51
CA ARG A 276 -18.26 1.63 23.74
C ARG A 276 -17.71 2.23 22.43
N CYS A 277 -18.52 2.20 21.39
CA CYS A 277 -18.11 2.74 20.09
C CYS A 277 -17.80 4.23 20.09
N ALA A 278 -16.65 4.57 19.51
CA ALA A 278 -16.30 5.96 19.19
C ALA A 278 -17.24 6.57 18.13
N ALA A 279 -17.20 7.89 18.02
CA ALA A 279 -17.97 8.61 17.02
C ALA A 279 -17.66 8.13 15.59
N GLY A 280 -18.69 7.62 14.90
CA GLY A 280 -18.56 7.17 13.51
C GLY A 280 -18.09 5.73 13.33
N VAL A 281 -17.97 5.02 14.44
CA VAL A 281 -17.46 3.64 14.42
C VAL A 281 -18.55 2.67 14.91
N MET A 282 -18.62 1.50 14.28
CA MET A 282 -19.52 0.44 14.69
C MET A 282 -18.73 -0.86 14.83
N HIS A 283 -19.32 -1.84 15.52
CA HIS A 283 -18.68 -3.14 15.70
C HIS A 283 -19.07 -4.01 14.55
N LEU A 284 -18.12 -4.78 14.02
CA LEU A 284 -18.45 -5.84 13.06
C LEU A 284 -17.99 -7.22 13.54
N PHE A 285 -18.93 -8.16 13.64
CA PHE A 285 -18.63 -9.52 14.06
C PHE A 285 -18.98 -10.45 12.92
N TYR A 286 -18.14 -11.43 12.67
CA TYR A 286 -18.62 -12.53 11.86
C TYR A 286 -18.09 -13.86 12.38
N VAL A 287 -18.83 -14.91 12.09
CA VAL A 287 -18.43 -16.26 12.43
C VAL A 287 -18.27 -17.05 11.15
N ARG A 288 -17.04 -17.49 10.91
CA ARG A 288 -16.69 -18.24 9.72
C ARG A 288 -17.28 -19.64 9.85
N ALA A 289 -17.62 -20.25 8.72
CA ALA A 289 -18.02 -21.66 8.70
C ALA A 289 -16.91 -22.53 9.28
N GLY A 290 -17.28 -23.49 10.12
CA GLY A 290 -16.31 -24.42 10.71
C GLY A 290 -16.36 -24.58 12.21
N VAL A 291 -17.17 -23.76 12.90
CA VAL A 291 -17.38 -23.96 14.33
C VAL A 291 -18.23 -25.19 14.56
N SER A 292 -18.04 -25.79 15.72
CA SER A 292 -18.94 -26.84 16.20
C SER A 292 -20.21 -26.21 16.78
N ARG A 293 -21.34 -26.90 16.67
CA ARG A 293 -22.54 -26.52 17.41
C ARG A 293 -22.24 -26.15 18.87
N ALA A 294 -21.54 -27.03 19.59
CA ALA A 294 -21.24 -26.78 21.00
C ALA A 294 -20.57 -25.42 21.23
N MET A 295 -19.57 -25.10 20.42
CA MET A 295 -18.83 -23.84 20.56
C MET A 295 -19.72 -22.61 20.29
N LEU A 296 -20.57 -22.71 19.29
CA LEU A 296 -21.53 -21.66 19.00
C LEU A 296 -22.36 -21.40 20.26
N LEU A 297 -22.87 -22.48 20.86
CA LEU A 297 -23.73 -22.39 22.05
C LEU A 297 -22.96 -21.82 23.22
N ARG A 298 -21.74 -22.30 23.40
CA ARG A 298 -20.86 -21.76 24.41
C ARG A 298 -20.61 -20.27 24.20
N LEU A 299 -20.43 -19.84 22.95
CA LEU A 299 -20.21 -18.43 22.65
C LEU A 299 -21.48 -17.63 22.99
N PHE A 300 -22.61 -18.21 22.62
CA PHE A 300 -23.92 -17.69 22.96
C PHE A 300 -24.15 -17.49 24.46
N LEU A 301 -23.84 -18.50 25.26
CA LEU A 301 -24.13 -18.45 26.69
C LEU A 301 -23.16 -17.55 27.44
N ALA A 302 -21.90 -17.51 26.97
CA ALA A 302 -20.91 -16.62 27.56
C ALA A 302 -21.27 -15.15 27.29
N MET A 303 -22.03 -14.93 26.21
CA MET A 303 -22.50 -13.60 25.82
C MET A 303 -23.28 -12.92 26.93
N GLU A 304 -24.01 -13.70 27.73
CA GLU A 304 -24.70 -13.17 28.89
C GLU A 304 -23.77 -12.34 29.79
N LYS A 305 -22.57 -12.83 30.06
CA LYS A 305 -21.65 -12.08 30.92
C LYS A 305 -20.57 -11.33 30.12
N GLY A 306 -20.73 -11.30 28.80
CA GLY A 306 -19.78 -10.63 27.91
C GLY A 306 -18.40 -11.28 27.95
N ARG A 307 -18.39 -12.61 28.02
CA ARG A 307 -17.16 -13.40 28.22
C ARG A 307 -16.79 -14.20 26.99
N HIS A 308 -17.58 -14.08 25.93
CA HIS A 308 -17.36 -14.88 24.72
C HIS A 308 -16.07 -14.59 23.99
N MET A 309 -15.58 -13.36 24.07
CA MET A 309 -14.29 -12.97 23.43
C MET A 309 -13.09 -13.61 24.14
N GLU A 310 -13.33 -14.07 25.38
CA GLU A 310 -12.30 -14.72 26.20
C GLU A 310 -11.96 -16.12 25.70
N TYR A 311 -12.87 -16.73 24.94
CA TYR A 311 -12.59 -18.02 24.32
C TYR A 311 -11.51 -17.97 23.25
N GLU A 312 -11.17 -16.77 22.77
CA GLU A 312 -10.24 -16.61 21.63
C GLU A 312 -10.55 -17.58 20.48
N CYS A 313 -11.83 -17.86 20.29
CA CYS A 313 -12.31 -18.70 19.18
C CYS A 313 -11.85 -18.12 17.82
N PRO A 314 -11.22 -18.96 16.97
CA PRO A 314 -10.60 -18.48 15.74
C PRO A 314 -11.59 -18.35 14.59
N TYR A 315 -12.79 -18.89 14.77
CA TYR A 315 -13.89 -18.72 13.84
C TYR A 315 -14.71 -17.45 14.11
N LEU A 316 -14.49 -16.81 15.25
CA LEU A 316 -15.17 -15.54 15.54
C LEU A 316 -14.23 -14.39 15.30
N VAL A 317 -14.64 -13.47 14.43
CA VAL A 317 -13.84 -12.29 14.10
C VAL A 317 -14.56 -10.99 14.50
N TYR A 318 -13.82 -10.12 15.20
CA TYR A 318 -14.30 -8.80 15.54
C TYR A 318 -13.41 -7.79 14.84
N VAL A 319 -14.03 -6.76 14.24
CA VAL A 319 -13.31 -5.63 13.69
C VAL A 319 -14.15 -4.37 13.83
N PRO A 320 -13.57 -3.28 14.35
CA PRO A 320 -14.24 -1.97 14.31
C PRO A 320 -14.24 -1.42 12.88
N VAL A 321 -15.40 -1.00 12.39
CA VAL A 321 -15.50 -0.50 11.01
C VAL A 321 -16.35 0.76 10.91
N VAL A 322 -16.27 1.41 9.75
CA VAL A 322 -17.10 2.60 9.48
C VAL A 322 -18.07 2.30 8.35
N ALA A 323 -17.84 1.21 7.63
CA ALA A 323 -18.65 0.86 6.48
C ALA A 323 -18.47 -0.62 6.17
N PHE A 324 -19.46 -1.26 5.54
CA PHE A 324 -19.34 -2.66 5.11
C PHE A 324 -20.18 -2.91 3.86
N ARG A 325 -19.95 -4.06 3.24
CA ARG A 325 -20.83 -4.58 2.19
C ARG A 325 -20.96 -6.08 2.35
N LEU A 326 -22.17 -6.57 2.12
CA LEU A 326 -22.44 -7.97 2.29
C LEU A 326 -23.36 -8.44 1.19
N GLU A 327 -22.91 -9.46 0.47
CA GLU A 327 -23.67 -9.93 -0.66
C GLU A 327 -23.75 -11.45 -0.65
N PRO A 328 -24.94 -12.00 -0.37
CA PRO A 328 -25.23 -13.37 -0.78
C PRO A 328 -25.72 -13.25 -2.23
N LYS A 329 -25.19 -13.97 -3.21
CA LYS A 329 -24.60 -15.31 -3.17
C LYS A 329 -25.70 -16.31 -2.89
N ASP A 330 -26.21 -16.88 -3.99
CA ASP A 330 -27.46 -17.64 -4.00
C ASP A 330 -28.62 -16.68 -3.73
N GLY A 331 -29.10 -16.05 -4.80
CA GLY A 331 -30.28 -15.17 -4.75
C GLY A 331 -30.34 -14.20 -3.58
N LYS A 332 -31.53 -14.09 -2.99
CA LYS A 332 -31.80 -13.16 -1.88
C LYS A 332 -31.36 -13.75 -0.53
N GLY A 333 -31.00 -12.87 0.41
CA GLY A 333 -30.69 -13.27 1.78
C GLY A 333 -31.69 -12.65 2.74
N VAL A 334 -31.96 -13.34 3.86
CA VAL A 334 -32.77 -12.72 4.91
C VAL A 334 -31.86 -12.06 5.94
N PHE A 335 -32.18 -10.81 6.26
CA PHE A 335 -31.44 -10.00 7.21
C PHE A 335 -32.40 -9.55 8.30
N ALA A 336 -31.85 -9.15 9.44
CA ALA A 336 -32.64 -8.46 10.45
C ALA A 336 -32.04 -7.08 10.65
N VAL A 337 -32.88 -6.06 10.49
CA VAL A 337 -32.48 -4.67 10.69
C VAL A 337 -33.11 -4.18 11.98
N ASP A 338 -32.29 -3.94 13.00
CA ASP A 338 -32.81 -3.59 14.31
C ASP A 338 -33.93 -4.58 14.76
N GLY A 339 -33.75 -5.87 14.44
CA GLY A 339 -34.73 -6.90 14.75
C GLY A 339 -35.85 -7.14 13.74
N GLU A 340 -36.12 -6.21 12.82
CA GLU A 340 -37.21 -6.39 11.83
C GLU A 340 -36.69 -7.09 10.58
N LEU A 341 -37.53 -7.95 9.98
CA LEU A 341 -37.18 -8.69 8.76
C LEU A 341 -36.90 -7.81 7.54
N MET A 342 -35.89 -8.22 6.75
CA MET A 342 -35.54 -7.56 5.50
C MET A 342 -34.90 -8.56 4.53
N VAL A 343 -35.42 -8.61 3.30
CA VAL A 343 -34.95 -9.53 2.26
C VAL A 343 -34.22 -8.76 1.18
N SER A 344 -32.99 -9.15 0.87
CA SER A 344 -32.24 -8.48 -0.20
C SER A 344 -31.12 -9.30 -0.81
N GLU A 345 -30.82 -8.98 -2.07
CA GLU A 345 -29.68 -9.52 -2.83
C GLU A 345 -28.34 -8.97 -2.32
N ALA A 346 -28.34 -7.75 -1.79
CA ALA A 346 -27.10 -7.16 -1.28
C ALA A 346 -27.35 -5.89 -0.50
N VAL A 347 -26.53 -5.68 0.53
CA VAL A 347 -26.69 -4.59 1.46
C VAL A 347 -25.32 -4.03 1.74
N GLN A 348 -25.23 -2.71 1.85
CA GLN A 348 -24.01 -2.10 2.30
C GLN A 348 -24.41 -0.93 3.13
N GLY A 349 -23.51 -0.45 3.96
CA GLY A 349 -23.82 0.70 4.80
C GLY A 349 -22.60 1.40 5.35
N GLN A 350 -22.81 2.59 5.88
CA GLN A 350 -21.78 3.30 6.61
C GLN A 350 -22.37 4.02 7.82
N VAL A 351 -21.54 4.24 8.82
CA VAL A 351 -21.93 4.86 10.06
C VAL A 351 -21.77 6.37 9.95
N HIS A 352 -22.81 7.11 10.36
CA HIS A 352 -22.72 8.55 10.53
C HIS A 352 -22.54 8.86 11.98
N PRO A 353 -21.62 9.78 12.32
CA PRO A 353 -21.24 9.95 13.71
C PRO A 353 -22.19 10.82 14.52
N ASN A 354 -22.48 10.42 15.75
CA ASN A 354 -23.22 11.27 16.66
C ASN A 354 -24.39 12.02 15.98
N TYR A 355 -25.23 11.25 15.28
CA TYR A 355 -26.26 11.85 14.46
C TYR A 355 -27.54 12.23 15.20
N PHE A 356 -27.93 11.44 16.20
CA PHE A 356 -29.11 11.78 16.97
C PHE A 356 -28.79 11.75 18.46
N TRP A 357 -29.64 12.38 19.25
CA TRP A 357 -29.44 12.42 20.69
C TRP A 357 -30.42 11.55 21.43
N MET A 358 -29.94 10.96 22.51
CA MET A 358 -30.77 10.11 23.34
C MET A 358 -30.52 10.39 24.79
N VAL A 359 -31.55 10.15 25.62
CA VAL A 359 -31.38 10.26 27.06
C VAL A 359 -30.56 9.09 27.54
N SER A 360 -29.57 9.38 28.39
CA SER A 360 -28.69 8.37 28.97
C SER A 360 -27.71 9.02 29.93
N GLY A 361 -27.40 8.31 31.02
CA GLY A 361 -26.46 8.80 32.03
C GLY A 361 -25.19 7.99 32.09
N GLY B 6 -3.08 -8.59 -4.56
CA GLY B 6 -2.76 -9.27 -5.86
C GLY B 6 -3.92 -10.02 -6.48
N VAL B 7 -5.13 -9.49 -6.27
CA VAL B 7 -6.35 -10.02 -6.92
C VAL B 7 -7.12 -8.90 -7.62
N LEU B 8 -7.61 -9.16 -8.83
CA LEU B 8 -8.56 -8.26 -9.48
C LEU B 8 -9.79 -8.05 -8.60
N PRO B 9 -10.35 -6.82 -8.62
CA PRO B 9 -11.62 -6.53 -7.92
C PRO B 9 -12.82 -7.33 -8.49
N ARG B 10 -13.83 -7.61 -7.67
CA ARG B 10 -15.09 -8.21 -8.16
C ARG B 10 -16.29 -7.32 -7.81
N PRO B 11 -17.12 -6.94 -8.80
CA PRO B 11 -16.99 -7.04 -10.25
C PRO B 11 -15.79 -6.26 -10.72
N CYS B 12 -15.36 -6.50 -11.94
CA CYS B 12 -14.31 -5.67 -12.51
C CYS B 12 -14.62 -5.42 -13.97
N ARG B 13 -13.89 -4.48 -14.56
CA ARG B 13 -14.02 -4.29 -16.00
C ARG B 13 -12.67 -4.40 -16.67
N VAL B 14 -12.74 -4.89 -17.89
CA VAL B 14 -11.60 -5.39 -18.59
C VAL B 14 -11.68 -4.93 -20.04
N LEU B 15 -10.56 -4.47 -20.56
CA LEU B 15 -10.43 -4.17 -21.98
C LEU B 15 -9.87 -5.39 -22.71
N VAL B 16 -10.60 -5.87 -23.71
CA VAL B 16 -10.15 -7.00 -24.50
C VAL B 16 -9.71 -6.54 -25.90
N LEU B 17 -8.40 -6.46 -26.09
CA LEU B 17 -7.79 -6.29 -27.40
C LEU B 17 -7.69 -7.62 -28.11
N LEU B 18 -8.42 -7.75 -29.21
CA LEU B 18 -8.54 -9.01 -29.90
C LEU B 18 -8.22 -8.76 -31.36
N ASN B 19 -7.34 -9.60 -31.91
CA ASN B 19 -7.07 -9.59 -33.33
C ASN B 19 -8.03 -10.54 -34.00
N PRO B 20 -8.99 -10.02 -34.79
CA PRO B 20 -10.04 -10.87 -35.35
C PRO B 20 -9.51 -11.86 -36.37
N ARG B 21 -8.34 -11.53 -36.94
CA ARG B 21 -7.65 -12.39 -37.91
C ARG B 21 -6.93 -13.56 -37.23
N GLY B 22 -6.83 -13.50 -35.90
CA GLY B 22 -6.17 -14.54 -35.11
C GLY B 22 -6.96 -15.84 -35.00
N GLY B 23 -6.22 -16.94 -34.83
CA GLY B 23 -6.81 -18.27 -34.84
C GLY B 23 -7.43 -18.56 -36.18
N LYS B 24 -6.64 -18.42 -37.25
CA LYS B 24 -7.12 -18.45 -38.64
C LYS B 24 -8.47 -17.72 -38.84
N GLY B 25 -8.59 -16.53 -38.26
CA GLY B 25 -9.78 -15.69 -38.42
C GLY B 25 -10.96 -16.12 -37.58
N LYS B 26 -10.68 -16.68 -36.41
CA LYS B 26 -11.75 -17.20 -35.57
C LYS B 26 -11.79 -16.61 -34.16
N ALA B 27 -10.80 -15.79 -33.84
CA ALA B 27 -10.64 -15.30 -32.47
C ALA B 27 -11.93 -14.74 -31.87
N LEU B 28 -12.70 -13.98 -32.65
CA LEU B 28 -13.94 -13.35 -32.15
C LEU B 28 -15.03 -14.36 -31.80
N GLN B 29 -15.26 -15.31 -32.70
CA GLN B 29 -16.18 -16.41 -32.49
C GLN B 29 -15.76 -17.26 -31.27
N LEU B 30 -14.47 -17.55 -31.16
CA LEU B 30 -13.93 -18.24 -29.99
C LEU B 30 -14.15 -17.46 -28.72
N PHE B 31 -13.92 -16.15 -28.78
CA PHE B 31 -14.19 -15.32 -27.62
C PHE B 31 -15.64 -15.46 -27.21
N ARG B 32 -16.53 -15.41 -28.19
CA ARG B 32 -17.97 -15.59 -28.02
C ARG B 32 -18.36 -16.95 -27.41
N SER B 33 -17.91 -18.04 -28.01
CA SER B 33 -18.29 -19.38 -27.50
C SER B 33 -17.57 -19.75 -26.20
N HIS B 34 -16.29 -19.39 -26.08
CA HIS B 34 -15.42 -19.92 -25.01
C HIS B 34 -15.01 -18.99 -23.90
N VAL B 35 -14.94 -17.68 -24.19
CA VAL B 35 -14.48 -16.73 -23.16
C VAL B 35 -15.65 -16.01 -22.51
N GLN B 36 -16.49 -15.38 -23.35
CA GLN B 36 -17.63 -14.60 -22.87
C GLN B 36 -18.48 -15.29 -21.78
N PRO B 37 -18.96 -16.54 -22.02
CA PRO B 37 -19.80 -17.21 -21.00
C PRO B 37 -19.14 -17.29 -19.62
N LEU B 38 -17.84 -17.53 -19.57
CA LEU B 38 -17.11 -17.58 -18.30
C LEU B 38 -17.02 -16.19 -17.66
N LEU B 39 -16.70 -15.17 -18.46
CA LEU B 39 -16.62 -13.79 -17.97
C LEU B 39 -17.92 -13.37 -17.32
N ALA B 40 -19.02 -13.70 -17.98
CA ALA B 40 -20.36 -13.45 -17.47
C ALA B 40 -20.53 -14.06 -16.07
N GLU B 41 -20.24 -15.35 -15.93
CA GLU B 41 -20.40 -16.01 -14.63
C GLU B 41 -19.52 -15.40 -13.54
N ALA B 42 -18.34 -14.90 -13.93
CA ALA B 42 -17.40 -14.29 -13.00
C ALA B 42 -17.60 -12.77 -12.78
N GLU B 43 -18.64 -12.20 -13.38
CA GLU B 43 -18.91 -10.75 -13.27
C GLU B 43 -17.70 -9.90 -13.70
N ILE B 44 -17.18 -10.25 -14.86
CA ILE B 44 -16.14 -9.49 -15.51
C ILE B 44 -16.80 -8.88 -16.72
N SER B 45 -17.11 -7.58 -16.64
CA SER B 45 -17.57 -6.84 -17.81
C SER B 45 -16.34 -6.61 -18.66
N PHE B 46 -16.57 -6.52 -19.96
CA PHE B 46 -15.49 -6.37 -20.90
C PHE B 46 -15.97 -5.44 -22.01
N THR B 47 -15.03 -4.80 -22.68
CA THR B 47 -15.34 -4.25 -23.98
C THR B 47 -14.26 -4.71 -24.94
N LEU B 48 -14.69 -5.17 -26.11
CA LEU B 48 -13.81 -5.59 -27.16
C LEU B 48 -13.40 -4.43 -28.04
N MET B 49 -12.13 -4.40 -28.35
CA MET B 49 -11.57 -3.42 -29.25
C MET B 49 -10.78 -4.27 -30.25
N LEU B 50 -11.22 -4.26 -31.50
CA LEU B 50 -10.63 -5.08 -32.54
C LEU B 50 -9.36 -4.43 -33.07
N THR B 51 -8.29 -5.19 -33.12
CA THR B 51 -7.01 -4.61 -33.48
C THR B 51 -6.21 -5.59 -34.36
N GLU B 52 -6.01 -5.24 -35.63
CA GLU B 52 -5.28 -6.12 -36.58
C GLU B 52 -4.16 -5.47 -37.41
N ARG B 53 -4.38 -4.23 -37.85
CA ARG B 53 -3.34 -3.42 -38.49
C ARG B 53 -2.09 -3.27 -37.58
N ARG B 54 -0.95 -2.95 -38.19
CA ARG B 54 0.32 -2.81 -37.45
C ARG B 54 0.41 -1.56 -36.56
N ASN B 55 1.00 -1.75 -35.37
CA ASN B 55 1.18 -0.71 -34.34
C ASN B 55 -0.14 -0.25 -33.71
N HIS B 56 -1.23 -0.76 -34.26
CA HIS B 56 -2.57 -0.34 -33.88
C HIS B 56 -2.78 -0.51 -32.38
N ALA B 57 -2.53 -1.71 -31.88
CA ALA B 57 -2.67 -2.02 -30.45
C ALA B 57 -1.69 -1.22 -29.60
N ARG B 58 -0.46 -1.12 -30.10
CA ARG B 58 0.59 -0.33 -29.46
C ARG B 58 0.15 1.11 -29.26
N GLU B 59 -0.39 1.70 -30.33
CA GLU B 59 -0.82 3.09 -30.33
C GLU B 59 -2.06 3.29 -29.45
N LEU B 60 -2.99 2.32 -29.47
CA LEU B 60 -4.16 2.42 -28.60
C LEU B 60 -3.76 2.48 -27.13
N VAL B 61 -2.87 1.57 -26.77
CA VAL B 61 -2.42 1.38 -25.40
C VAL B 61 -1.61 2.58 -24.93
N ARG B 62 -0.76 3.10 -25.81
CA ARG B 62 0.03 4.30 -25.54
C ARG B 62 -0.85 5.48 -25.19
N SER B 63 -2.00 5.61 -25.87
CA SER B 63 -2.89 6.75 -25.60
C SER B 63 -4.10 6.45 -24.68
N GLU B 64 -4.22 5.21 -24.18
CA GLU B 64 -5.42 4.80 -23.42
C GLU B 64 -5.53 5.46 -22.06
N GLU B 65 -6.76 5.77 -21.67
CA GLU B 65 -7.07 6.14 -20.31
C GLU B 65 -7.10 4.83 -19.51
N LEU B 66 -6.02 4.56 -18.80
CA LEU B 66 -5.87 3.27 -18.12
C LEU B 66 -6.75 3.13 -16.88
N GLY B 67 -7.14 4.25 -16.28
CA GLY B 67 -8.03 4.26 -15.11
C GLY B 67 -9.43 3.70 -15.33
N ARG B 68 -9.86 3.58 -16.59
CA ARG B 68 -11.17 2.97 -16.88
C ARG B 68 -11.13 1.46 -16.62
N TRP B 69 -9.92 0.88 -16.63
CA TRP B 69 -9.79 -0.58 -16.67
C TRP B 69 -9.11 -1.16 -15.45
N ASP B 70 -9.62 -2.31 -15.01
CA ASP B 70 -8.96 -3.11 -13.99
C ASP B 70 -7.87 -4.04 -14.53
N ALA B 71 -7.92 -4.30 -15.84
CA ALA B 71 -6.96 -5.16 -16.52
C ALA B 71 -7.15 -5.06 -18.02
N LEU B 72 -6.08 -5.37 -18.76
CA LEU B 72 -6.15 -5.49 -20.19
C LEU B 72 -5.93 -6.94 -20.57
N VAL B 73 -6.85 -7.49 -21.37
CA VAL B 73 -6.67 -8.83 -21.87
C VAL B 73 -6.40 -8.83 -23.39
N VAL B 74 -5.40 -9.60 -23.74
CA VAL B 74 -4.85 -9.66 -25.07
C VAL B 74 -5.23 -11.04 -25.61
N MET B 75 -6.06 -11.06 -26.63
CA MET B 75 -6.47 -12.31 -27.24
C MET B 75 -5.97 -12.38 -28.66
N SER B 76 -4.82 -13.03 -28.79
CA SER B 76 -4.10 -13.20 -30.04
C SER B 76 -2.85 -13.98 -29.64
N GLY B 77 -1.71 -13.61 -30.19
CA GLY B 77 -0.49 -14.32 -29.86
C GLY B 77 0.42 -13.54 -28.94
N ASP B 78 1.65 -14.06 -28.80
CA ASP B 78 2.69 -13.46 -28.02
C ASP B 78 3.05 -12.08 -28.60
N GLY B 79 2.84 -11.94 -29.92
CA GLY B 79 3.06 -10.69 -30.64
C GLY B 79 2.22 -9.54 -30.12
N LEU B 80 0.91 -9.77 -29.98
CA LEU B 80 0.01 -8.74 -29.49
C LEU B 80 0.40 -8.31 -28.09
N MET B 81 0.82 -9.26 -27.27
CA MET B 81 1.21 -8.94 -25.90
C MET B 81 2.48 -8.11 -25.93
N HIS B 82 3.39 -8.48 -26.84
CA HIS B 82 4.58 -7.66 -27.11
C HIS B 82 4.19 -6.22 -27.40
N GLU B 83 3.25 -6.02 -28.31
CA GLU B 83 2.82 -4.67 -28.69
C GLU B 83 2.28 -3.90 -27.48
N VAL B 84 1.43 -4.54 -26.68
CA VAL B 84 0.76 -3.88 -25.56
C VAL B 84 1.74 -3.36 -24.50
N VAL B 85 2.72 -4.19 -24.16
CA VAL B 85 3.69 -3.87 -23.11
C VAL B 85 4.65 -2.76 -23.53
N ASN B 86 5.14 -2.82 -24.75
CA ASN B 86 5.98 -1.75 -25.29
C ASN B 86 5.18 -0.44 -25.39
N GLY B 87 3.96 -0.53 -25.91
CA GLY B 87 3.02 0.59 -25.86
C GLY B 87 2.89 1.22 -24.49
N LEU B 88 2.84 0.39 -23.44
CA LEU B 88 2.78 0.90 -22.08
C LEU B 88 4.14 1.47 -21.65
N MET B 89 5.22 0.86 -22.11
CA MET B 89 6.56 1.36 -21.74
C MET B 89 6.93 2.67 -22.47
N GLU B 90 6.35 2.90 -23.65
CA GLU B 90 6.67 4.12 -24.43
C GLU B 90 5.94 5.35 -23.92
N ARG B 91 5.11 5.16 -22.90
CA ARG B 91 4.32 6.24 -22.32
C ARG B 91 5.19 7.09 -21.38
N PRO B 92 4.76 8.36 -21.11
CA PRO B 92 5.34 9.24 -20.09
C PRO B 92 5.09 8.75 -18.67
N ASP B 93 3.94 8.11 -18.48
CA ASP B 93 3.56 7.60 -17.17
C ASP B 93 3.83 6.09 -17.11
N TRP B 94 4.87 5.66 -17.82
CA TRP B 94 5.23 4.25 -17.92
C TRP B 94 5.35 3.54 -16.58
N GLU B 95 5.93 4.21 -15.59
CA GLU B 95 6.16 3.62 -14.26
C GLU B 95 4.88 3.09 -13.60
N THR B 96 3.77 3.79 -13.80
CA THR B 96 2.50 3.37 -13.22
C THR B 96 1.70 2.57 -14.24
N ALA B 97 1.90 2.85 -15.51
CA ALA B 97 1.20 2.19 -16.60
C ALA B 97 1.54 0.70 -16.74
N ILE B 98 2.80 0.36 -16.47
CA ILE B 98 3.27 -1.00 -16.62
C ILE B 98 2.71 -1.88 -15.50
N GLN B 99 2.11 -1.26 -14.49
CA GLN B 99 1.55 -1.94 -13.34
C GLN B 99 0.09 -2.26 -13.52
N LYS B 100 -0.44 -2.00 -14.72
CA LYS B 100 -1.80 -2.38 -15.01
C LYS B 100 -1.81 -3.88 -15.30
N PRO B 101 -2.67 -4.66 -14.60
CA PRO B 101 -2.70 -6.12 -14.82
C PRO B 101 -3.02 -6.54 -16.26
N LEU B 102 -2.19 -7.46 -16.76
CA LEU B 102 -2.29 -7.93 -18.12
C LEU B 102 -2.78 -9.37 -18.09
N CYS B 103 -3.39 -9.82 -19.18
CA CYS B 103 -3.82 -11.20 -19.29
C CYS B 103 -3.71 -11.68 -20.72
N SER B 104 -3.34 -12.94 -20.88
CA SER B 104 -3.04 -13.49 -22.19
C SER B 104 -4.03 -14.61 -22.51
N LEU B 105 -4.85 -14.43 -23.55
CA LEU B 105 -5.77 -15.49 -23.97
C LEU B 105 -5.42 -15.90 -25.39
N PRO B 106 -5.02 -17.18 -25.57
CA PRO B 106 -4.49 -17.68 -26.84
C PRO B 106 -5.54 -17.77 -27.96
N ALA B 107 -5.13 -17.41 -29.17
CA ALA B 107 -5.96 -17.65 -30.36
C ALA B 107 -5.09 -17.94 -31.58
N GLY B 108 -4.11 -17.08 -31.85
CA GLY B 108 -3.27 -17.24 -33.03
C GLY B 108 -2.26 -18.39 -32.97
N SER B 109 -1.10 -18.16 -33.57
CA SER B 109 0.06 -19.01 -33.38
C SER B 109 1.08 -18.21 -32.60
N GLY B 110 1.85 -18.90 -31.78
CA GLY B 110 2.72 -18.24 -30.81
C GLY B 110 1.85 -17.95 -29.61
N ASN B 111 1.58 -18.99 -28.82
CA ASN B 111 0.85 -18.86 -27.58
C ASN B 111 1.69 -19.37 -26.41
N ALA B 112 3.00 -19.15 -26.51
CA ALA B 112 4.00 -19.59 -25.54
C ALA B 112 3.75 -19.05 -24.14
N LEU B 113 3.40 -17.77 -24.06
CA LEU B 113 3.13 -17.16 -22.77
C LEU B 113 1.90 -17.82 -22.14
N ALA B 114 0.82 -17.91 -22.93
CA ALA B 114 -0.41 -18.56 -22.47
C ALA B 114 -0.10 -20.01 -22.06
N ALA B 115 0.71 -20.68 -22.85
CA ALA B 115 1.09 -22.07 -22.58
C ALA B 115 1.92 -22.16 -21.28
N SER B 116 2.80 -21.19 -21.05
CA SER B 116 3.56 -21.12 -19.79
C SER B 116 2.70 -20.90 -18.55
N LEU B 117 1.70 -20.03 -18.64
CA LEU B 117 0.87 -19.69 -17.49
C LEU B 117 -0.09 -20.82 -17.14
N ASN B 118 -0.54 -21.54 -18.17
CA ASN B 118 -1.33 -22.75 -18.01
C ASN B 118 -0.48 -23.81 -17.29
N HIS B 119 0.80 -23.92 -17.64
CA HIS B 119 1.73 -24.79 -16.94
C HIS B 119 1.88 -24.43 -15.49
N TYR B 120 2.20 -23.18 -15.21
CA TYR B 120 2.45 -22.74 -13.83
C TYR B 120 1.28 -23.03 -12.91
N ALA B 121 0.08 -23.05 -13.50
CA ALA B 121 -1.16 -23.30 -12.78
C ALA B 121 -1.41 -24.78 -12.52
N GLY B 122 -0.55 -25.66 -13.03
CA GLY B 122 -0.67 -27.10 -12.78
C GLY B 122 -1.49 -27.89 -13.81
N TYR B 123 -1.77 -27.30 -14.97
CA TYR B 123 -2.54 -27.99 -15.98
C TYR B 123 -1.70 -28.85 -16.92
N GLU B 124 -2.35 -29.82 -17.54
CA GLU B 124 -1.76 -30.59 -18.61
C GLU B 124 -1.42 -29.67 -19.79
N GLN B 125 -0.49 -30.12 -20.60
CA GLN B 125 -0.06 -29.40 -21.77
C GLN B 125 -1.12 -29.44 -22.87
N VAL B 126 -2.18 -28.66 -22.68
CA VAL B 126 -3.31 -28.60 -23.63
C VAL B 126 -3.14 -27.56 -24.75
N THR B 127 -3.98 -27.69 -25.77
CA THR B 127 -3.87 -26.83 -26.93
C THR B 127 -5.24 -26.28 -27.37
N ASN B 128 -5.21 -25.28 -28.25
CA ASN B 128 -6.42 -24.72 -28.86
C ASN B 128 -7.49 -24.37 -27.83
N GLU B 129 -8.68 -24.93 -28.04
CA GLU B 129 -9.88 -24.65 -27.25
C GLU B 129 -9.69 -24.88 -25.75
N ASP B 130 -8.96 -25.94 -25.40
CA ASP B 130 -8.78 -26.30 -24.00
C ASP B 130 -7.84 -25.33 -23.31
N LEU B 131 -6.83 -24.86 -24.05
CA LEU B 131 -5.90 -23.84 -23.58
C LEU B 131 -6.60 -22.48 -23.39
N LEU B 132 -7.52 -22.15 -24.28
CA LEU B 132 -8.25 -20.89 -24.19
C LEU B 132 -9.10 -20.88 -22.92
N THR B 133 -9.84 -21.98 -22.74
CA THR B 133 -10.68 -22.21 -21.59
C THR B 133 -9.87 -22.12 -20.31
N ASN B 134 -8.78 -22.88 -20.23
CA ASN B 134 -7.95 -22.88 -19.04
C ASN B 134 -7.47 -21.47 -18.72
N CYS B 135 -6.88 -20.79 -19.71
CA CYS B 135 -6.46 -19.40 -19.52
C CYS B 135 -7.60 -18.50 -19.13
N THR B 136 -8.77 -18.68 -19.74
CA THR B 136 -9.93 -17.90 -19.30
C THR B 136 -10.22 -18.13 -17.82
N LEU B 137 -10.13 -19.38 -17.37
CA LEU B 137 -10.39 -19.73 -15.97
C LEU B 137 -9.41 -19.07 -15.02
N LEU B 138 -8.17 -18.93 -15.45
CA LEU B 138 -7.22 -18.14 -14.69
C LEU B 138 -7.74 -16.70 -14.52
N LEU B 139 -8.24 -16.11 -15.59
CA LEU B 139 -8.74 -14.73 -15.48
C LEU B 139 -9.91 -14.66 -14.53
N CYS B 140 -10.81 -15.64 -14.61
CA CYS B 140 -12.01 -15.65 -13.78
C CYS B 140 -11.73 -15.83 -12.28
N ARG B 141 -10.54 -16.33 -11.96
CA ARG B 141 -10.13 -16.53 -10.56
C ARG B 141 -9.43 -15.30 -10.01
N ARG B 142 -9.02 -14.40 -10.91
CA ARG B 142 -8.65 -13.02 -10.58
C ARG B 142 -7.34 -12.86 -9.85
N LEU B 143 -6.58 -13.95 -9.70
CA LEU B 143 -5.31 -13.90 -8.98
C LEU B 143 -4.22 -13.38 -9.89
N LEU B 144 -3.35 -12.52 -9.36
CA LEU B 144 -2.27 -11.91 -10.13
C LEU B 144 -0.92 -12.31 -9.57
N SER B 145 0.08 -12.49 -10.43
CA SER B 145 1.44 -12.63 -9.93
C SER B 145 2.46 -11.92 -10.82
N PRO B 146 3.61 -11.54 -10.25
CA PRO B 146 4.56 -10.76 -11.02
C PRO B 146 5.30 -11.57 -12.06
N MET B 147 5.71 -10.87 -13.11
CA MET B 147 6.44 -11.41 -14.22
C MET B 147 7.67 -10.57 -14.50
N ASN B 148 8.74 -11.24 -14.90
CA ASN B 148 9.95 -10.56 -15.33
C ASN B 148 9.75 -9.90 -16.68
N LEU B 149 10.47 -8.81 -16.90
CA LEU B 149 10.52 -8.11 -18.18
C LEU B 149 11.96 -8.00 -18.66
N LEU B 150 12.21 -8.32 -19.92
CA LEU B 150 13.55 -8.15 -20.50
C LEU B 150 13.67 -6.81 -21.24
N SER B 151 14.72 -6.05 -20.92
CA SER B 151 14.98 -4.76 -21.55
C SER B 151 16.08 -4.89 -22.58
N LEU B 152 15.78 -4.51 -23.82
CA LEU B 152 16.70 -4.68 -24.94
C LEU B 152 17.28 -3.36 -25.49
N HIS B 153 18.50 -3.43 -26.03
CA HIS B 153 19.15 -2.31 -26.72
C HIS B 153 19.78 -2.80 -28.01
N THR B 154 19.54 -2.11 -29.11
CA THR B 154 20.08 -2.55 -30.41
C THR B 154 21.20 -1.66 -30.94
N ALA B 155 21.82 -2.11 -32.04
CA ALA B 155 22.95 -1.41 -32.67
C ALA B 155 22.63 0.07 -32.91
N SER B 156 21.48 0.33 -33.53
CA SER B 156 21.05 1.69 -33.86
C SER B 156 20.24 2.40 -32.77
N GLY B 157 20.64 2.18 -31.52
CA GLY B 157 20.07 2.91 -30.38
C GLY B 157 18.59 2.69 -30.08
N LEU B 158 17.99 1.64 -30.66
CA LEU B 158 16.61 1.27 -30.35
C LEU B 158 16.52 0.57 -29.00
N ARG B 159 15.54 0.98 -28.20
CA ARG B 159 15.29 0.42 -26.88
C ARG B 159 13.88 -0.18 -26.88
N LEU B 160 13.78 -1.51 -26.82
CA LEU B 160 12.49 -2.22 -26.73
C LEU B 160 12.49 -3.28 -25.60
N PHE B 161 11.30 -3.74 -25.22
CA PHE B 161 11.14 -4.72 -24.14
C PHE B 161 10.55 -6.04 -24.61
N SER B 162 10.93 -7.10 -23.91
CA SER B 162 10.53 -8.45 -24.27
C SER B 162 9.87 -9.11 -23.08
N VAL B 163 8.78 -9.82 -23.32
CA VAL B 163 8.05 -10.50 -22.26
C VAL B 163 8.24 -12.01 -22.31
N LEU B 164 8.88 -12.50 -23.36
CA LEU B 164 8.94 -13.93 -23.63
C LEU B 164 10.30 -14.42 -24.06
N SER B 165 10.78 -13.95 -25.21
CA SER B 165 12.00 -14.49 -25.79
C SER B 165 12.73 -13.59 -26.78
N LEU B 166 14.03 -13.80 -26.85
CA LEU B 166 14.86 -13.28 -27.92
C LEU B 166 15.62 -14.45 -28.52
N ALA B 167 15.38 -14.70 -29.80
CA ALA B 167 15.95 -15.82 -30.47
C ALA B 167 16.77 -15.36 -31.66
N TRP B 168 17.83 -16.10 -31.93
CA TRP B 168 18.68 -15.87 -33.10
C TRP B 168 19.11 -17.20 -33.68
N GLY B 169 19.37 -17.24 -34.98
CA GLY B 169 19.82 -18.46 -35.62
C GLY B 169 18.64 -19.29 -36.07
N PHE B 170 18.71 -20.60 -35.85
CA PHE B 170 17.71 -21.56 -36.32
C PHE B 170 16.26 -21.13 -36.01
N ILE B 171 16.01 -20.70 -34.78
CA ILE B 171 14.65 -20.39 -34.35
C ILE B 171 14.11 -19.18 -35.10
N ALA B 172 14.85 -18.08 -35.07
CA ALA B 172 14.51 -16.91 -35.89
C ALA B 172 14.17 -17.32 -37.32
N ASP B 173 15.11 -17.97 -38.01
CA ASP B 173 14.91 -18.38 -39.40
C ASP B 173 13.60 -19.11 -39.62
N VAL B 174 13.31 -20.09 -38.76
CA VAL B 174 12.05 -20.80 -38.86
C VAL B 174 10.85 -19.87 -38.61
N ASP B 175 10.97 -18.96 -37.63
CA ASP B 175 9.89 -17.99 -37.37
C ASP B 175 9.65 -17.08 -38.57
N LEU B 176 10.75 -16.67 -39.23
CA LEU B 176 10.72 -15.84 -40.44
C LEU B 176 10.12 -16.60 -41.62
N GLU B 177 10.72 -17.73 -41.97
CA GLU B 177 10.31 -18.53 -43.11
C GLU B 177 8.99 -19.25 -42.86
N SER B 178 8.32 -18.93 -41.75
CA SER B 178 7.13 -19.66 -41.34
C SER B 178 5.81 -19.02 -41.82
N GLU B 179 5.83 -18.47 -43.04
CA GLU B 179 4.66 -17.81 -43.64
C GLU B 179 3.46 -18.75 -43.87
N LYS B 180 3.70 -20.06 -43.76
CA LYS B 180 2.66 -21.09 -43.99
C LYS B 180 1.80 -21.40 -42.75
N TYR B 181 1.05 -20.39 -42.30
CA TYR B 181 0.16 -20.47 -41.13
C TYR B 181 -0.75 -21.71 -41.05
N ARG B 182 -1.35 -22.09 -42.17
CA ARG B 182 -2.30 -23.20 -42.23
C ARG B 182 -1.60 -24.56 -42.25
N MET B 187 1.65 -27.97 -36.68
CA MET B 187 1.69 -26.51 -36.80
C MET B 187 2.90 -26.06 -37.63
N ARG B 188 2.85 -24.81 -38.09
CA ARG B 188 3.86 -24.23 -38.98
C ARG B 188 5.30 -24.27 -38.47
N PHE B 189 5.48 -24.27 -37.15
CA PHE B 189 6.82 -24.26 -36.58
C PHE B 189 7.44 -25.64 -36.71
N THR B 190 6.58 -26.66 -36.85
CA THR B 190 7.00 -28.05 -36.99
C THR B 190 7.39 -28.41 -38.42
N LEU B 191 6.61 -27.94 -39.39
CA LEU B 191 6.99 -28.10 -40.79
C LEU B 191 8.24 -27.30 -41.07
N GLY B 192 8.25 -26.05 -40.60
CA GLY B 192 9.37 -25.12 -40.81
C GLY B 192 10.66 -25.53 -40.14
N THR B 193 10.54 -26.29 -39.06
CA THR B 193 11.71 -26.84 -38.37
C THR B 193 12.27 -28.01 -39.16
N PHE B 194 11.41 -28.98 -39.49
CA PHE B 194 11.86 -30.19 -40.21
C PHE B 194 12.59 -29.86 -41.51
N LEU B 195 12.16 -28.80 -42.19
CA LEU B 195 12.73 -28.37 -43.46
C LEU B 195 14.10 -27.73 -43.26
N ARG B 196 14.19 -26.85 -42.26
CA ARG B 196 15.40 -26.12 -41.95
C ARG B 196 16.43 -27.07 -41.34
N LEU B 197 15.93 -28.12 -40.69
CA LEU B 197 16.73 -29.14 -40.04
C LEU B 197 17.36 -30.06 -41.07
N ALA B 198 16.56 -30.48 -42.05
CA ALA B 198 17.03 -31.30 -43.18
C ALA B 198 18.09 -30.57 -44.01
N ALA B 199 17.96 -29.25 -44.11
CA ALA B 199 18.95 -28.41 -44.76
C ALA B 199 19.62 -27.52 -43.72
N LEU B 200 19.99 -28.12 -42.58
CA LEU B 200 20.67 -27.42 -41.48
C LEU B 200 21.79 -26.48 -41.92
N ARG B 201 21.93 -25.35 -41.22
CA ARG B 201 23.08 -24.47 -41.40
C ARG B 201 23.43 -23.77 -40.10
N THR B 202 24.66 -23.27 -39.99
CA THR B 202 25.12 -22.59 -38.78
C THR B 202 25.19 -21.07 -38.98
N TYR B 203 25.53 -20.36 -37.92
CA TYR B 203 25.53 -18.88 -37.92
C TYR B 203 26.71 -18.37 -37.10
N ARG B 204 27.28 -17.24 -37.51
CA ARG B 204 28.45 -16.68 -36.86
C ARG B 204 28.12 -15.46 -36.00
N GLY B 205 28.56 -15.49 -34.74
CA GLY B 205 28.37 -14.35 -33.84
C GLY B 205 29.19 -14.45 -32.56
N ARG B 206 29.13 -13.41 -31.73
CA ARG B 206 29.80 -13.41 -30.43
C ARG B 206 28.80 -13.23 -29.28
N LEU B 207 28.69 -14.28 -28.45
CA LEU B 207 27.81 -14.32 -27.28
C LEU B 207 28.56 -13.99 -25.98
N ALA B 208 27.95 -13.14 -25.17
CA ALA B 208 28.43 -12.89 -23.82
C ALA B 208 27.21 -12.80 -22.88
N TYR B 209 27.37 -13.24 -21.64
CA TYR B 209 26.27 -13.22 -20.66
C TYR B 209 26.76 -12.98 -19.25
N LEU B 210 25.87 -12.45 -18.41
CA LEU B 210 26.11 -12.32 -16.98
C LEU B 210 25.25 -13.36 -16.25
N PRO B 211 25.88 -14.44 -15.77
CA PRO B 211 25.19 -15.53 -15.04
C PRO B 211 24.74 -15.08 -13.67
N VAL B 212 23.72 -15.76 -13.13
CA VAL B 212 23.10 -15.45 -11.82
C VAL B 212 24.07 -15.20 -10.65
N GLY B 213 25.16 -15.96 -10.58
CA GLY B 213 26.21 -15.68 -9.60
C GLY B 213 26.95 -14.38 -9.88
N ARG B 214 27.74 -13.93 -8.90
CA ARG B 214 28.50 -12.66 -8.99
C ARG B 214 27.70 -11.37 -9.26
N VAL B 215 27.28 -10.75 -8.15
CA VAL B 215 26.55 -9.46 -8.07
C VAL B 215 25.70 -9.08 -9.30
N GLN B 228 13.05 7.98 -20.83
CA GLN B 228 13.69 7.59 -19.57
C GLN B 228 13.87 6.08 -19.51
N GLY B 229 12.83 5.37 -19.06
CA GLY B 229 12.86 3.91 -18.89
C GLY B 229 13.50 3.43 -17.60
N PRO B 230 13.55 2.10 -17.41
CA PRO B 230 14.28 1.57 -16.27
C PRO B 230 15.77 1.62 -16.58
N VAL B 231 16.56 2.06 -15.61
CA VAL B 231 18.02 2.07 -15.76
C VAL B 231 18.52 0.63 -15.81
N ASP B 232 19.22 0.29 -16.89
CA ASP B 232 19.82 -1.03 -17.05
C ASP B 232 21.24 -1.05 -16.46
N ALA B 233 21.31 -1.11 -15.12
CA ALA B 233 22.58 -1.06 -14.37
C ALA B 233 23.69 -2.03 -14.79
N HIS B 234 23.31 -3.16 -15.38
CA HIS B 234 24.27 -4.22 -15.72
C HIS B 234 24.93 -4.05 -17.05
N LEU B 235 24.35 -3.20 -17.89
CA LEU B 235 24.86 -3.03 -19.25
C LEU B 235 25.81 -1.84 -19.40
N VAL B 236 26.81 -2.00 -20.25
CA VAL B 236 27.64 -0.88 -20.70
C VAL B 236 27.31 -0.68 -22.18
N PRO B 237 27.57 0.54 -22.71
CA PRO B 237 27.27 0.84 -24.12
C PRO B 237 27.86 -0.19 -25.06
N LEU B 238 27.10 -0.53 -26.11
CA LEU B 238 27.51 -1.56 -27.08
C LEU B 238 28.89 -1.34 -27.69
N GLU B 239 29.32 -0.07 -27.72
CA GLU B 239 30.66 0.30 -28.21
C GLU B 239 31.71 -0.29 -27.29
N GLU B 240 31.62 0.02 -26.00
CA GLU B 240 32.46 -0.57 -24.98
C GLU B 240 32.49 -2.10 -25.07
N PRO B 241 33.64 -2.71 -24.73
CA PRO B 241 33.67 -4.16 -24.52
C PRO B 241 32.93 -4.48 -23.23
N VAL B 242 32.29 -5.65 -23.19
CA VAL B 242 31.57 -6.09 -22.00
C VAL B 242 32.47 -6.02 -20.76
N PRO B 243 31.89 -5.76 -19.57
CA PRO B 243 32.73 -5.76 -18.35
C PRO B 243 33.47 -7.09 -18.16
N SER B 244 34.56 -7.03 -17.40
CA SER B 244 35.47 -8.17 -17.22
C SER B 244 34.80 -9.39 -16.58
N HIS B 245 33.93 -9.13 -15.60
CA HIS B 245 33.32 -10.20 -14.81
C HIS B 245 32.29 -11.02 -15.54
N TRP B 246 32.04 -10.72 -16.81
CA TRP B 246 31.12 -11.50 -17.64
C TRP B 246 31.79 -12.68 -18.25
N THR B 247 31.01 -13.71 -18.53
CA THR B 247 31.47 -14.81 -19.34
C THR B 247 31.34 -14.41 -20.81
N VAL B 248 32.41 -14.64 -21.58
CA VAL B 248 32.39 -14.51 -23.03
C VAL B 248 32.54 -15.92 -23.62
N VAL B 249 31.58 -16.33 -24.43
CA VAL B 249 31.59 -17.68 -24.96
C VAL B 249 32.78 -17.83 -25.94
N PRO B 250 33.60 -18.88 -25.76
CA PRO B 250 34.72 -19.14 -26.67
C PRO B 250 34.26 -19.56 -28.07
N ASP B 251 33.09 -20.18 -28.18
CA ASP B 251 32.51 -20.51 -29.49
C ASP B 251 32.10 -19.25 -30.23
N GLU B 252 32.16 -19.30 -31.55
CA GLU B 252 31.83 -18.16 -32.38
C GLU B 252 30.97 -18.63 -33.56
N ASP B 253 30.44 -19.84 -33.42
CA ASP B 253 29.53 -20.43 -34.39
C ASP B 253 28.41 -21.22 -33.72
N PHE B 254 27.16 -20.92 -34.10
CA PHE B 254 25.99 -21.42 -33.41
C PHE B 254 24.92 -21.90 -34.37
N VAL B 255 24.07 -22.83 -33.93
CA VAL B 255 22.84 -23.10 -34.69
C VAL B 255 21.65 -22.29 -34.15
N LEU B 256 21.73 -21.88 -32.88
CA LEU B 256 20.73 -21.01 -32.22
C LEU B 256 21.24 -20.40 -30.91
N VAL B 257 20.91 -19.14 -30.65
CA VAL B 257 20.94 -18.58 -29.29
C VAL B 257 19.49 -18.28 -28.87
N LEU B 258 19.12 -18.65 -27.64
CA LEU B 258 17.75 -18.43 -27.12
C LEU B 258 17.70 -17.86 -25.70
N ALA B 259 17.15 -16.66 -25.59
CA ALA B 259 16.89 -16.06 -24.30
C ALA B 259 15.41 -16.23 -24.06
N LEU B 260 15.06 -16.86 -22.94
CA LEU B 260 13.68 -17.24 -22.70
C LEU B 260 13.32 -16.97 -21.25
N LEU B 261 12.18 -16.33 -21.04
CA LEU B 261 11.74 -15.88 -19.73
C LEU B 261 10.70 -16.82 -19.14
N HIS B 262 10.31 -17.84 -19.88
CA HIS B 262 9.23 -18.70 -19.44
C HIS B 262 9.48 -20.15 -19.69
N SER B 263 8.55 -21.00 -19.26
CA SER B 263 8.70 -22.44 -19.45
C SER B 263 8.53 -22.91 -20.92
N HIS B 264 7.69 -22.23 -21.69
CA HIS B 264 7.37 -22.75 -23.03
C HIS B 264 7.72 -21.80 -24.16
N LEU B 265 8.24 -22.38 -25.25
CA LEU B 265 8.46 -21.68 -26.53
C LEU B 265 7.19 -21.60 -27.40
N GLY B 266 6.27 -22.51 -27.12
CA GLY B 266 4.99 -22.60 -27.81
C GLY B 266 4.20 -23.61 -27.00
N SER B 267 2.94 -23.81 -27.33
CA SER B 267 2.09 -24.59 -26.45
C SER B 267 2.42 -26.10 -26.45
N GLU B 268 3.29 -26.50 -27.36
CA GLU B 268 3.77 -27.89 -27.41
C GLU B 268 5.28 -27.93 -27.53
N MET B 269 5.90 -26.94 -26.88
CA MET B 269 7.34 -26.84 -26.80
C MET B 269 7.70 -26.37 -25.41
N PHE B 270 7.81 -27.35 -24.51
CA PHE B 270 8.17 -27.18 -23.12
C PHE B 270 9.68 -27.03 -23.17
N ALA B 271 10.13 -25.84 -23.51
CA ALA B 271 11.53 -25.61 -23.83
C ALA B 271 12.41 -25.48 -22.58
N ALA B 272 11.81 -25.06 -21.47
CA ALA B 272 12.57 -24.91 -20.25
C ALA B 272 12.02 -25.79 -19.13
N PRO B 273 12.49 -27.04 -19.07
CA PRO B 273 11.94 -28.05 -18.15
C PRO B 273 12.10 -27.71 -16.68
N MET B 274 13.14 -26.95 -16.32
CA MET B 274 13.19 -26.36 -14.99
C MET B 274 12.01 -25.40 -14.96
N GLY B 275 11.65 -24.87 -13.81
CA GLY B 275 10.35 -24.19 -13.76
C GLY B 275 10.19 -22.84 -14.45
N ARG B 276 9.16 -22.14 -14.01
CA ARG B 276 9.10 -20.70 -14.05
C ARG B 276 10.48 -20.18 -13.57
N CYS B 277 11.00 -19.13 -14.21
CA CYS B 277 12.21 -18.49 -13.69
C CYS B 277 11.94 -17.79 -12.38
N ALA B 278 12.97 -17.71 -11.55
CA ALA B 278 12.97 -16.84 -10.40
C ALA B 278 12.90 -15.40 -10.85
N ALA B 279 12.61 -14.52 -9.91
CA ALA B 279 12.51 -13.09 -10.18
C ALA B 279 13.88 -12.53 -10.59
N GLY B 280 13.87 -11.69 -11.62
CA GLY B 280 15.13 -11.16 -12.18
C GLY B 280 16.06 -12.18 -12.84
N VAL B 281 15.51 -13.31 -13.26
CA VAL B 281 16.33 -14.33 -13.90
C VAL B 281 15.66 -14.74 -15.22
N MET B 282 16.46 -15.03 -16.24
CA MET B 282 15.95 -15.63 -17.48
C MET B 282 16.80 -16.84 -17.91
N HIS B 283 16.19 -17.74 -18.68
CA HIS B 283 16.88 -18.92 -19.18
C HIS B 283 17.63 -18.59 -20.42
N LEU B 284 18.92 -18.88 -20.44
CA LEU B 284 19.67 -18.78 -21.68
C LEU B 284 20.03 -20.16 -22.19
N PHE B 285 19.67 -20.43 -23.45
CA PHE B 285 20.11 -21.63 -24.15
C PHE B 285 20.95 -21.26 -25.36
N TYR B 286 21.92 -22.12 -25.68
CA TYR B 286 22.50 -22.11 -27.02
C TYR B 286 22.92 -23.48 -27.48
N VAL B 287 22.76 -23.72 -28.77
CA VAL B 287 23.30 -24.90 -29.42
C VAL B 287 24.56 -24.46 -30.18
N ARG B 288 25.70 -25.07 -29.84
CA ARG B 288 26.97 -24.78 -30.52
C ARG B 288 26.99 -25.46 -31.89
N ALA B 289 27.87 -24.97 -32.77
CA ALA B 289 28.06 -25.56 -34.09
C ALA B 289 28.68 -26.94 -33.94
N GLY B 290 28.12 -27.92 -34.64
CA GLY B 290 28.65 -29.27 -34.58
C GLY B 290 27.59 -30.34 -34.70
N VAL B 291 26.53 -30.24 -33.91
CA VAL B 291 25.49 -31.29 -33.82
C VAL B 291 25.07 -31.83 -35.16
N SER B 292 24.82 -33.13 -35.18
CA SER B 292 24.28 -33.80 -36.33
C SER B 292 22.84 -33.37 -36.49
N ARG B 293 22.35 -33.43 -37.71
CA ARG B 293 20.95 -33.24 -38.01
C ARG B 293 20.08 -34.19 -37.17
N ALA B 294 20.50 -35.46 -37.07
CA ALA B 294 19.70 -36.48 -36.38
C ALA B 294 19.45 -36.21 -34.90
N MET B 295 20.48 -35.72 -34.22
CA MET B 295 20.44 -35.37 -32.80
C MET B 295 19.52 -34.17 -32.54
N LEU B 296 19.71 -33.10 -33.31
CA LEU B 296 18.87 -31.91 -33.23
C LEU B 296 17.37 -32.25 -33.34
N LEU B 297 17.02 -33.10 -34.30
CA LEU B 297 15.67 -33.58 -34.43
C LEU B 297 15.21 -34.27 -33.14
N ARG B 298 16.07 -35.14 -32.60
CA ARG B 298 15.78 -35.90 -31.40
C ARG B 298 15.54 -34.96 -30.22
N LEU B 299 16.29 -33.87 -30.18
CA LEU B 299 16.10 -32.79 -29.22
C LEU B 299 14.78 -32.03 -29.44
N PHE B 300 14.50 -31.67 -30.70
CA PHE B 300 13.28 -30.96 -31.06
C PHE B 300 12.06 -31.78 -30.65
N LEU B 301 11.99 -33.01 -31.16
CA LEU B 301 10.94 -33.95 -30.79
C LEU B 301 10.77 -34.16 -29.27
N ALA B 302 11.89 -34.09 -28.54
CA ALA B 302 11.89 -34.34 -27.09
C ALA B 302 11.38 -33.14 -26.29
N MET B 303 11.64 -31.94 -26.82
CA MET B 303 11.15 -30.70 -26.25
C MET B 303 9.63 -30.69 -26.05
N GLU B 304 8.88 -31.42 -26.88
CA GLU B 304 7.44 -31.51 -26.69
C GLU B 304 7.08 -31.86 -25.25
N LYS B 305 7.75 -32.86 -24.70
CA LYS B 305 7.49 -33.33 -23.34
C LYS B 305 8.56 -32.78 -22.40
N GLY B 306 9.39 -31.87 -22.92
CA GLY B 306 10.45 -31.22 -22.16
C GLY B 306 11.59 -32.14 -21.76
N ARG B 307 11.87 -33.15 -22.58
CA ARG B 307 12.86 -34.17 -22.24
C ARG B 307 14.21 -33.99 -22.95
N HIS B 308 14.40 -32.84 -23.58
CA HIS B 308 15.58 -32.60 -24.41
C HIS B 308 16.86 -32.42 -23.63
N MET B 309 16.75 -32.06 -22.35
CA MET B 309 17.92 -31.94 -21.49
C MET B 309 18.35 -33.29 -20.94
N GLU B 310 17.49 -34.28 -21.09
CA GLU B 310 17.79 -35.63 -20.62
C GLU B 310 18.76 -36.37 -21.53
N TYR B 311 19.12 -35.77 -22.67
CA TYR B 311 19.97 -36.44 -23.67
C TYR B 311 21.44 -36.07 -23.55
N GLU B 312 21.70 -34.88 -23.02
CA GLU B 312 23.01 -34.22 -23.14
C GLU B 312 23.83 -34.51 -24.39
N CYS B 313 24.51 -33.45 -24.76
CA CYS B 313 24.81 -33.13 -26.08
C CYS B 313 25.73 -32.02 -25.67
N PRO B 314 27.06 -32.24 -25.81
CA PRO B 314 28.01 -31.19 -25.45
C PRO B 314 27.61 -29.86 -26.10
N TYR B 315 26.82 -29.97 -27.17
CA TYR B 315 26.42 -28.81 -27.98
C TYR B 315 25.27 -27.99 -27.38
N LEU B 316 24.31 -28.64 -26.72
CA LEU B 316 23.23 -27.90 -26.05
C LEU B 316 23.70 -27.39 -24.69
N VAL B 317 23.77 -26.08 -24.54
CA VAL B 317 24.19 -25.48 -23.26
C VAL B 317 23.06 -24.68 -22.60
N TYR B 318 22.99 -24.73 -21.28
CA TYR B 318 22.01 -23.96 -20.51
C TYR B 318 22.66 -23.19 -19.39
N VAL B 319 22.30 -21.92 -19.26
CA VAL B 319 22.73 -21.05 -18.15
C VAL B 319 21.59 -20.13 -17.69
N PRO B 320 21.42 -19.96 -16.38
CA PRO B 320 20.54 -18.93 -15.86
C PRO B 320 21.27 -17.60 -15.85
N VAL B 321 20.66 -16.56 -16.42
CA VAL B 321 21.31 -15.24 -16.56
C VAL B 321 20.47 -14.04 -16.20
N VAL B 322 21.14 -12.91 -15.97
CA VAL B 322 20.48 -11.64 -15.67
C VAL B 322 20.67 -10.62 -16.80
N ALA B 323 21.73 -10.81 -17.59
CA ALA B 323 22.04 -9.97 -18.74
C ALA B 323 22.76 -10.76 -19.82
N PHE B 324 22.80 -10.22 -21.03
CA PHE B 324 23.49 -10.85 -22.16
C PHE B 324 23.81 -9.87 -23.30
N ARG B 325 24.72 -10.29 -24.19
CA ARG B 325 25.00 -9.56 -25.44
C ARG B 325 25.33 -10.51 -26.56
N LEU B 326 24.74 -10.24 -27.71
CA LEU B 326 24.96 -11.02 -28.90
C LEU B 326 25.29 -10.05 -30.05
N GLU B 327 26.43 -10.26 -30.71
CA GLU B 327 26.76 -9.48 -31.90
C GLU B 327 27.28 -10.39 -33.00
N PRO B 328 26.54 -10.52 -34.10
CA PRO B 328 27.22 -10.82 -35.36
C PRO B 328 27.78 -9.50 -35.92
N LYS B 329 29.06 -9.40 -36.33
CA LYS B 329 29.99 -10.51 -36.61
C LYS B 329 29.47 -11.26 -37.83
N ASP B 330 29.67 -10.62 -38.98
CA ASP B 330 28.99 -10.91 -40.25
C ASP B 330 27.78 -9.98 -40.40
N GLY B 331 28.01 -8.85 -41.09
CA GLY B 331 26.98 -7.86 -41.41
C GLY B 331 25.83 -7.79 -40.43
N LYS B 332 24.63 -8.08 -40.92
CA LYS B 332 23.40 -8.03 -40.13
C LYS B 332 23.02 -9.37 -39.50
N GLY B 333 22.09 -9.31 -38.55
CA GLY B 333 21.54 -10.50 -37.89
C GLY B 333 20.02 -10.44 -37.79
N VAL B 334 19.39 -11.56 -38.10
CA VAL B 334 17.94 -11.67 -38.05
C VAL B 334 17.47 -12.30 -36.72
N PHE B 335 16.66 -11.56 -35.96
CA PHE B 335 16.19 -11.98 -34.65
C PHE B 335 14.68 -12.19 -34.59
N ALA B 336 14.24 -12.92 -33.56
CA ALA B 336 12.82 -12.96 -33.17
C ALA B 336 12.71 -12.46 -31.73
N VAL B 337 11.84 -11.48 -31.51
CA VAL B 337 11.60 -10.93 -30.17
C VAL B 337 10.14 -11.21 -29.91
N ASP B 338 9.87 -12.01 -28.88
CA ASP B 338 8.54 -12.55 -28.62
C ASP B 338 7.86 -13.00 -29.91
N GLY B 339 8.66 -13.53 -30.84
CA GLY B 339 8.14 -14.04 -32.11
C GLY B 339 8.15 -13.04 -33.28
N GLU B 340 8.41 -11.76 -33.01
CA GLU B 340 8.46 -10.75 -34.08
C GLU B 340 9.85 -10.64 -34.75
N LEU B 341 9.85 -10.51 -36.08
CA LEU B 341 11.07 -10.20 -36.83
C LEU B 341 11.78 -8.92 -36.36
N MET B 342 13.10 -8.99 -36.25
CA MET B 342 13.90 -7.81 -35.96
C MET B 342 15.31 -8.00 -36.54
N VAL B 343 15.70 -7.09 -37.43
CA VAL B 343 17.03 -7.12 -38.01
C VAL B 343 17.90 -6.15 -37.23
N SER B 344 19.08 -6.60 -36.83
CA SER B 344 20.07 -5.74 -36.19
C SER B 344 21.47 -6.35 -36.20
N GLU B 345 22.48 -5.50 -36.02
CA GLU B 345 23.88 -5.94 -35.99
C GLU B 345 24.28 -6.45 -34.62
N ALA B 346 23.67 -5.91 -33.57
CA ALA B 346 24.02 -6.26 -32.19
C ALA B 346 22.91 -5.92 -31.20
N VAL B 347 22.60 -6.89 -30.34
CA VAL B 347 21.59 -6.73 -29.29
C VAL B 347 22.20 -7.05 -27.93
N GLN B 348 21.76 -6.34 -26.91
CA GLN B 348 22.07 -6.72 -25.54
C GLN B 348 20.85 -6.47 -24.65
N GLY B 349 20.85 -7.05 -23.46
CA GLY B 349 19.68 -6.94 -22.61
C GLY B 349 19.90 -7.33 -21.17
N GLN B 350 18.99 -6.88 -20.33
CA GLN B 350 19.01 -7.17 -18.91
C GLN B 350 17.57 -7.48 -18.45
N VAL B 351 17.43 -8.53 -17.63
CA VAL B 351 16.14 -8.88 -17.03
C VAL B 351 15.84 -7.92 -15.90
N HIS B 352 14.58 -7.50 -15.83
CA HIS B 352 14.07 -6.78 -14.67
C HIS B 352 13.08 -7.63 -13.91
N PRO B 353 13.25 -7.71 -12.59
CA PRO B 353 12.43 -8.62 -11.81
C PRO B 353 11.01 -8.10 -11.59
N ASN B 354 10.05 -9.01 -11.69
CA ASN B 354 8.70 -8.72 -11.18
C ASN B 354 8.18 -7.34 -11.62
N TYR B 355 8.23 -7.10 -12.94
CA TYR B 355 8.02 -5.75 -13.46
C TYR B 355 6.57 -5.45 -13.86
N PHE B 356 5.83 -6.49 -14.25
CA PHE B 356 4.40 -6.36 -14.49
C PHE B 356 3.58 -7.51 -13.90
N TRP B 357 2.28 -7.26 -13.73
CA TRP B 357 1.31 -8.20 -13.20
C TRP B 357 0.54 -8.91 -14.29
N MET B 358 0.38 -10.23 -14.13
CA MET B 358 -0.43 -11.03 -15.05
C MET B 358 -1.41 -11.84 -14.25
N VAL B 359 -2.55 -12.21 -14.86
CA VAL B 359 -3.42 -13.21 -14.25
C VAL B 359 -2.84 -14.62 -14.39
N SER B 360 -2.77 -15.34 -13.28
CA SER B 360 -2.16 -16.66 -13.28
C SER B 360 -2.55 -17.46 -12.05
N GLY B 361 -1.92 -18.63 -11.91
CA GLY B 361 -2.06 -19.48 -10.73
C GLY B 361 -0.77 -20.24 -10.46
N MET C 3 -19.36 23.80 -31.61
CA MET C 3 -19.38 24.97 -32.54
C MET C 3 -18.00 25.67 -32.64
N GLY C 4 -17.30 25.42 -33.75
CA GLY C 4 -15.95 25.98 -33.98
C GLY C 4 -15.51 26.07 -35.45
N SER C 5 -15.61 24.96 -36.17
CA SER C 5 -15.46 24.86 -37.64
C SER C 5 -15.71 23.40 -38.05
N GLY C 6 -15.91 23.13 -39.34
CA GLY C 6 -15.78 21.74 -39.79
C GLY C 6 -16.75 21.19 -40.80
N VAL C 7 -16.33 20.25 -41.64
CA VAL C 7 -14.93 19.74 -41.87
C VAL C 7 -14.12 18.90 -40.85
N LEU C 8 -13.98 17.63 -41.18
CA LEU C 8 -13.05 16.75 -40.46
C LEU C 8 -11.70 16.87 -41.16
N PRO C 9 -10.60 16.81 -40.39
CA PRO C 9 -9.25 16.77 -40.98
C PRO C 9 -9.07 15.58 -41.91
N ARG C 10 -8.15 15.71 -42.85
CA ARG C 10 -7.71 14.61 -43.70
C ARG C 10 -6.19 14.50 -43.70
N PRO C 11 -5.64 13.35 -43.27
CA PRO C 11 -6.41 12.16 -42.89
C PRO C 11 -7.08 12.32 -41.52
N CYS C 12 -8.01 11.44 -41.17
CA CYS C 12 -8.47 11.43 -39.78
C CYS C 12 -8.56 10.03 -39.14
N ARG C 13 -8.63 10.03 -37.81
CA ARG C 13 -8.81 8.84 -36.98
C ARG C 13 -10.17 8.90 -36.32
N VAL C 14 -10.85 7.76 -36.31
CA VAL C 14 -12.23 7.68 -35.93
C VAL C 14 -12.51 6.47 -35.04
N LEU C 15 -13.22 6.71 -33.95
CA LEU C 15 -13.69 5.64 -33.09
C LEU C 15 -15.04 5.17 -33.61
N VAL C 16 -15.17 3.87 -33.82
CA VAL C 16 -16.43 3.30 -34.29
C VAL C 16 -17.00 2.43 -33.18
N LEU C 17 -18.12 2.87 -32.63
CA LEU C 17 -18.88 2.11 -31.66
C LEU C 17 -19.95 1.34 -32.39
N LEU C 18 -19.88 0.02 -32.30
CA LEU C 18 -20.71 -0.83 -33.09
C LEU C 18 -21.46 -1.84 -32.21
N ASN C 19 -22.76 -1.97 -32.45
CA ASN C 19 -23.56 -3.00 -31.81
C ASN C 19 -23.70 -4.21 -32.75
N PRO C 20 -22.99 -5.31 -32.44
CA PRO C 20 -22.96 -6.43 -33.37
C PRO C 20 -24.31 -7.18 -33.44
N ARG C 21 -25.08 -7.11 -32.36
CA ARG C 21 -26.44 -7.64 -32.39
C ARG C 21 -27.32 -6.92 -33.43
N GLY C 22 -27.08 -5.63 -33.66
CA GLY C 22 -27.86 -4.84 -34.62
C GLY C 22 -27.78 -5.31 -36.06
N GLY C 23 -28.76 -4.88 -36.88
CA GLY C 23 -28.93 -5.35 -38.27
C GLY C 23 -29.21 -6.83 -38.17
N LYS C 24 -30.12 -7.15 -37.25
CA LYS C 24 -30.04 -8.36 -36.43
C LYS C 24 -29.09 -9.46 -36.90
N GLY C 25 -27.93 -9.51 -36.24
CA GLY C 25 -26.85 -10.43 -36.54
C GLY C 25 -25.70 -9.80 -37.31
N LYS C 26 -26.00 -8.87 -38.21
CA LYS C 26 -25.05 -8.53 -39.27
C LYS C 26 -24.23 -7.22 -39.17
N ALA C 27 -24.48 -6.40 -38.15
CA ALA C 27 -23.85 -5.07 -38.07
C ALA C 27 -22.35 -5.03 -38.39
N LEU C 28 -21.58 -5.95 -37.82
CA LEU C 28 -20.14 -5.99 -38.07
C LEU C 28 -19.80 -6.48 -39.47
N GLN C 29 -20.56 -7.43 -39.99
CA GLN C 29 -20.39 -7.93 -41.35
C GLN C 29 -20.57 -6.77 -42.34
N LEU C 30 -21.66 -6.01 -42.15
CA LEU C 30 -21.94 -4.85 -42.97
C LEU C 30 -20.88 -3.75 -42.88
N PHE C 31 -20.32 -3.53 -41.69
CA PHE C 31 -19.15 -2.66 -41.59
C PHE C 31 -18.02 -3.09 -42.52
N ARG C 32 -17.74 -4.40 -42.51
CA ARG C 32 -16.54 -4.92 -43.16
C ARG C 32 -16.71 -4.88 -44.68
N SER C 33 -17.93 -5.18 -45.14
CA SER C 33 -18.24 -5.16 -46.57
C SER C 33 -18.68 -3.81 -47.19
N HIS C 34 -19.31 -2.91 -46.42
CA HIS C 34 -19.88 -1.67 -46.99
C HIS C 34 -19.23 -0.40 -46.51
N VAL C 35 -18.82 -0.38 -45.25
CA VAL C 35 -18.19 0.79 -44.66
C VAL C 35 -16.68 0.81 -44.85
N GLN C 36 -15.99 -0.25 -44.41
CA GLN C 36 -14.51 -0.27 -44.35
C GLN C 36 -13.79 0.04 -45.68
N PRO C 37 -14.21 -0.59 -46.80
CA PRO C 37 -13.45 -0.34 -48.03
C PRO C 37 -13.48 1.13 -48.43
N LEU C 38 -14.62 1.79 -48.18
CA LEU C 38 -14.77 3.22 -48.46
C LEU C 38 -13.90 4.07 -47.53
N LEU C 39 -13.79 3.68 -46.26
CA LEU C 39 -12.96 4.44 -45.31
C LEU C 39 -11.46 4.46 -45.66
N ALA C 40 -10.94 3.32 -46.10
CA ALA C 40 -9.51 3.21 -46.44
C ALA C 40 -9.24 4.06 -47.66
N GLU C 41 -10.14 3.97 -48.63
CA GLU C 41 -10.12 4.84 -49.81
C GLU C 41 -10.09 6.33 -49.42
N ALA C 42 -10.86 6.70 -48.39
CA ALA C 42 -10.97 8.10 -47.93
C ALA C 42 -9.86 8.53 -46.97
N GLU C 43 -8.97 7.60 -46.61
CA GLU C 43 -7.93 7.83 -45.59
C GLU C 43 -8.47 8.13 -44.19
N ILE C 44 -9.65 7.62 -43.90
CA ILE C 44 -10.21 7.64 -42.55
C ILE C 44 -9.81 6.31 -41.87
N SER C 45 -8.84 6.36 -40.96
CA SER C 45 -8.52 5.18 -40.18
C SER C 45 -9.40 5.15 -38.92
N PHE C 46 -9.74 3.93 -38.49
CA PHE C 46 -10.73 3.70 -37.44
C PHE C 46 -10.25 2.67 -36.42
N THR C 47 -10.90 2.67 -35.24
CA THR C 47 -10.87 1.49 -34.39
C THR C 47 -12.27 1.06 -34.01
N LEU C 48 -12.55 -0.22 -34.20
CA LEU C 48 -13.82 -0.78 -33.80
C LEU C 48 -13.79 -1.08 -32.31
N MET C 49 -14.86 -0.68 -31.63
CA MET C 49 -15.07 -0.98 -30.24
C MET C 49 -16.48 -1.51 -30.23
N LEU C 50 -16.66 -2.73 -29.71
CA LEU C 50 -17.97 -3.35 -29.78
C LEU C 50 -18.80 -3.04 -28.55
N THR C 51 -20.07 -2.73 -28.77
CA THR C 51 -20.94 -2.36 -27.69
C THR C 51 -21.88 -3.50 -27.30
N GLU C 52 -21.81 -3.85 -26.02
CA GLU C 52 -22.33 -5.13 -25.49
C GLU C 52 -23.71 -5.05 -24.82
N ARG C 53 -23.96 -3.99 -24.06
CA ARG C 53 -25.16 -3.90 -23.23
C ARG C 53 -25.66 -2.45 -23.15
N ARG C 54 -26.79 -2.26 -22.46
CA ARG C 54 -27.33 -0.93 -22.13
C ARG C 54 -26.29 -0.07 -21.35
N ASN C 55 -26.18 1.20 -21.76
CA ASN C 55 -25.22 2.15 -21.14
C ASN C 55 -23.74 1.82 -21.35
N HIS C 56 -23.46 0.82 -22.19
CA HIS C 56 -22.10 0.47 -22.47
C HIS C 56 -21.42 1.59 -23.21
N ALA C 57 -22.01 2.03 -24.32
CA ALA C 57 -21.48 3.17 -25.07
C ALA C 57 -21.42 4.41 -24.23
N ARG C 58 -22.46 4.63 -23.43
CA ARG C 58 -22.56 5.84 -22.61
C ARG C 58 -21.36 5.98 -21.66
N GLU C 59 -21.03 4.90 -20.95
CA GLU C 59 -19.91 4.90 -20.02
C GLU C 59 -18.58 5.02 -20.73
N LEU C 60 -18.45 4.36 -21.88
CA LEU C 60 -17.20 4.44 -22.63
C LEU C 60 -16.94 5.88 -23.04
N VAL C 61 -17.93 6.47 -23.70
CA VAL C 61 -17.85 7.85 -24.18
C VAL C 61 -17.58 8.82 -23.02
N ARG C 62 -18.21 8.55 -21.89
CA ARG C 62 -18.02 9.36 -20.69
C ARG C 62 -16.58 9.34 -20.16
N SER C 63 -15.87 8.23 -20.31
CA SER C 63 -14.51 8.15 -19.76
C SER C 63 -13.44 8.14 -20.82
N GLU C 64 -13.87 8.21 -22.08
CA GLU C 64 -12.95 8.20 -23.21
C GLU C 64 -11.97 9.38 -23.19
N GLU C 65 -10.74 9.12 -23.62
CA GLU C 65 -9.77 10.16 -23.92
C GLU C 65 -10.15 10.69 -25.30
N LEU C 66 -10.85 11.82 -25.34
CA LEU C 66 -11.44 12.31 -26.59
C LEU C 66 -10.41 12.87 -27.57
N GLY C 67 -9.27 13.32 -27.05
CA GLY C 67 -8.19 13.89 -27.87
C GLY C 67 -7.60 12.98 -28.90
N ARG C 68 -7.83 11.67 -28.79
CA ARG C 68 -7.29 10.71 -29.77
C ARG C 68 -8.17 10.55 -31.01
N TRP C 69 -9.40 11.07 -30.99
CA TRP C 69 -10.31 10.86 -32.10
C TRP C 69 -10.70 12.16 -32.76
N ASP C 70 -10.98 12.10 -34.06
CA ASP C 70 -11.45 13.27 -34.83
C ASP C 70 -12.96 13.26 -34.97
N ALA C 71 -13.55 12.07 -34.85
CA ALA C 71 -15.00 11.89 -34.73
C ALA C 71 -15.33 10.55 -34.06
N LEU C 72 -16.52 10.49 -33.47
CA LEU C 72 -17.08 9.26 -32.98
C LEU C 72 -18.15 8.84 -33.97
N VAL C 73 -18.03 7.63 -34.51
CA VAL C 73 -19.07 7.11 -35.37
C VAL C 73 -19.78 5.96 -34.69
N VAL C 74 -21.09 5.99 -34.85
CA VAL C 74 -21.97 5.17 -34.10
C VAL C 74 -22.71 4.32 -35.12
N MET C 75 -22.38 3.02 -35.13
CA MET C 75 -22.98 2.09 -36.06
C MET C 75 -23.97 1.17 -35.37
N SER C 76 -25.22 1.59 -35.32
CA SER C 76 -26.24 0.86 -34.61
C SER C 76 -27.61 1.40 -34.99
N GLY C 77 -28.36 1.83 -33.99
CA GLY C 77 -29.64 2.53 -34.17
C GLY C 77 -29.62 3.87 -33.45
N ASP C 78 -30.76 4.55 -33.42
CA ASP C 78 -30.81 5.88 -32.82
C ASP C 78 -30.46 5.81 -31.34
N GLY C 79 -30.82 4.70 -30.70
CA GLY C 79 -30.59 4.50 -29.28
C GLY C 79 -29.13 4.57 -28.88
N LEU C 80 -28.23 4.15 -29.76
CA LEU C 80 -26.81 4.24 -29.47
C LEU C 80 -26.38 5.70 -29.50
N MET C 81 -26.86 6.46 -30.49
CA MET C 81 -26.60 7.90 -30.55
C MET C 81 -27.07 8.59 -29.26
N HIS C 82 -28.28 8.28 -28.83
CA HIS C 82 -28.78 8.77 -27.54
C HIS C 82 -27.81 8.56 -26.40
N GLU C 83 -27.27 7.35 -26.27
CA GLU C 83 -26.29 7.05 -25.21
C GLU C 83 -24.98 7.83 -25.35
N VAL C 84 -24.48 7.93 -26.58
CA VAL C 84 -23.26 8.67 -26.80
C VAL C 84 -23.44 10.13 -26.37
N VAL C 85 -24.51 10.77 -26.88
CA VAL C 85 -24.75 12.18 -26.58
C VAL C 85 -24.88 12.40 -25.08
N ASN C 86 -25.69 11.58 -24.42
CA ASN C 86 -25.82 11.68 -22.98
C ASN C 86 -24.53 11.43 -22.23
N GLY C 87 -23.69 10.54 -22.77
CA GLY C 87 -22.39 10.24 -22.18
C GLY C 87 -21.56 11.50 -22.15
N LEU C 88 -21.44 12.14 -23.31
CA LEU C 88 -20.61 13.36 -23.44
C LEU C 88 -21.14 14.45 -22.53
N MET C 89 -22.47 14.55 -22.45
CA MET C 89 -23.10 15.58 -21.62
C MET C 89 -22.98 15.29 -20.12
N GLU C 90 -22.61 14.07 -19.75
CA GLU C 90 -22.40 13.72 -18.35
C GLU C 90 -20.97 13.99 -17.87
N ARG C 91 -20.11 14.42 -18.78
CA ARG C 91 -18.70 14.65 -18.45
C ARG C 91 -18.51 15.98 -17.69
N PRO C 92 -17.44 16.09 -16.89
CA PRO C 92 -17.09 17.40 -16.33
C PRO C 92 -16.65 18.42 -17.39
N ASP C 93 -16.05 17.95 -18.49
CA ASP C 93 -15.61 18.82 -19.58
C ASP C 93 -16.63 18.82 -20.73
N TRP C 94 -17.90 18.67 -20.37
CA TRP C 94 -19.01 18.56 -21.32
C TRP C 94 -19.10 19.68 -22.32
N GLU C 95 -18.63 20.89 -21.94
CA GLU C 95 -18.64 22.05 -22.83
C GLU C 95 -17.72 21.82 -24.02
N THR C 96 -16.56 21.25 -23.74
CA THR C 96 -15.64 20.91 -24.81
C THR C 96 -15.99 19.54 -25.38
N ALA C 97 -16.45 18.63 -24.53
CA ALA C 97 -16.78 17.27 -24.95
C ALA C 97 -17.92 17.21 -25.98
N ILE C 98 -18.99 17.98 -25.76
CA ILE C 98 -20.13 17.97 -26.70
C ILE C 98 -19.76 18.48 -28.10
N GLN C 99 -18.58 19.06 -28.24
CA GLN C 99 -18.09 19.53 -29.55
C GLN C 99 -17.48 18.48 -30.47
N LYS C 100 -17.27 17.26 -29.97
CA LYS C 100 -16.68 16.21 -30.78
C LYS C 100 -17.64 15.79 -31.88
N PRO C 101 -17.17 15.81 -33.14
CA PRO C 101 -18.04 15.46 -34.25
C PRO C 101 -18.52 14.03 -34.16
N LEU C 102 -19.82 13.83 -34.38
CA LEU C 102 -20.47 12.55 -34.27
C LEU C 102 -20.97 12.13 -35.65
N CYS C 103 -21.19 10.83 -35.84
CA CYS C 103 -21.65 10.31 -37.12
C CYS C 103 -22.60 9.15 -36.89
N SER C 104 -23.60 9.00 -37.76
CA SER C 104 -24.57 7.94 -37.59
C SER C 104 -24.58 7.00 -38.79
N LEU C 105 -24.24 5.74 -38.55
CA LEU C 105 -24.26 4.72 -39.61
C LEU C 105 -25.36 3.75 -39.27
N PRO C 106 -26.28 3.51 -40.22
CA PRO C 106 -27.44 2.71 -39.88
C PRO C 106 -27.10 1.23 -39.88
N ALA C 107 -27.63 0.49 -38.92
CA ALA C 107 -27.46 -0.95 -38.86
C ALA C 107 -28.78 -1.57 -38.47
N GLY C 108 -29.16 -1.39 -37.20
CA GLY C 108 -30.35 -2.00 -36.63
C GLY C 108 -31.67 -1.55 -37.24
N SER C 109 -32.71 -1.55 -36.41
CA SER C 109 -33.97 -0.94 -36.77
C SER C 109 -34.03 0.35 -35.96
N GLY C 110 -34.86 1.30 -36.40
CA GLY C 110 -34.86 2.63 -35.79
C GLY C 110 -33.59 3.35 -36.21
N ASN C 111 -33.55 3.72 -37.49
CA ASN C 111 -32.44 4.48 -38.05
C ASN C 111 -32.91 5.84 -38.60
N ALA C 112 -33.70 6.51 -37.76
CA ALA C 112 -34.36 7.77 -38.10
C ALA C 112 -33.37 8.91 -38.33
N LEU C 113 -32.41 9.05 -37.42
CA LEU C 113 -31.38 10.07 -37.55
C LEU C 113 -30.60 9.89 -38.87
N ALA C 114 -30.07 8.70 -39.11
CA ALA C 114 -29.41 8.41 -40.38
C ALA C 114 -30.31 8.71 -41.59
N ALA C 115 -31.59 8.38 -41.48
CA ALA C 115 -32.53 8.54 -42.59
C ALA C 115 -32.81 10.01 -42.87
N SER C 116 -32.89 10.80 -41.79
CA SER C 116 -33.04 12.26 -41.85
C SER C 116 -31.84 12.91 -42.53
N LEU C 117 -30.65 12.50 -42.14
CA LEU C 117 -29.40 13.08 -42.68
C LEU C 117 -29.25 12.70 -44.14
N ASN C 118 -29.65 11.48 -44.47
CA ASN C 118 -29.75 11.05 -45.87
C ASN C 118 -30.70 11.97 -46.68
N HIS C 119 -31.86 12.28 -46.09
CA HIS C 119 -32.84 13.12 -46.78
C HIS C 119 -32.32 14.53 -47.00
N TYR C 120 -31.78 15.15 -45.93
CA TYR C 120 -31.12 16.47 -46.02
C TYR C 120 -30.04 16.56 -47.09
N ALA C 121 -29.39 15.43 -47.40
CA ALA C 121 -28.29 15.41 -48.37
C ALA C 121 -28.79 15.31 -49.82
N GLY C 122 -30.09 15.02 -49.98
CA GLY C 122 -30.71 15.00 -51.30
C GLY C 122 -30.97 13.64 -51.93
N TYR C 123 -30.69 12.56 -51.20
CA TYR C 123 -30.85 11.22 -51.74
C TYR C 123 -32.31 10.76 -51.69
N GLU C 124 -32.64 9.80 -52.54
CA GLU C 124 -33.90 9.07 -52.41
C GLU C 124 -34.02 8.47 -51.01
N GLN C 125 -35.25 8.25 -50.58
CA GLN C 125 -35.55 7.62 -49.32
C GLN C 125 -35.21 6.13 -49.46
N VAL C 126 -33.91 5.82 -49.42
CA VAL C 126 -33.39 4.45 -49.58
C VAL C 126 -33.37 3.73 -48.24
N THR C 127 -33.08 2.43 -48.30
CA THR C 127 -33.18 1.55 -47.12
C THR C 127 -31.99 0.57 -47.00
N ASN C 128 -31.81 -0.02 -45.81
CA ASN C 128 -30.85 -1.13 -45.64
C ASN C 128 -29.42 -0.80 -46.04
N GLU C 129 -28.82 -1.60 -46.93
CA GLU C 129 -27.43 -1.36 -47.30
C GLU C 129 -27.23 -0.15 -48.21
N ASP C 130 -28.24 0.18 -49.02
CA ASP C 130 -28.26 1.44 -49.79
C ASP C 130 -28.15 2.65 -48.86
N LEU C 131 -28.90 2.61 -47.76
CA LEU C 131 -28.86 3.67 -46.76
C LEU C 131 -27.49 3.71 -46.10
N LEU C 132 -27.00 2.52 -45.72
CA LEU C 132 -25.69 2.42 -45.09
C LEU C 132 -24.61 3.00 -45.99
N THR C 133 -24.64 2.64 -47.28
CA THR C 133 -23.65 3.17 -48.22
C THR C 133 -23.65 4.72 -48.29
N ASN C 134 -24.83 5.32 -48.50
CA ASN C 134 -24.96 6.79 -48.54
C ASN C 134 -24.38 7.45 -47.28
N CYS C 135 -24.90 7.05 -46.12
CA CYS C 135 -24.44 7.63 -44.86
C CYS C 135 -22.93 7.50 -44.71
N THR C 136 -22.36 6.44 -45.30
CA THR C 136 -20.91 6.20 -45.24
C THR C 136 -20.16 7.15 -46.16
N LEU C 137 -20.70 7.36 -47.36
CA LEU C 137 -20.20 8.37 -48.29
C LEU C 137 -20.18 9.75 -47.66
N LEU C 138 -21.26 10.07 -46.94
CA LEU C 138 -21.36 11.33 -46.21
C LEU C 138 -20.18 11.49 -45.26
N LEU C 139 -19.81 10.40 -44.57
CA LEU C 139 -18.66 10.43 -43.67
C LEU C 139 -17.35 10.58 -44.47
N CYS C 140 -17.25 9.89 -45.59
CA CYS C 140 -16.08 9.96 -46.46
C CYS C 140 -15.87 11.37 -47.05
N ARG C 141 -16.98 12.08 -47.26
CA ARG C 141 -16.92 13.50 -47.69
C ARG C 141 -16.50 14.49 -46.60
N ARG C 142 -16.52 14.06 -45.33
CA ARG C 142 -15.93 14.84 -44.22
C ARG C 142 -16.63 16.15 -43.75
N LEU C 143 -17.84 16.42 -44.21
CA LEU C 143 -18.49 17.68 -43.86
C LEU C 143 -19.49 17.48 -42.72
N LEU C 144 -19.52 18.47 -41.83
CA LEU C 144 -20.39 18.51 -40.66
C LEU C 144 -21.51 19.58 -40.74
N SER C 145 -22.60 19.38 -39.99
CA SER C 145 -23.64 20.39 -39.75
C SER C 145 -23.92 20.44 -38.26
N PRO C 146 -24.17 21.64 -37.72
CA PRO C 146 -24.59 21.65 -36.33
C PRO C 146 -26.04 21.12 -36.25
N MET C 147 -26.42 20.56 -35.11
CA MET C 147 -27.75 19.98 -34.95
C MET C 147 -28.36 20.45 -33.65
N ASN C 148 -29.68 20.53 -33.62
CA ASN C 148 -30.38 20.86 -32.39
C ASN C 148 -30.32 19.72 -31.37
N LEU C 149 -30.31 20.08 -30.08
CA LEU C 149 -30.36 19.10 -29.02
C LEU C 149 -31.52 19.47 -28.08
N LEU C 150 -32.31 18.47 -27.69
CA LEU C 150 -33.44 18.66 -26.75
C LEU C 150 -32.98 18.43 -25.31
N SER C 151 -33.22 19.39 -24.44
CA SER C 151 -32.92 19.22 -23.02
C SER C 151 -34.21 18.85 -22.30
N LEU C 152 -34.19 17.77 -21.52
CA LEU C 152 -35.41 17.26 -20.85
C LEU C 152 -35.32 17.23 -19.34
N HIS C 153 -36.46 17.47 -18.68
CA HIS C 153 -36.53 17.34 -17.23
C HIS C 153 -37.69 16.48 -16.86
N THR C 154 -37.47 15.57 -15.91
CA THR C 154 -38.56 14.72 -15.43
C THR C 154 -38.98 15.12 -14.02
N ALA C 155 -40.21 14.73 -13.66
CA ALA C 155 -40.74 14.89 -12.30
C ALA C 155 -39.75 14.45 -11.23
N SER C 156 -39.06 13.34 -11.50
CA SER C 156 -38.08 12.78 -10.56
C SER C 156 -36.83 13.66 -10.43
N GLY C 157 -36.69 14.63 -11.33
CA GLY C 157 -35.58 15.57 -11.27
C GLY C 157 -34.38 15.07 -12.05
N LEU C 158 -34.61 14.10 -12.92
CA LEU C 158 -33.56 13.64 -13.81
C LEU C 158 -33.45 14.60 -14.98
N ARG C 159 -32.22 14.94 -15.32
CA ARG C 159 -31.98 15.68 -16.54
C ARG C 159 -31.33 14.80 -17.62
N LEU C 160 -31.92 14.78 -18.80
CA LEU C 160 -31.35 14.02 -19.93
C LEU C 160 -31.48 14.73 -21.28
N PHE C 161 -30.75 14.24 -22.28
CA PHE C 161 -30.74 14.85 -23.58
C PHE C 161 -31.24 13.94 -24.67
N SER C 162 -31.77 14.54 -25.72
CA SER C 162 -32.50 13.81 -26.75
C SER C 162 -32.09 14.39 -28.09
N VAL C 163 -31.64 13.54 -29.01
CA VAL C 163 -31.17 14.00 -30.32
C VAL C 163 -32.25 13.92 -31.40
N LEU C 164 -33.37 13.28 -31.11
CA LEU C 164 -34.32 12.93 -32.15
C LEU C 164 -35.79 13.14 -31.74
N SER C 165 -36.21 12.46 -30.68
CA SER C 165 -37.63 12.46 -30.33
C SER C 165 -37.97 12.21 -28.89
N LEU C 166 -39.18 12.58 -28.56
CA LEU C 166 -39.84 12.17 -27.34
C LEU C 166 -41.26 11.85 -27.76
N ALA C 167 -41.67 10.60 -27.54
CA ALA C 167 -43.03 10.16 -27.83
C ALA C 167 -43.76 9.70 -26.58
N TRP C 168 -45.08 9.78 -26.63
CA TRP C 168 -45.94 9.40 -25.51
C TRP C 168 -47.25 9.04 -26.11
N GLY C 169 -47.81 7.92 -25.64
CA GLY C 169 -49.01 7.40 -26.26
C GLY C 169 -48.71 6.34 -27.32
N PHE C 170 -49.52 6.34 -28.38
CA PHE C 170 -49.46 5.28 -29.38
C PHE C 170 -48.02 4.89 -29.73
N ILE C 171 -47.23 5.85 -30.19
CA ILE C 171 -45.87 5.59 -30.68
C ILE C 171 -44.99 4.98 -29.60
N ALA C 172 -45.02 5.57 -28.40
CA ALA C 172 -44.25 5.05 -27.28
C ALA C 172 -44.63 3.60 -26.96
N ASP C 173 -45.92 3.29 -27.04
CA ASP C 173 -46.41 1.94 -26.79
C ASP C 173 -45.97 0.95 -27.87
N VAL C 174 -45.96 1.38 -29.13
CA VAL C 174 -45.45 0.51 -30.20
C VAL C 174 -43.95 0.24 -30.02
N ASP C 175 -43.22 1.24 -29.53
CA ASP C 175 -41.77 1.11 -29.30
C ASP C 175 -41.40 0.10 -28.20
N LEU C 176 -42.12 0.13 -27.09
CA LEU C 176 -41.90 -0.83 -26.01
C LEU C 176 -42.40 -2.24 -26.39
N GLU C 177 -43.66 -2.35 -26.86
CA GLU C 177 -44.23 -3.63 -27.28
C GLU C 177 -43.47 -4.26 -28.46
N SER C 178 -42.89 -3.44 -29.33
CA SER C 178 -42.09 -3.95 -30.43
C SER C 178 -40.84 -4.67 -29.90
N GLU C 179 -40.49 -5.77 -30.58
CA GLU C 179 -39.45 -6.71 -30.15
C GLU C 179 -39.54 -7.90 -31.11
N LYS C 180 -38.85 -7.78 -32.24
CA LYS C 180 -38.99 -8.75 -33.33
C LYS C 180 -38.21 -8.36 -34.60
N TYR C 181 -37.07 -7.72 -34.39
CA TYR C 181 -36.12 -7.38 -35.48
C TYR C 181 -36.70 -6.72 -36.75
N ARG C 182 -37.13 -7.51 -37.71
CA ARG C 182 -37.75 -7.01 -38.93
C ARG C 182 -39.06 -7.73 -39.24
N MET C 187 -41.50 -4.56 -40.88
CA MET C 187 -40.64 -4.17 -39.75
C MET C 187 -41.40 -4.25 -38.43
N ARG C 188 -40.66 -4.44 -37.33
CA ARG C 188 -41.26 -4.45 -36.00
C ARG C 188 -42.22 -3.26 -35.77
N PHE C 189 -41.96 -2.13 -36.43
CA PHE C 189 -42.76 -0.91 -36.23
C PHE C 189 -44.09 -0.95 -36.97
N THR C 190 -44.08 -1.60 -38.14
CA THR C 190 -45.27 -1.85 -38.93
C THR C 190 -46.26 -2.81 -38.24
N LEU C 191 -45.86 -4.07 -38.05
CA LEU C 191 -46.74 -5.03 -37.38
C LEU C 191 -47.16 -4.46 -36.04
N GLY C 192 -46.17 -3.90 -35.34
CA GLY C 192 -46.41 -3.29 -34.03
C GLY C 192 -47.51 -2.25 -34.05
N THR C 193 -47.54 -1.45 -35.12
CA THR C 193 -48.59 -0.44 -35.31
C THR C 193 -49.95 -1.09 -35.65
N PHE C 194 -49.97 -1.98 -36.63
CA PHE C 194 -51.19 -2.70 -36.97
C PHE C 194 -51.86 -3.28 -35.73
N LEU C 195 -51.04 -3.81 -34.81
CA LEU C 195 -51.50 -4.37 -33.55
C LEU C 195 -52.12 -3.32 -32.62
N ARG C 196 -51.46 -2.17 -32.48
CA ARG C 196 -51.97 -1.07 -31.66
C ARG C 196 -53.18 -0.38 -32.30
N LEU C 197 -53.22 -0.35 -33.62
CA LEU C 197 -54.36 0.18 -34.36
C LEU C 197 -55.64 -0.54 -33.95
N ALA C 198 -55.71 -1.83 -34.29
CA ALA C 198 -56.87 -2.68 -33.98
C ALA C 198 -57.31 -2.51 -32.52
N ALA C 199 -56.35 -2.52 -31.61
CA ALA C 199 -56.65 -2.37 -30.19
C ALA C 199 -56.29 -0.95 -29.73
N LEU C 200 -56.89 0.04 -30.37
CA LEU C 200 -56.56 1.44 -30.11
C LEU C 200 -56.86 1.81 -28.67
N ARG C 201 -55.94 2.52 -28.03
CA ARG C 201 -56.22 3.12 -26.72
C ARG C 201 -55.95 4.62 -26.78
N THR C 202 -56.43 5.34 -25.77
CA THR C 202 -56.10 6.75 -25.64
C THR C 202 -55.52 6.99 -24.26
N TYR C 203 -54.95 8.17 -24.04
CA TYR C 203 -54.28 8.49 -22.77
C TYR C 203 -54.61 9.90 -22.32
N ARG C 204 -54.82 10.05 -21.02
CA ARG C 204 -55.19 11.34 -20.42
C ARG C 204 -53.96 12.08 -19.91
N GLY C 205 -53.87 13.38 -20.24
CA GLY C 205 -52.75 14.21 -19.80
C GLY C 205 -52.83 15.64 -20.31
N ARG C 206 -52.09 16.54 -19.66
CA ARG C 206 -52.09 17.96 -20.03
C ARG C 206 -50.84 18.33 -20.82
N LEU C 207 -51.03 18.61 -22.10
CA LEU C 207 -49.97 19.13 -22.97
C LEU C 207 -49.92 20.65 -22.88
N ALA C 208 -48.72 21.19 -22.71
CA ALA C 208 -48.47 22.64 -22.87
C ALA C 208 -47.18 22.85 -23.68
N TYR C 209 -47.03 24.03 -24.27
CA TYR C 209 -45.88 24.32 -25.14
C TYR C 209 -45.72 25.80 -25.51
N LEU C 210 -44.52 26.14 -26.00
CA LEU C 210 -44.17 27.49 -26.41
C LEU C 210 -43.82 27.52 -27.90
N PRO C 211 -44.73 28.04 -28.75
CA PRO C 211 -44.48 27.99 -30.19
C PRO C 211 -43.42 29.00 -30.61
N VAL C 212 -42.97 28.87 -31.85
CA VAL C 212 -41.80 29.55 -32.39
C VAL C 212 -41.89 31.10 -32.41
N GLY C 213 -43.08 31.61 -32.70
CA GLY C 213 -43.28 33.05 -32.92
C GLY C 213 -43.07 34.01 -31.75
N ARG C 214 -43.33 33.55 -30.53
CA ARG C 214 -43.40 34.45 -29.38
C ARG C 214 -42.06 34.68 -28.68
N GLN C 228 -22.26 22.63 -15.25
CA GLN C 228 -23.59 22.29 -14.72
C GLN C 228 -24.50 21.63 -15.77
N GLY C 229 -24.35 22.06 -17.02
CA GLY C 229 -25.26 21.73 -18.10
C GLY C 229 -25.81 23.04 -18.64
N PRO C 230 -26.29 23.06 -19.90
CA PRO C 230 -26.82 24.29 -20.50
C PRO C 230 -28.07 24.80 -19.79
N VAL C 231 -28.17 26.13 -19.68
CA VAL C 231 -29.31 26.80 -19.06
C VAL C 231 -30.55 26.68 -19.93
N ASP C 232 -31.65 26.24 -19.31
CA ASP C 232 -32.93 26.09 -19.99
C ASP C 232 -33.82 27.31 -19.70
N ALA C 233 -33.52 28.44 -20.34
CA ALA C 233 -34.11 29.75 -20.02
C ALA C 233 -35.63 29.84 -20.27
N HIS C 234 -36.15 29.00 -21.17
CA HIS C 234 -37.59 29.00 -21.45
C HIS C 234 -38.43 28.20 -20.50
N LEU C 235 -37.79 27.60 -19.48
CA LEU C 235 -38.48 26.67 -18.58
C LEU C 235 -38.53 27.12 -17.13
N VAL C 236 -39.66 26.84 -16.49
CA VAL C 236 -39.85 27.10 -15.07
C VAL C 236 -40.19 25.77 -14.41
N PRO C 237 -39.60 25.50 -13.22
CA PRO C 237 -39.84 24.27 -12.44
C PRO C 237 -41.23 23.64 -12.63
N LEU C 238 -41.29 22.31 -12.61
CA LEU C 238 -42.55 21.58 -12.81
C LEU C 238 -43.61 21.84 -11.71
N GLU C 239 -43.16 22.32 -10.55
CA GLU C 239 -44.03 22.75 -9.44
C GLU C 239 -44.98 23.89 -9.82
N GLU C 240 -44.43 25.01 -10.32
CA GLU C 240 -45.27 26.11 -10.82
C GLU C 240 -45.84 25.81 -12.22
N PRO C 241 -46.98 26.44 -12.55
CA PRO C 241 -47.58 26.27 -13.87
C PRO C 241 -46.78 26.99 -14.95
N VAL C 242 -47.11 26.70 -16.20
CA VAL C 242 -46.40 27.26 -17.34
C VAL C 242 -46.62 28.77 -17.42
N PRO C 243 -45.56 29.53 -17.79
CA PRO C 243 -45.72 30.97 -18.00
C PRO C 243 -46.78 31.22 -19.08
N SER C 244 -47.60 32.25 -18.88
CA SER C 244 -48.85 32.38 -19.64
C SER C 244 -48.75 32.80 -21.11
N HIS C 245 -47.53 32.95 -21.64
CA HIS C 245 -47.37 33.12 -23.11
C HIS C 245 -47.26 31.81 -23.87
N TRP C 246 -47.29 30.71 -23.10
CA TRP C 246 -47.35 29.35 -23.63
C TRP C 246 -48.77 29.01 -23.95
N THR C 247 -48.98 28.23 -25.00
CA THR C 247 -50.29 27.64 -25.29
C THR C 247 -50.55 26.40 -24.41
N VAL C 248 -51.60 26.44 -23.58
CA VAL C 248 -52.12 25.26 -22.90
C VAL C 248 -53.22 24.64 -23.78
N VAL C 249 -52.99 23.42 -24.24
CA VAL C 249 -53.92 22.71 -25.14
C VAL C 249 -55.20 22.30 -24.39
N PRO C 250 -56.38 22.59 -24.99
CA PRO C 250 -57.65 22.37 -24.30
C PRO C 250 -57.92 20.90 -24.02
N ASP C 251 -57.92 20.08 -25.08
CA ASP C 251 -58.18 18.64 -24.99
C ASP C 251 -57.19 17.99 -24.04
N GLU C 252 -57.71 17.27 -23.04
CA GLU C 252 -56.85 16.53 -22.12
C GLU C 252 -56.90 15.00 -22.33
N ASP C 253 -57.16 14.62 -23.58
CA ASP C 253 -57.19 13.23 -24.02
C ASP C 253 -56.54 13.15 -25.39
N PHE C 254 -55.62 12.19 -25.54
CA PHE C 254 -54.81 12.05 -26.76
C PHE C 254 -54.63 10.59 -27.16
N VAL C 255 -54.31 10.36 -28.43
CA VAL C 255 -53.69 9.09 -28.78
C VAL C 255 -52.16 9.21 -28.70
N LEU C 256 -51.61 10.34 -29.17
CA LEU C 256 -50.15 10.51 -29.20
C LEU C 256 -49.65 11.95 -29.06
N VAL C 257 -48.48 12.10 -28.46
CA VAL C 257 -47.72 13.35 -28.51
C VAL C 257 -46.33 13.00 -29.02
N LEU C 258 -45.83 13.78 -29.97
CA LEU C 258 -44.51 13.57 -30.56
C LEU C 258 -43.77 14.90 -30.76
N ALA C 259 -42.77 15.14 -29.92
CA ALA C 259 -41.78 16.17 -30.18
C ALA C 259 -40.64 15.54 -30.99
N LEU C 260 -40.46 16.03 -32.21
CA LEU C 260 -39.52 15.46 -33.17
C LEU C 260 -38.59 16.55 -33.71
N LEU C 261 -37.28 16.26 -33.71
CA LEU C 261 -36.28 17.25 -34.09
C LEU C 261 -35.84 17.17 -35.53
N HIS C 262 -36.34 16.16 -36.24
CA HIS C 262 -35.81 15.87 -37.57
C HIS C 262 -36.89 15.52 -38.54
N SER C 263 -36.54 15.32 -39.79
CA SER C 263 -37.53 15.01 -40.83
C SER C 263 -38.18 13.63 -40.68
N HIS C 264 -37.43 12.68 -40.12
CA HIS C 264 -37.81 11.25 -40.16
C HIS C 264 -37.95 10.58 -38.82
N LEU C 265 -39.01 9.76 -38.72
CA LEU C 265 -39.22 8.88 -37.57
C LEU C 265 -38.59 7.53 -37.83
N GLY C 266 -38.31 7.24 -39.09
CA GLY C 266 -37.68 5.99 -39.47
C GLY C 266 -37.26 6.14 -40.91
N SER C 267 -36.47 5.20 -41.42
CA SER C 267 -35.99 5.26 -42.79
C SER C 267 -37.14 5.26 -43.81
N GLU C 268 -38.35 4.96 -43.36
CA GLU C 268 -39.52 4.93 -44.24
C GLU C 268 -40.74 5.61 -43.61
N MET C 269 -40.47 6.44 -42.62
CA MET C 269 -41.49 7.23 -41.99
C MET C 269 -41.15 8.73 -42.13
N PHE C 270 -41.54 9.33 -43.26
CA PHE C 270 -41.22 10.75 -43.55
C PHE C 270 -42.23 11.63 -42.81
N ALA C 271 -41.99 11.82 -41.51
CA ALA C 271 -42.99 12.33 -40.60
C ALA C 271 -43.13 13.86 -40.59
N ALA C 272 -42.07 14.56 -40.99
CA ALA C 272 -42.07 16.02 -40.94
C ALA C 272 -41.58 16.58 -42.27
N PRO C 273 -42.47 16.57 -43.28
CA PRO C 273 -42.13 16.88 -44.66
C PRO C 273 -42.30 18.37 -44.99
N MET C 274 -42.51 19.18 -43.96
CA MET C 274 -42.54 20.63 -44.14
C MET C 274 -41.10 21.06 -44.51
N GLY C 275 -40.33 21.59 -43.58
CA GLY C 275 -38.94 21.85 -43.92
C GLY C 275 -38.01 21.34 -42.84
N ARG C 276 -36.72 21.32 -43.14
CA ARG C 276 -35.72 21.01 -42.15
C ARG C 276 -35.85 22.01 -40.99
N CYS C 277 -35.84 21.52 -39.76
CA CYS C 277 -35.94 22.39 -38.60
C CYS C 277 -34.80 23.40 -38.62
N ALA C 278 -35.12 24.66 -38.34
CA ALA C 278 -34.10 25.69 -38.17
C ALA C 278 -33.46 25.53 -36.79
N ALA C 279 -32.29 26.15 -36.64
CA ALA C 279 -31.67 26.30 -35.33
C ALA C 279 -32.72 26.60 -34.25
N GLY C 280 -32.82 25.72 -33.25
CA GLY C 280 -33.58 26.01 -32.04
C GLY C 280 -35.07 25.75 -32.10
N VAL C 281 -35.52 25.17 -33.20
CA VAL C 281 -36.91 24.84 -33.43
C VAL C 281 -37.04 23.33 -33.48
N MET C 282 -38.13 22.80 -32.92
CA MET C 282 -38.47 21.40 -33.12
C MET C 282 -39.96 21.23 -33.46
N HIS C 283 -40.29 20.17 -34.21
CA HIS C 283 -41.67 19.84 -34.53
C HIS C 283 -42.40 19.26 -33.36
N LEU C 284 -43.66 19.66 -33.19
CA LEU C 284 -44.54 19.05 -32.19
C LEU C 284 -45.82 18.58 -32.86
N PHE C 285 -46.13 17.31 -32.71
CA PHE C 285 -47.35 16.75 -33.22
C PHE C 285 -48.17 16.23 -32.06
N TYR C 286 -49.49 16.33 -32.19
CA TYR C 286 -50.36 15.50 -31.38
C TYR C 286 -51.56 15.05 -32.16
N VAL C 287 -52.11 13.92 -31.76
CA VAL C 287 -53.36 13.43 -32.28
C VAL C 287 -54.31 13.34 -31.10
N ARG C 288 -55.38 14.12 -31.16
CA ARG C 288 -56.38 14.18 -30.10
C ARG C 288 -57.22 12.92 -30.12
N ALA C 289 -57.64 12.49 -28.92
CA ALA C 289 -58.56 11.36 -28.79
C ALA C 289 -59.84 11.64 -29.58
N GLY C 290 -60.25 10.68 -30.40
CA GLY C 290 -61.41 10.87 -31.25
C GLY C 290 -61.27 10.26 -32.63
N VAL C 291 -60.03 10.19 -33.14
CA VAL C 291 -59.79 9.64 -34.48
C VAL C 291 -60.21 8.18 -34.60
N SER C 292 -60.71 7.83 -35.77
CA SER C 292 -61.06 6.46 -36.11
C SER C 292 -59.78 5.67 -36.36
N ARG C 293 -59.85 4.36 -36.14
CA ARG C 293 -58.77 3.44 -36.48
C ARG C 293 -58.41 3.59 -37.97
N ALA C 294 -59.43 3.65 -38.83
CA ALA C 294 -59.22 3.74 -40.28
C ALA C 294 -58.45 5.01 -40.70
N MET C 295 -58.76 6.15 -40.07
CA MET C 295 -58.08 7.42 -40.38
C MET C 295 -56.63 7.42 -39.91
N LEU C 296 -56.39 7.05 -38.65
CA LEU C 296 -55.02 6.85 -38.13
C LEU C 296 -54.19 5.97 -39.05
N LEU C 297 -54.81 4.89 -39.54
CA LEU C 297 -54.17 4.00 -40.49
C LEU C 297 -53.77 4.70 -41.77
N ARG C 298 -54.68 5.48 -42.35
CA ARG C 298 -54.38 6.22 -43.59
C ARG C 298 -53.21 7.18 -43.43
N LEU C 299 -53.17 7.84 -42.28
CA LEU C 299 -52.09 8.78 -41.96
C LEU C 299 -50.74 8.07 -41.87
N PHE C 300 -50.71 6.97 -41.10
CA PHE C 300 -49.50 6.16 -40.92
C PHE C 300 -48.92 5.70 -42.25
N LEU C 301 -49.77 5.20 -43.14
CA LEU C 301 -49.33 4.73 -44.44
C LEU C 301 -48.92 5.89 -45.36
N ALA C 302 -49.62 7.02 -45.21
CA ALA C 302 -49.31 8.22 -46.00
C ALA C 302 -47.93 8.75 -45.64
N MET C 303 -47.59 8.65 -44.36
CA MET C 303 -46.28 9.08 -43.83
C MET C 303 -45.08 8.45 -44.55
N GLU C 304 -45.31 7.37 -45.31
CA GLU C 304 -44.27 6.68 -46.06
C GLU C 304 -43.54 7.64 -47.00
N LYS C 305 -44.29 8.48 -47.71
CA LYS C 305 -43.67 9.53 -48.55
C LYS C 305 -44.10 10.95 -48.16
N GLY C 306 -44.38 11.12 -46.86
CA GLY C 306 -44.68 12.42 -46.27
C GLY C 306 -45.88 13.13 -46.86
N ARG C 307 -46.97 12.39 -47.06
CA ARG C 307 -48.18 12.95 -47.63
C ARG C 307 -49.31 13.02 -46.61
N HIS C 308 -48.99 12.78 -45.33
CA HIS C 308 -50.01 12.71 -44.27
C HIS C 308 -50.55 14.06 -43.85
N MET C 309 -49.76 15.11 -44.07
CA MET C 309 -50.17 16.48 -43.72
C MET C 309 -51.23 16.99 -44.71
N GLU C 310 -51.20 16.45 -45.93
CA GLU C 310 -52.14 16.79 -46.99
C GLU C 310 -53.58 16.46 -46.64
N TYR C 311 -53.78 15.64 -45.61
CA TYR C 311 -55.12 15.13 -45.26
C TYR C 311 -55.89 16.05 -44.31
N GLU C 312 -55.19 16.96 -43.64
CA GLU C 312 -55.78 17.85 -42.63
C GLU C 312 -56.89 17.15 -41.81
N CYS C 313 -56.49 16.07 -41.16
CA CYS C 313 -57.30 15.44 -40.14
C CYS C 313 -57.37 16.40 -38.94
N PRO C 314 -58.59 16.72 -38.49
CA PRO C 314 -58.80 17.69 -37.40
C PRO C 314 -58.20 17.28 -36.05
N TYR C 315 -57.99 15.98 -35.84
CA TYR C 315 -57.40 15.51 -34.58
C TYR C 315 -55.87 15.64 -34.58
N LEU C 316 -55.26 15.64 -35.78
CA LEU C 316 -53.81 15.82 -35.95
C LEU C 316 -53.42 17.30 -35.99
N VAL C 317 -52.79 17.75 -34.91
CA VAL C 317 -52.27 19.10 -34.82
C VAL C 317 -50.77 19.09 -35.04
N TYR C 318 -50.26 20.12 -35.71
CA TYR C 318 -48.83 20.35 -35.81
C TYR C 318 -48.44 21.80 -35.48
N VAL C 319 -47.44 21.98 -34.61
CA VAL C 319 -46.93 23.31 -34.23
C VAL C 319 -45.39 23.25 -34.06
N PRO C 320 -44.64 24.18 -34.72
CA PRO C 320 -43.20 24.30 -34.45
C PRO C 320 -43.00 24.96 -33.11
N VAL C 321 -42.16 24.37 -32.24
CA VAL C 321 -42.00 24.86 -30.86
C VAL C 321 -40.54 25.01 -30.43
N VAL C 322 -40.32 25.64 -29.28
CA VAL C 322 -39.00 25.73 -28.69
C VAL C 322 -38.96 25.03 -27.34
N ALA C 323 -40.13 24.68 -26.82
CA ALA C 323 -40.26 24.09 -25.49
C ALA C 323 -41.66 23.45 -25.37
N PHE C 324 -41.78 22.45 -24.50
CA PHE C 324 -43.08 21.85 -24.18
C PHE C 324 -43.12 21.29 -22.74
N ARG C 325 -44.31 20.89 -22.30
CA ARG C 325 -44.50 20.24 -21.01
C ARG C 325 -45.64 19.23 -21.15
N LEU C 326 -45.37 17.99 -20.76
CA LEU C 326 -46.37 16.92 -20.85
C LEU C 326 -46.50 16.15 -19.54
N GLU C 327 -47.70 16.17 -18.96
CA GLU C 327 -47.98 15.45 -17.71
C GLU C 327 -49.24 14.59 -17.78
N PRO C 328 -49.09 13.26 -17.65
CA PRO C 328 -50.21 12.43 -17.17
C PRO C 328 -50.11 12.45 -15.64
N LYS C 329 -51.21 12.56 -14.87
CA LYS C 329 -52.63 12.27 -15.20
C LYS C 329 -52.92 10.77 -15.24
N ASP C 330 -53.34 10.26 -14.08
CA ASP C 330 -53.41 8.83 -13.77
C ASP C 330 -52.00 8.21 -13.79
N GLY C 331 -51.22 8.57 -12.78
CA GLY C 331 -49.90 7.97 -12.52
C GLY C 331 -48.83 8.22 -13.58
N LYS C 332 -47.83 7.34 -13.60
CA LYS C 332 -46.73 7.42 -14.56
C LYS C 332 -47.16 6.99 -15.97
N GLY C 333 -46.69 7.73 -16.96
CA GLY C 333 -46.86 7.35 -18.36
C GLY C 333 -45.56 6.84 -18.94
N VAL C 334 -45.68 6.00 -19.98
CA VAL C 334 -44.52 5.43 -20.68
C VAL C 334 -44.07 6.32 -21.85
N PHE C 335 -42.84 6.81 -21.76
CA PHE C 335 -42.22 7.64 -22.82
C PHE C 335 -41.17 6.88 -23.63
N ALA C 336 -41.04 7.29 -24.90
CA ALA C 336 -39.93 6.87 -25.72
C ALA C 336 -39.04 8.09 -25.98
N VAL C 337 -37.80 8.02 -25.51
CA VAL C 337 -36.79 9.05 -25.73
C VAL C 337 -35.78 8.53 -26.73
N ASP C 338 -35.81 9.08 -27.94
CA ASP C 338 -35.03 8.57 -29.07
C ASP C 338 -35.22 7.04 -29.21
N GLY C 339 -36.45 6.59 -28.98
CA GLY C 339 -36.73 5.16 -28.97
C GLY C 339 -36.47 4.41 -27.67
N GLU C 340 -35.62 4.95 -26.78
CA GLU C 340 -35.34 4.33 -25.48
C GLU C 340 -36.56 4.48 -24.58
N LEU C 341 -36.96 3.39 -23.90
CA LEU C 341 -38.08 3.45 -22.97
C LEU C 341 -37.77 4.36 -21.78
N MET C 342 -38.76 5.14 -21.38
CA MET C 342 -38.64 6.00 -20.22
C MET C 342 -39.98 6.05 -19.50
N VAL C 343 -39.96 6.01 -18.18
CA VAL C 343 -41.22 6.06 -17.45
C VAL C 343 -41.17 7.27 -16.55
N SER C 344 -42.13 8.17 -16.70
CA SER C 344 -42.22 9.34 -15.82
C SER C 344 -43.63 9.87 -15.63
N GLU C 345 -43.83 10.57 -14.52
CA GLU C 345 -45.08 11.26 -14.23
C GLU C 345 -45.17 12.61 -14.96
N ALA C 346 -44.02 13.26 -15.17
CA ALA C 346 -43.99 14.56 -15.85
C ALA C 346 -42.67 14.82 -16.59
N VAL C 347 -42.79 15.34 -17.81
CA VAL C 347 -41.62 15.73 -18.60
C VAL C 347 -41.84 17.06 -19.31
N GLN C 348 -40.87 17.95 -19.19
CA GLN C 348 -40.80 19.11 -20.05
C GLN C 348 -39.42 19.19 -20.72
N GLY C 349 -39.36 19.86 -21.86
CA GLY C 349 -38.11 20.02 -22.59
C GLY C 349 -37.94 21.32 -23.35
N GLN C 350 -36.68 21.64 -23.67
CA GLN C 350 -36.34 22.84 -24.43
C GLN C 350 -35.33 22.47 -25.52
N VAL C 351 -35.57 22.97 -26.73
CA VAL C 351 -34.62 22.82 -27.85
C VAL C 351 -33.48 23.81 -27.68
N HIS C 352 -32.25 23.33 -27.79
CA HIS C 352 -31.06 24.19 -27.85
C HIS C 352 -30.55 24.22 -29.24
N PRO C 353 -30.34 25.44 -29.77
CA PRO C 353 -30.03 25.58 -31.18
C PRO C 353 -28.59 25.18 -31.49
N ASN C 354 -28.40 24.45 -32.58
CA ASN C 354 -27.07 24.17 -33.15
C ASN C 354 -26.03 23.89 -32.08
N TYR C 355 -26.29 22.85 -31.30
CA TYR C 355 -25.54 22.59 -30.08
C TYR C 355 -24.33 21.64 -30.23
N PHE C 356 -24.34 20.80 -31.26
CA PHE C 356 -23.27 19.80 -31.48
C PHE C 356 -23.18 19.46 -32.96
N TRP C 357 -22.10 18.81 -33.35
CA TRP C 357 -21.81 18.54 -34.77
C TRP C 357 -22.16 17.14 -35.20
N MET C 358 -22.79 17.01 -36.36
CA MET C 358 -22.89 15.71 -36.98
C MET C 358 -22.46 15.72 -38.42
N VAL C 359 -21.99 14.58 -38.92
CA VAL C 359 -21.57 14.50 -40.31
C VAL C 359 -22.81 14.49 -41.19
N SER C 360 -22.75 15.26 -42.26
CA SER C 360 -23.85 15.41 -43.22
C SER C 360 -23.36 16.07 -44.48
N GLY C 361 -24.29 16.52 -45.31
CA GLY C 361 -23.99 17.18 -46.60
C GLY C 361 -25.20 17.88 -47.18
N MET D 3 10.86 -33.63 -17.34
CA MET D 3 11.15 -33.64 -15.87
C MET D 3 12.63 -33.39 -15.55
N GLY D 4 13.53 -34.07 -16.25
CA GLY D 4 14.97 -33.87 -16.04
C GLY D 4 15.52 -32.67 -16.78
N SER D 5 16.49 -31.99 -16.18
CA SER D 5 17.07 -30.77 -16.76
C SER D 5 18.57 -30.92 -17.07
N GLY D 6 19.12 -32.10 -16.86
CA GLY D 6 20.53 -32.41 -17.20
C GLY D 6 20.80 -33.90 -17.21
N VAL D 7 22.03 -34.28 -17.53
CA VAL D 7 22.46 -35.67 -17.42
C VAL D 7 23.92 -35.78 -17.09
N LEU D 8 24.28 -36.83 -16.34
CA LEU D 8 25.68 -37.21 -16.20
C LEU D 8 26.07 -37.93 -17.49
N PRO D 9 27.34 -37.83 -17.90
CA PRO D 9 27.83 -38.65 -19.02
C PRO D 9 27.69 -40.15 -18.76
N ARG D 10 27.63 -40.95 -19.82
CA ARG D 10 27.87 -42.40 -19.76
C ARG D 10 29.05 -42.73 -20.68
N PRO D 11 30.11 -43.37 -20.12
CA PRO D 11 30.25 -43.68 -18.70
C PRO D 11 30.67 -42.42 -17.92
N CYS D 12 30.71 -42.52 -16.58
CA CYS D 12 31.15 -41.40 -15.76
C CYS D 12 31.91 -41.89 -14.53
N ARG D 13 32.73 -41.02 -13.94
CA ARG D 13 33.31 -41.31 -12.62
C ARG D 13 32.79 -40.40 -11.52
N VAL D 14 32.66 -41.00 -10.35
CA VAL D 14 31.88 -40.45 -9.27
C VAL D 14 32.67 -40.61 -7.99
N LEU D 15 32.81 -39.53 -7.23
CA LEU D 15 33.42 -39.63 -5.91
C LEU D 15 32.33 -40.01 -4.90
N VAL D 16 32.61 -40.97 -4.04
CA VAL D 16 31.65 -41.39 -3.03
C VAL D 16 32.14 -41.04 -1.65
N LEU D 17 31.45 -40.14 -0.97
CA LEU D 17 31.77 -39.82 0.41
C LEU D 17 30.79 -40.55 1.33
N LEU D 18 31.33 -41.41 2.19
CA LEU D 18 30.54 -42.30 2.99
C LEU D 18 30.94 -42.17 4.44
N ASN D 19 29.94 -42.06 5.30
CA ASN D 19 30.15 -42.04 6.71
C ASN D 19 29.87 -43.44 7.20
N PRO D 20 30.95 -44.18 7.57
CA PRO D 20 30.83 -45.59 7.96
C PRO D 20 30.09 -45.82 9.28
N ARG D 21 29.98 -44.79 10.13
CA ARG D 21 29.14 -44.92 11.33
C ARG D 21 27.63 -44.88 11.03
N GLY D 22 27.27 -44.72 9.75
CA GLY D 22 25.88 -44.61 9.31
C GLY D 22 25.16 -45.92 9.03
N GLY D 23 23.84 -45.90 9.18
CA GLY D 23 23.01 -47.11 9.02
C GLY D 23 23.24 -48.10 10.15
N LYS D 24 23.26 -47.59 11.39
CA LYS D 24 23.69 -48.34 12.57
C LYS D 24 25.09 -48.93 12.31
N GLY D 25 25.92 -48.15 11.61
CA GLY D 25 27.31 -48.53 11.34
C GLY D 25 27.53 -49.54 10.22
N LYS D 26 26.56 -49.67 9.33
CA LYS D 26 26.68 -50.62 8.23
C LYS D 26 26.56 -49.97 6.82
N ALA D 27 26.64 -48.65 6.78
CA ALA D 27 26.67 -47.89 5.52
C ALA D 27 27.62 -48.49 4.46
N LEU D 28 28.84 -48.84 4.88
CA LEU D 28 29.80 -49.51 3.98
C LEU D 28 29.27 -50.83 3.42
N GLN D 29 28.80 -51.69 4.31
CA GLN D 29 28.17 -52.96 3.92
C GLN D 29 26.93 -52.73 3.05
N LEU D 30 26.13 -51.71 3.37
CA LEU D 30 24.97 -51.39 2.51
C LEU D 30 25.45 -50.89 1.15
N PHE D 31 26.58 -50.19 1.14
CA PHE D 31 27.11 -49.74 -0.14
C PHE D 31 27.44 -50.96 -0.98
N ARG D 32 28.15 -51.92 -0.37
CA ARG D 32 28.66 -53.06 -1.14
C ARG D 32 27.58 -53.98 -1.68
N SER D 33 26.50 -54.13 -0.94
CA SER D 33 25.38 -54.97 -1.35
C SER D 33 24.28 -54.25 -2.16
N HIS D 34 23.97 -52.99 -1.84
CA HIS D 34 22.82 -52.34 -2.45
C HIS D 34 23.14 -51.32 -3.50
N VAL D 35 24.38 -50.83 -3.52
CA VAL D 35 24.75 -49.73 -4.41
C VAL D 35 25.77 -50.16 -5.44
N GLN D 36 26.89 -50.70 -4.97
CA GLN D 36 28.02 -51.04 -5.85
C GLN D 36 27.62 -51.87 -7.08
N PRO D 37 26.76 -52.90 -6.92
CA PRO D 37 26.53 -53.72 -8.13
C PRO D 37 25.60 -53.09 -9.15
N LEU D 38 24.71 -52.20 -8.70
CA LEU D 38 23.91 -51.36 -9.61
C LEU D 38 24.79 -50.40 -10.41
N LEU D 39 25.77 -49.80 -9.74
CA LEU D 39 26.78 -48.94 -10.37
C LEU D 39 27.61 -49.61 -11.47
N ALA D 40 28.02 -50.86 -11.26
CA ALA D 40 28.81 -51.56 -12.28
C ALA D 40 28.04 -51.73 -13.58
N GLU D 41 26.77 -52.09 -13.47
CA GLU D 41 25.87 -52.23 -14.62
C GLU D 41 25.68 -50.90 -15.36
N ALA D 42 25.53 -49.81 -14.62
CA ALA D 42 25.34 -48.46 -15.19
C ALA D 42 26.65 -47.85 -15.69
N GLU D 43 27.74 -48.61 -15.61
CA GLU D 43 29.03 -48.14 -16.11
C GLU D 43 29.46 -46.88 -15.37
N ILE D 44 29.13 -46.85 -14.08
CA ILE D 44 29.52 -45.77 -13.20
C ILE D 44 30.68 -46.23 -12.35
N SER D 45 31.88 -45.76 -12.67
CA SER D 45 33.06 -45.97 -11.81
C SER D 45 32.96 -45.08 -10.60
N PHE D 46 33.59 -45.49 -9.51
CA PHE D 46 33.53 -44.72 -8.28
C PHE D 46 34.80 -44.91 -7.48
N THR D 47 35.11 -43.94 -6.63
CA THR D 47 36.06 -44.18 -5.55
C THR D 47 35.49 -43.77 -4.19
N LEU D 48 35.67 -44.63 -3.21
CA LEU D 48 35.12 -44.48 -1.88
C LEU D 48 36.06 -43.72 -0.98
N MET D 49 35.59 -42.62 -0.42
CA MET D 49 36.32 -41.90 0.61
C MET D 49 35.49 -42.01 1.86
N LEU D 50 36.12 -42.25 3.00
CA LEU D 50 35.39 -42.40 4.26
C LEU D 50 35.51 -41.14 5.08
N THR D 51 34.40 -40.71 5.67
CA THR D 51 34.33 -39.40 6.30
C THR D 51 33.40 -39.42 7.50
N GLU D 52 34.00 -39.40 8.69
CA GLU D 52 33.21 -39.45 9.93
C GLU D 52 33.46 -38.30 10.92
N ARG D 53 34.72 -37.94 11.14
CA ARG D 53 35.07 -36.87 12.10
C ARG D 53 34.43 -35.55 11.66
N ARG D 54 34.31 -34.62 12.62
CA ARG D 54 33.62 -33.35 12.35
C ARG D 54 34.34 -32.48 11.32
N ASN D 55 33.56 -31.88 10.43
CA ASN D 55 34.04 -30.93 9.42
C ASN D 55 34.92 -31.54 8.31
N HIS D 56 35.14 -32.85 8.39
CA HIS D 56 36.08 -33.53 7.53
C HIS D 56 35.65 -33.52 6.09
N ALA D 57 34.42 -33.96 5.83
CA ALA D 57 33.87 -33.97 4.48
C ALA D 57 33.83 -32.56 3.89
N ARG D 58 33.57 -31.60 4.77
CA ARG D 58 33.56 -30.17 4.45
C ARG D 58 34.96 -29.74 3.94
N GLU D 59 36.01 -30.17 4.64
CA GLU D 59 37.38 -29.83 4.27
C GLU D 59 37.83 -30.52 2.99
N LEU D 60 37.45 -31.79 2.83
CA LEU D 60 37.73 -32.56 1.61
C LEU D 60 37.23 -31.84 0.37
N VAL D 61 35.93 -31.58 0.39
CA VAL D 61 35.19 -30.98 -0.71
C VAL D 61 35.73 -29.57 -1.01
N ARG D 62 36.18 -28.86 0.03
CA ARG D 62 36.78 -27.53 -0.11
C ARG D 62 38.11 -27.52 -0.90
N SER D 63 38.89 -28.58 -0.77
CA SER D 63 40.20 -28.66 -1.39
C SER D 63 40.23 -29.52 -2.67
N GLU D 64 39.19 -30.33 -2.85
CA GLU D 64 39.11 -31.27 -3.97
C GLU D 64 39.32 -30.62 -5.34
N GLU D 65 40.09 -31.31 -6.18
CA GLU D 65 40.13 -31.03 -7.62
C GLU D 65 38.85 -31.62 -8.24
N LEU D 66 37.81 -30.79 -8.33
CA LEU D 66 36.48 -31.23 -8.77
C LEU D 66 36.42 -31.72 -10.22
N GLY D 67 37.46 -31.40 -10.99
CA GLY D 67 37.55 -31.75 -12.41
C GLY D 67 37.61 -33.23 -12.72
N ARG D 68 38.12 -34.03 -11.78
CA ARG D 68 38.22 -35.51 -11.98
C ARG D 68 36.88 -36.21 -11.86
N TRP D 69 35.89 -35.51 -11.31
CA TRP D 69 34.61 -36.16 -10.99
C TRP D 69 33.47 -35.63 -11.80
N ASP D 70 32.58 -36.51 -12.23
CA ASP D 70 31.35 -36.07 -12.89
C ASP D 70 30.30 -35.75 -11.84
N ALA D 71 30.43 -36.36 -10.68
CA ALA D 71 29.50 -36.17 -9.58
C ALA D 71 30.11 -36.45 -8.20
N LEU D 72 29.47 -35.89 -7.17
CA LEU D 72 29.78 -36.26 -5.81
C LEU D 72 28.60 -37.02 -5.22
N VAL D 73 28.80 -38.26 -4.83
CA VAL D 73 27.72 -38.97 -4.12
C VAL D 73 27.91 -39.08 -2.63
N VAL D 74 26.90 -38.62 -1.92
CA VAL D 74 26.98 -38.42 -0.49
C VAL D 74 26.12 -39.52 0.08
N MET D 75 26.75 -40.49 0.76
CA MET D 75 26.06 -41.65 1.32
C MET D 75 26.11 -41.60 2.84
N SER D 76 25.06 -41.05 3.43
CA SER D 76 24.97 -40.79 4.86
C SER D 76 23.58 -40.21 5.07
N GLY D 77 23.50 -39.07 5.74
CA GLY D 77 22.23 -38.38 5.89
C GLY D 77 22.15 -36.99 5.29
N ASP D 78 21.13 -36.27 5.71
CA ASP D 78 20.96 -34.87 5.34
C ASP D 78 22.14 -34.06 5.85
N GLY D 79 22.67 -34.45 7.03
CA GLY D 79 23.76 -33.71 7.66
C GLY D 79 25.04 -33.70 6.84
N LEU D 80 25.35 -34.82 6.18
CA LEU D 80 26.55 -34.87 5.34
C LEU D 80 26.39 -34.06 4.06
N MET D 81 25.19 -34.09 3.46
CA MET D 81 24.95 -33.27 2.28
C MET D 81 25.13 -31.78 2.61
N HIS D 82 24.63 -31.38 3.77
CA HIS D 82 24.86 -30.07 4.33
C HIS D 82 26.31 -29.70 4.38
N GLU D 83 27.17 -30.61 4.84
CA GLU D 83 28.61 -30.32 4.95
C GLU D 83 29.25 -30.13 3.59
N VAL D 84 28.88 -30.99 2.65
CA VAL D 84 29.42 -30.96 1.31
C VAL D 84 29.05 -29.64 0.66
N VAL D 85 27.76 -29.28 0.70
CA VAL D 85 27.29 -28.02 0.08
C VAL D 85 27.95 -26.79 0.70
N ASN D 86 28.00 -26.72 2.02
CA ASN D 86 28.75 -25.67 2.68
C ASN D 86 30.23 -25.68 2.35
N GLY D 87 30.78 -26.88 2.11
CA GLY D 87 32.17 -26.98 1.69
C GLY D 87 32.36 -26.35 0.33
N LEU D 88 31.50 -26.70 -0.63
CA LEU D 88 31.62 -26.17 -1.98
C LEU D 88 31.50 -24.65 -2.00
N MET D 89 30.57 -24.12 -1.22
CA MET D 89 30.29 -22.69 -1.20
C MET D 89 31.44 -21.89 -0.61
N GLU D 90 32.17 -22.53 0.31
CA GLU D 90 33.25 -21.84 1.04
C GLU D 90 34.48 -21.67 0.18
N ARG D 91 34.40 -22.10 -1.07
CA ARG D 91 35.56 -22.03 -1.92
C ARG D 91 35.65 -20.67 -2.61
N PRO D 92 36.88 -20.21 -2.90
CA PRO D 92 37.05 -19.00 -3.70
C PRO D 92 36.40 -19.14 -5.09
N ASP D 93 36.47 -20.34 -5.68
CA ASP D 93 35.78 -20.63 -6.92
C ASP D 93 34.35 -21.19 -6.72
N TRP D 94 33.68 -20.76 -5.66
CA TRP D 94 32.36 -21.26 -5.31
C TRP D 94 31.39 -21.29 -6.47
N GLU D 95 31.43 -20.30 -7.35
CA GLU D 95 30.40 -20.19 -8.39
C GLU D 95 30.44 -21.28 -9.44
N THR D 96 31.62 -21.88 -9.65
CA THR D 96 31.74 -23.11 -10.46
C THR D 96 31.68 -24.40 -9.63
N ALA D 97 32.15 -24.32 -8.39
CA ALA D 97 32.15 -25.49 -7.52
C ALA D 97 30.72 -25.99 -7.31
N ILE D 98 29.81 -25.08 -6.96
CA ILE D 98 28.44 -25.43 -6.63
C ILE D 98 27.66 -26.03 -7.82
N GLN D 99 28.27 -26.02 -9.02
CA GLN D 99 27.65 -26.67 -10.19
C GLN D 99 27.95 -28.16 -10.37
N LYS D 100 28.87 -28.68 -9.57
CA LYS D 100 29.19 -30.10 -9.58
C LYS D 100 27.97 -30.91 -9.13
N PRO D 101 27.44 -31.75 -10.03
CA PRO D 101 26.27 -32.54 -9.65
C PRO D 101 26.43 -33.36 -8.35
N LEU D 102 25.42 -33.28 -7.49
CA LEU D 102 25.42 -33.93 -6.20
C LEU D 102 24.35 -34.99 -6.19
N CYS D 103 24.52 -36.01 -5.34
CA CYS D 103 23.60 -37.14 -5.27
C CYS D 103 23.50 -37.62 -3.84
N SER D 104 22.27 -37.84 -3.39
CA SER D 104 22.02 -38.20 -2.00
C SER D 104 21.63 -39.66 -1.87
N LEU D 105 22.50 -40.45 -1.26
CA LEU D 105 22.21 -41.86 -0.99
C LEU D 105 21.93 -42.03 0.49
N PRO D 106 20.74 -42.54 0.83
CA PRO D 106 20.37 -42.59 2.23
C PRO D 106 21.03 -43.77 2.97
N ALA D 107 21.73 -43.45 4.06
CA ALA D 107 22.23 -44.48 4.96
C ALA D 107 21.81 -44.09 6.39
N GLY D 108 22.47 -43.06 6.93
CA GLY D 108 22.21 -42.58 8.31
C GLY D 108 20.77 -42.29 8.68
N SER D 109 20.58 -41.50 9.73
CA SER D 109 19.23 -41.10 10.12
C SER D 109 18.97 -39.66 9.71
N GLY D 110 17.75 -39.40 9.27
CA GLY D 110 17.42 -38.12 8.65
C GLY D 110 17.84 -38.18 7.20
N ASN D 111 16.92 -38.67 6.37
CA ASN D 111 17.09 -38.75 4.92
C ASN D 111 15.95 -38.02 4.22
N ALA D 112 15.66 -36.81 4.69
CA ALA D 112 14.55 -36.03 4.15
C ALA D 112 14.78 -35.66 2.70
N LEU D 113 16.03 -35.40 2.36
CA LEU D 113 16.37 -34.99 1.00
C LEU D 113 16.17 -36.16 0.05
N ALA D 114 16.63 -37.34 0.46
CA ALA D 114 16.49 -38.56 -0.32
C ALA D 114 15.02 -38.94 -0.48
N ALA D 115 14.27 -38.89 0.64
CA ALA D 115 12.81 -39.13 0.60
C ALA D 115 12.13 -38.19 -0.39
N SER D 116 12.47 -36.89 -0.33
CA SER D 116 11.89 -35.90 -1.25
C SER D 116 12.18 -36.24 -2.71
N LEU D 117 13.43 -36.57 -3.04
CA LEU D 117 13.77 -36.89 -4.42
C LEU D 117 13.10 -38.16 -4.85
N ASN D 118 12.96 -39.08 -3.91
CA ASN D 118 12.28 -40.34 -4.18
C ASN D 118 10.83 -40.07 -4.53
N HIS D 119 10.20 -39.19 -3.75
CA HIS D 119 8.89 -38.65 -4.09
C HIS D 119 8.81 -37.93 -5.43
N TYR D 120 9.72 -36.98 -5.68
CA TYR D 120 9.69 -36.25 -6.96
C TYR D 120 9.68 -37.21 -8.15
N ALA D 121 10.37 -38.33 -8.01
CA ALA D 121 10.52 -39.30 -9.10
C ALA D 121 9.26 -40.15 -9.36
N GLY D 122 8.32 -40.10 -8.41
CA GLY D 122 7.08 -40.86 -8.52
C GLY D 122 7.07 -42.19 -7.80
N TYR D 123 8.07 -42.42 -6.94
CA TYR D 123 8.14 -43.66 -6.17
C TYR D 123 7.26 -43.58 -4.95
N GLU D 124 6.85 -44.77 -4.47
CA GLU D 124 6.09 -44.90 -3.23
C GLU D 124 6.95 -44.41 -2.07
N GLN D 125 6.31 -44.04 -0.97
CA GLN D 125 7.07 -43.50 0.14
C GLN D 125 7.80 -44.61 0.89
N VAL D 126 8.96 -45.01 0.38
CA VAL D 126 9.68 -46.16 0.93
C VAL D 126 10.76 -45.78 1.93
N THR D 127 11.21 -46.78 2.69
CA THR D 127 12.11 -46.55 3.81
C THR D 127 13.35 -47.44 3.75
N ASN D 128 14.37 -47.09 4.53
CA ASN D 128 15.59 -47.89 4.62
C ASN D 128 16.16 -48.35 3.28
N GLU D 129 16.36 -49.64 3.09
CA GLU D 129 17.04 -50.16 1.88
C GLU D 129 16.24 -50.07 0.59
N ASP D 130 14.91 -50.09 0.70
CA ASP D 130 14.01 -49.81 -0.42
C ASP D 130 14.29 -48.40 -0.97
N LEU D 131 14.50 -47.44 -0.07
CA LEU D 131 14.82 -46.06 -0.42
C LEU D 131 16.25 -45.95 -0.97
N LEU D 132 17.19 -46.70 -0.38
CA LEU D 132 18.57 -46.74 -0.86
C LEU D 132 18.65 -47.28 -2.29
N THR D 133 17.88 -48.32 -2.57
CA THR D 133 17.83 -48.86 -3.91
C THR D 133 17.22 -47.88 -4.91
N ASN D 134 16.09 -47.27 -4.55
CA ASN D 134 15.45 -46.26 -5.42
C ASN D 134 16.37 -45.06 -5.73
N CYS D 135 16.96 -44.47 -4.68
CA CYS D 135 17.92 -43.39 -4.85
C CYS D 135 19.11 -43.78 -5.73
N THR D 136 19.66 -44.98 -5.51
CA THR D 136 20.73 -45.55 -6.35
C THR D 136 20.27 -45.68 -7.80
N LEU D 137 19.05 -46.17 -8.00
CA LEU D 137 18.47 -46.30 -9.35
C LEU D 137 18.35 -44.95 -10.04
N LEU D 138 18.11 -43.89 -9.26
CA LEU D 138 18.11 -42.52 -9.81
C LEU D 138 19.52 -42.16 -10.28
N LEU D 139 20.50 -42.45 -9.45
CA LEU D 139 21.89 -42.24 -9.83
C LEU D 139 22.22 -42.99 -11.11
N CYS D 140 21.74 -44.22 -11.24
CA CYS D 140 22.03 -45.00 -12.44
C CYS D 140 21.40 -44.41 -13.71
N ARG D 141 20.22 -43.79 -13.56
CA ARG D 141 19.51 -43.20 -14.70
C ARG D 141 20.06 -41.84 -15.11
N ARG D 142 20.77 -41.18 -14.19
CA ARG D 142 21.68 -40.06 -14.51
C ARG D 142 21.08 -38.64 -14.67
N LEU D 143 19.76 -38.53 -14.52
CA LEU D 143 19.08 -37.24 -14.74
C LEU D 143 19.35 -36.24 -13.62
N LEU D 144 19.52 -34.99 -14.01
CA LEU D 144 19.86 -33.89 -13.08
C LEU D 144 18.73 -32.87 -13.01
N SER D 145 18.51 -32.31 -11.83
CA SER D 145 17.57 -31.20 -11.62
C SER D 145 18.21 -30.19 -10.69
N PRO D 146 18.10 -28.89 -11.00
CA PRO D 146 18.66 -27.85 -10.13
C PRO D 146 17.84 -27.74 -8.86
N MET D 147 18.45 -27.33 -7.75
CA MET D 147 17.70 -27.14 -6.52
C MET D 147 17.92 -25.76 -5.94
N ASN D 148 16.93 -25.26 -5.23
CA ASN D 148 17.08 -24.06 -4.40
C ASN D 148 18.03 -24.29 -3.25
N LEU D 149 18.61 -23.21 -2.72
CA LEU D 149 19.57 -23.28 -1.61
C LEU D 149 19.20 -22.14 -0.69
N LEU D 150 19.30 -22.34 0.62
CA LEU D 150 18.93 -21.29 1.56
C LEU D 150 20.17 -20.66 2.17
N SER D 151 20.33 -19.35 2.01
CA SER D 151 21.42 -18.64 2.68
C SER D 151 20.98 -18.14 4.07
N LEU D 152 21.81 -18.36 5.09
CA LEU D 152 21.43 -18.05 6.46
C LEU D 152 22.47 -17.21 7.14
N HIS D 153 22.03 -16.30 8.01
CA HIS D 153 22.87 -15.38 8.74
C HIS D 153 22.42 -15.45 10.16
N THR D 154 23.36 -15.57 11.07
CA THR D 154 23.04 -15.65 12.48
C THR D 154 23.44 -14.33 13.12
N ALA D 155 22.88 -14.08 14.30
CA ALA D 155 23.15 -12.85 15.05
C ALA D 155 24.64 -12.64 15.33
N SER D 156 25.38 -13.73 15.50
CA SER D 156 26.81 -13.64 15.77
C SER D 156 27.65 -13.38 14.51
N GLY D 157 27.00 -13.15 13.37
CA GLY D 157 27.70 -12.86 12.13
C GLY D 157 28.03 -14.04 11.24
N LEU D 158 27.66 -15.25 11.66
CA LEU D 158 27.95 -16.41 10.84
C LEU D 158 27.02 -16.48 9.62
N ARG D 159 27.56 -16.95 8.50
CA ARG D 159 26.81 -17.14 7.27
C ARG D 159 26.96 -18.58 6.83
N LEU D 160 25.84 -19.27 6.63
CA LEU D 160 25.90 -20.68 6.23
C LEU D 160 24.77 -21.02 5.27
N PHE D 161 24.79 -22.23 4.72
CA PHE D 161 23.79 -22.66 3.75
C PHE D 161 23.04 -23.89 4.19
N SER D 162 21.81 -23.99 3.72
CA SER D 162 20.87 -25.02 4.13
C SER D 162 20.28 -25.56 2.85
N VAL D 163 20.23 -26.88 2.72
CA VAL D 163 19.74 -27.49 1.49
C VAL D 163 18.37 -28.08 1.70
N LEU D 164 17.95 -28.11 2.95
CA LEU D 164 16.73 -28.80 3.31
C LEU D 164 15.81 -27.99 4.24
N SER D 165 16.31 -27.57 5.40
CA SER D 165 15.41 -26.92 6.36
C SER D 165 16.08 -26.16 7.50
N LEU D 166 15.32 -25.21 8.03
CA LEU D 166 15.58 -24.58 9.32
C LEU D 166 14.32 -24.80 10.15
N ALA D 167 14.51 -25.44 11.31
CA ALA D 167 13.41 -25.67 12.22
C ALA D 167 13.70 -24.98 13.51
N TRP D 168 12.65 -24.41 14.10
CA TRP D 168 12.72 -23.83 15.44
C TRP D 168 11.54 -24.28 16.25
N GLY D 169 11.75 -24.41 17.55
CA GLY D 169 10.68 -24.79 18.45
C GLY D 169 10.54 -26.30 18.60
N PHE D 170 9.30 -26.78 18.52
CA PHE D 170 8.98 -28.20 18.74
C PHE D 170 9.88 -29.14 17.95
N ILE D 171 9.90 -28.97 16.63
CA ILE D 171 10.67 -29.83 15.74
C ILE D 171 12.16 -29.84 16.10
N ALA D 172 12.69 -28.67 16.42
CA ALA D 172 14.11 -28.57 16.78
C ALA D 172 14.40 -29.23 18.12
N ASP D 173 13.47 -29.05 19.06
CA ASP D 173 13.62 -29.65 20.38
C ASP D 173 13.69 -31.18 20.30
N VAL D 174 12.74 -31.78 19.58
CA VAL D 174 12.70 -33.22 19.32
C VAL D 174 13.94 -33.70 18.57
N ASP D 175 14.42 -32.89 17.62
CA ASP D 175 15.62 -33.24 16.86
C ASP D 175 16.83 -33.35 17.78
N LEU D 176 16.89 -32.47 18.77
CA LEU D 176 17.98 -32.47 19.75
C LEU D 176 17.83 -33.63 20.73
N GLU D 177 16.69 -33.69 21.42
CA GLU D 177 16.43 -34.79 22.36
C GLU D 177 16.25 -36.13 21.61
N SER D 178 17.31 -36.55 20.93
CA SER D 178 17.30 -37.77 20.12
C SER D 178 18.73 -38.28 19.98
N GLU D 179 18.94 -39.49 20.46
CA GLU D 179 20.27 -40.10 20.53
C GLU D 179 20.17 -41.63 20.34
N LYS D 180 19.27 -42.03 19.45
CA LYS D 180 18.91 -43.44 19.30
C LYS D 180 19.08 -43.94 17.87
N TYR D 181 19.19 -45.26 17.72
CA TYR D 181 19.06 -45.91 16.42
C TYR D 181 17.61 -46.39 16.22
N ARG D 182 17.06 -46.98 17.28
CA ARG D 182 15.64 -47.40 17.35
C ARG D 182 14.87 -47.24 16.04
N MET D 187 10.68 -44.65 14.28
CA MET D 187 11.87 -43.82 14.40
C MET D 187 11.90 -43.03 15.71
N ARG D 188 13.10 -42.58 16.07
CA ARG D 188 13.32 -41.69 17.21
C ARG D 188 12.40 -40.47 17.18
N PHE D 189 12.06 -40.01 15.98
CA PHE D 189 11.27 -38.79 15.80
C PHE D 189 9.85 -38.97 16.29
N THR D 190 9.22 -40.09 15.99
CA THR D 190 7.86 -40.36 16.51
C THR D 190 7.84 -40.41 18.05
N LEU D 191 8.81 -41.10 18.63
CA LEU D 191 8.94 -41.18 20.08
C LEU D 191 9.19 -39.80 20.71
N GLY D 192 10.24 -39.13 20.25
CA GLY D 192 10.54 -37.77 20.69
C GLY D 192 9.33 -36.86 20.57
N THR D 193 8.63 -36.98 19.45
CA THR D 193 7.40 -36.25 19.24
C THR D 193 6.33 -36.60 20.28
N PHE D 194 6.20 -37.87 20.70
CA PHE D 194 5.20 -38.17 21.74
C PHE D 194 5.56 -37.62 23.11
N LEU D 195 6.77 -37.87 23.60
CA LEU D 195 7.08 -37.40 24.95
C LEU D 195 6.99 -35.86 25.06
N ARG D 196 7.59 -35.17 24.10
CA ARG D 196 7.51 -33.71 24.04
C ARG D 196 6.08 -33.19 23.86
N LEU D 197 5.19 -34.02 23.33
CA LEU D 197 3.80 -33.64 23.14
C LEU D 197 3.02 -33.66 24.45
N ALA D 198 3.50 -34.44 25.41
CA ALA D 198 2.95 -34.46 26.75
C ALA D 198 3.66 -33.43 27.62
N ALA D 199 4.94 -33.20 27.32
CA ALA D 199 5.73 -32.19 28.02
C ALA D 199 5.80 -30.88 27.21
N LEU D 200 4.68 -30.54 26.55
CA LEU D 200 4.63 -29.44 25.58
C LEU D 200 5.05 -28.11 26.16
N ARG D 201 6.01 -27.47 25.49
CA ARG D 201 6.39 -26.08 25.77
C ARG D 201 6.11 -25.23 24.54
N THR D 202 5.90 -23.93 24.77
CA THR D 202 5.82 -22.99 23.65
C THR D 202 7.05 -22.11 23.68
N TYR D 203 7.20 -21.32 22.62
CA TYR D 203 8.40 -20.52 22.40
C TYR D 203 7.99 -19.11 21.98
N ARG D 204 8.55 -18.13 22.67
CA ARG D 204 8.30 -16.75 22.34
C ARG D 204 9.28 -16.37 21.24
N GLY D 205 8.80 -15.62 20.26
CA GLY D 205 9.62 -15.24 19.13
C GLY D 205 8.93 -14.29 18.17
N ARG D 206 9.74 -13.58 17.40
CA ARG D 206 9.22 -12.69 16.36
C ARG D 206 9.59 -13.24 15.01
N LEU D 207 8.58 -13.54 14.21
CA LEU D 207 8.75 -14.10 12.87
C LEU D 207 8.32 -13.06 11.84
N ALA D 208 9.20 -12.80 10.87
CA ALA D 208 8.83 -12.06 9.68
C ALA D 208 9.23 -12.88 8.45
N TYR D 209 8.58 -12.62 7.32
CA TYR D 209 8.94 -13.26 6.07
C TYR D 209 8.57 -12.37 4.87
N LEU D 210 9.07 -12.76 3.70
CA LEU D 210 8.72 -12.11 2.44
C LEU D 210 8.07 -13.10 1.47
N PRO D 211 6.75 -12.97 1.26
CA PRO D 211 6.02 -13.91 0.40
C PRO D 211 6.45 -13.75 -1.04
N VAL D 212 6.33 -14.81 -1.82
CA VAL D 212 6.63 -14.78 -3.25
C VAL D 212 6.05 -13.54 -3.93
N GLY D 213 4.76 -13.29 -3.70
CA GLY D 213 3.99 -12.26 -4.41
C GLY D 213 4.39 -10.82 -4.17
N ARG D 214 4.88 -10.53 -2.96
CA ARG D 214 5.24 -9.16 -2.59
C ARG D 214 6.70 -8.81 -2.90
N VAL D 215 7.37 -9.67 -3.67
CA VAL D 215 8.73 -9.40 -4.16
C VAL D 215 8.66 -8.38 -5.29
N GLY D 216 9.29 -7.22 -5.07
CA GLY D 216 9.12 -6.07 -5.94
C GLY D 216 10.03 -6.02 -7.15
N SER D 217 9.90 -4.92 -7.90
CA SER D 217 10.69 -4.62 -9.10
C SER D 217 12.14 -4.27 -8.74
N LYS D 218 12.39 -4.21 -7.44
CA LYS D 218 13.71 -3.92 -6.90
C LYS D 218 13.59 -3.96 -5.39
N THR D 219 14.52 -3.31 -4.70
CA THR D 219 14.45 -3.23 -3.25
C THR D 219 15.63 -3.88 -2.54
N PRO D 220 15.97 -3.34 -1.38
CA PRO D 220 17.06 -3.86 -0.56
C PRO D 220 16.54 -4.16 0.84
N GLN D 228 33.08 -15.32 0.86
CA GLN D 228 32.02 -14.36 0.62
C GLN D 228 31.30 -14.73 -0.69
N GLY D 229 30.26 -15.55 -0.58
CA GLY D 229 29.49 -16.05 -1.73
C GLY D 229 28.58 -15.01 -2.37
N PRO D 230 27.35 -15.40 -2.75
CA PRO D 230 26.38 -14.50 -3.37
C PRO D 230 25.81 -13.48 -2.40
N VAL D 231 25.18 -12.43 -2.91
CA VAL D 231 24.61 -11.43 -2.01
C VAL D 231 23.14 -11.72 -1.78
N ASP D 232 22.69 -11.43 -0.57
CA ASP D 232 21.32 -11.67 -0.22
C ASP D 232 20.58 -10.34 -0.32
N ALA D 233 20.15 -9.97 -1.51
CA ALA D 233 19.55 -8.65 -1.75
C ALA D 233 18.29 -8.40 -0.92
N HIS D 234 17.48 -9.45 -0.72
CA HIS D 234 16.23 -9.32 0.02
C HIS D 234 16.43 -9.07 1.49
N LEU D 235 17.67 -9.21 1.97
CA LEU D 235 17.93 -9.10 3.43
C LEU D 235 18.59 -7.80 3.83
N VAL D 236 18.17 -7.26 4.98
CA VAL D 236 18.83 -6.11 5.61
C VAL D 236 19.41 -6.56 6.94
N PRO D 237 20.48 -5.90 7.43
CA PRO D 237 21.16 -6.39 8.65
C PRO D 237 20.21 -6.65 9.83
N LEU D 238 20.54 -7.67 10.63
CA LEU D 238 19.72 -8.10 11.76
C LEU D 238 19.50 -7.02 12.83
N GLU D 239 20.31 -5.97 12.79
CA GLU D 239 20.11 -4.84 13.70
C GLU D 239 19.00 -3.92 13.18
N GLU D 240 18.66 -4.03 11.89
CA GLU D 240 17.61 -3.20 11.28
C GLU D 240 16.26 -3.90 11.35
N PRO D 241 15.16 -3.13 11.36
CA PRO D 241 13.90 -3.83 11.22
C PRO D 241 13.76 -4.34 9.78
N VAL D 242 12.99 -5.39 9.56
CA VAL D 242 12.75 -5.90 8.21
C VAL D 242 12.16 -4.80 7.32
N PRO D 243 12.35 -4.89 5.99
CA PRO D 243 11.72 -3.88 5.13
C PRO D 243 10.19 -3.86 5.26
N SER D 244 9.61 -2.68 4.99
CA SER D 244 8.18 -2.42 5.20
C SER D 244 7.26 -3.32 4.39
N HIS D 245 7.77 -3.85 3.27
CA HIS D 245 6.97 -4.72 2.42
C HIS D 245 6.92 -6.17 2.87
N TRP D 246 7.66 -6.50 3.93
CA TRP D 246 7.59 -7.86 4.52
C TRP D 246 6.36 -7.97 5.37
N THR D 247 5.98 -9.21 5.70
CA THR D 247 4.88 -9.48 6.63
C THR D 247 5.45 -9.81 7.99
N VAL D 248 5.07 -9.03 8.99
CA VAL D 248 5.47 -9.31 10.36
C VAL D 248 4.32 -10.06 11.04
N VAL D 249 4.61 -11.22 11.61
CA VAL D 249 3.60 -12.08 12.21
C VAL D 249 3.10 -11.48 13.53
N PRO D 250 1.77 -11.28 13.65
CA PRO D 250 1.19 -10.61 14.83
C PRO D 250 1.54 -11.35 16.12
N ASP D 251 1.15 -12.61 16.20
CA ASP D 251 1.33 -13.42 17.40
C ASP D 251 2.78 -13.84 17.60
N GLU D 252 3.17 -13.96 18.87
CA GLU D 252 4.57 -14.16 19.23
C GLU D 252 4.78 -15.35 20.19
N ASP D 253 3.87 -16.32 20.10
CA ASP D 253 3.96 -17.57 20.85
C ASP D 253 3.73 -18.70 19.87
N PHE D 254 4.74 -19.52 19.66
CA PHE D 254 4.67 -20.60 18.67
C PHE D 254 4.90 -21.96 19.31
N VAL D 255 4.43 -23.00 18.65
CA VAL D 255 4.93 -24.34 18.97
C VAL D 255 6.11 -24.65 18.02
N LEU D 256 5.96 -24.28 16.75
CA LEU D 256 7.04 -24.50 15.78
C LEU D 256 7.08 -23.51 14.61
N VAL D 257 8.30 -23.25 14.13
CA VAL D 257 8.57 -22.57 12.86
C VAL D 257 9.42 -23.49 11.98
N LEU D 258 8.99 -23.67 10.75
CA LEU D 258 9.74 -24.49 9.85
C LEU D 258 9.85 -23.84 8.47
N ALA D 259 11.09 -23.61 8.07
CA ALA D 259 11.40 -23.20 6.72
C ALA D 259 11.87 -24.49 6.08
N LEU D 260 11.26 -24.85 4.97
CA LEU D 260 11.44 -26.14 4.35
C LEU D 260 11.53 -25.98 2.86
N LEU D 261 12.52 -26.61 2.23
CA LEU D 261 12.75 -26.42 0.81
C LEU D 261 12.19 -27.52 -0.05
N HIS D 262 11.77 -28.61 0.58
CA HIS D 262 11.42 -29.82 -0.16
C HIS D 262 10.16 -30.39 0.37
N SER D 263 9.69 -31.49 -0.22
CA SER D 263 8.42 -32.12 0.20
C SER D 263 8.49 -32.81 1.56
N HIS D 264 9.64 -33.38 1.90
CA HIS D 264 9.74 -34.22 3.09
C HIS D 264 10.62 -33.69 4.19
N LEU D 265 10.14 -33.81 5.43
CA LEU D 265 10.93 -33.58 6.63
C LEU D 265 11.64 -34.84 7.10
N GLY D 266 11.18 -35.98 6.62
CA GLY D 266 11.73 -37.30 6.97
C GLY D 266 11.21 -38.27 5.95
N SER D 267 11.81 -39.46 5.88
CA SER D 267 11.38 -40.47 4.90
C SER D 267 9.93 -40.93 5.07
N GLU D 268 9.31 -40.63 6.20
CA GLU D 268 7.89 -40.94 6.38
C GLU D 268 7.10 -39.72 6.84
N MET D 269 7.60 -38.53 6.49
CA MET D 269 6.99 -37.24 6.88
C MET D 269 6.75 -36.37 5.65
N PHE D 270 5.61 -36.57 5.00
CA PHE D 270 5.26 -35.85 3.79
C PHE D 270 4.78 -34.47 4.24
N ALA D 271 5.72 -33.56 4.48
CA ALA D 271 5.40 -32.33 5.19
C ALA D 271 4.75 -31.27 4.30
N ALA D 272 5.02 -31.34 3.01
CA ALA D 272 4.55 -30.31 2.10
C ALA D 272 3.94 -30.95 0.88
N PRO D 273 2.65 -31.36 1.00
CA PRO D 273 1.90 -32.05 -0.05
C PRO D 273 1.41 -31.14 -1.17
N MET D 274 1.41 -29.83 -0.95
CA MET D 274 1.20 -28.92 -2.05
C MET D 274 2.44 -29.16 -2.92
N GLY D 275 2.44 -28.68 -4.16
CA GLY D 275 3.50 -29.09 -5.09
C GLY D 275 4.94 -28.73 -4.74
N ARG D 276 5.85 -29.30 -5.53
CA ARG D 276 7.25 -28.95 -5.52
C ARG D 276 7.47 -27.42 -5.63
N CYS D 277 8.35 -26.88 -4.79
CA CYS D 277 8.67 -25.45 -4.84
C CYS D 277 9.15 -24.96 -6.21
N ALA D 278 8.75 -23.72 -6.55
CA ALA D 278 9.26 -23.01 -7.71
C ALA D 278 10.71 -22.54 -7.46
N ALA D 279 11.40 -22.13 -8.52
CA ALA D 279 12.75 -21.59 -8.40
C ALA D 279 12.76 -20.38 -7.49
N GLY D 280 13.52 -20.45 -6.39
CA GLY D 280 13.73 -19.31 -5.49
C GLY D 280 12.64 -19.21 -4.42
N VAL D 281 11.83 -20.26 -4.32
CA VAL D 281 10.75 -20.34 -3.36
C VAL D 281 11.03 -21.51 -2.42
N MET D 282 10.65 -21.35 -1.15
CA MET D 282 10.65 -22.43 -0.18
C MET D 282 9.33 -22.35 0.61
N HIS D 283 9.05 -23.40 1.40
CA HIS D 283 7.86 -23.48 2.25
C HIS D 283 8.18 -22.90 3.58
N LEU D 284 7.24 -22.12 4.13
CA LEU D 284 7.33 -21.68 5.52
C LEU D 284 6.07 -22.09 6.28
N PHE D 285 6.26 -22.85 7.35
CA PHE D 285 5.18 -23.32 8.20
C PHE D 285 5.42 -22.74 9.57
N TYR D 286 4.34 -22.42 10.27
CA TYR D 286 4.43 -22.18 11.70
C TYR D 286 3.12 -22.59 12.39
N VAL D 287 3.23 -23.00 13.64
CA VAL D 287 2.06 -23.34 14.43
C VAL D 287 2.00 -22.37 15.60
N ARG D 288 0.94 -21.56 15.62
CA ARG D 288 0.75 -20.59 16.70
C ARG D 288 0.18 -21.27 17.95
N ALA D 289 0.64 -20.79 19.11
CA ALA D 289 0.20 -21.29 20.42
C ALA D 289 -1.33 -21.40 20.55
N GLY D 290 -1.77 -22.38 21.33
CA GLY D 290 -3.20 -22.55 21.58
C GLY D 290 -3.82 -23.68 20.79
N VAL D 291 -2.97 -24.54 20.22
CA VAL D 291 -3.44 -25.82 19.71
C VAL D 291 -3.42 -26.82 20.84
N SER D 292 -4.44 -27.67 20.84
CA SER D 292 -4.48 -28.79 21.76
C SER D 292 -3.44 -29.81 21.33
N ARG D 293 -2.88 -30.50 22.32
CA ARG D 293 -1.95 -31.61 22.10
C ARG D 293 -2.54 -32.62 21.11
N ALA D 294 -3.82 -32.93 21.29
CA ALA D 294 -4.52 -33.86 20.42
C ALA D 294 -4.49 -33.42 18.95
N MET D 295 -4.76 -32.14 18.72
CA MET D 295 -4.75 -31.59 17.36
C MET D 295 -3.35 -31.63 16.75
N LEU D 296 -2.35 -31.33 17.58
CA LEU D 296 -0.94 -31.40 17.14
C LEU D 296 -0.58 -32.82 16.73
N LEU D 297 -0.98 -33.81 17.55
CA LEU D 297 -0.72 -35.22 17.26
C LEU D 297 -1.41 -35.69 15.99
N ARG D 298 -2.70 -35.39 15.88
CA ARG D 298 -3.45 -35.61 14.65
C ARG D 298 -2.72 -35.04 13.44
N LEU D 299 -2.19 -33.82 13.58
CA LEU D 299 -1.41 -33.17 12.50
C LEU D 299 -0.15 -33.98 12.20
N PHE D 300 0.63 -34.30 13.23
CA PHE D 300 1.81 -35.13 13.08
C PHE D 300 1.56 -36.44 12.33
N LEU D 301 0.44 -37.10 12.61
CA LEU D 301 0.16 -38.43 12.06
C LEU D 301 -0.43 -38.36 10.66
N ALA D 302 -1.26 -37.34 10.41
CA ALA D 302 -1.80 -37.13 9.08
C ALA D 302 -0.65 -36.84 8.13
N MET D 303 0.38 -36.18 8.68
CA MET D 303 1.62 -35.83 7.95
C MET D 303 2.25 -36.98 7.16
N GLU D 304 2.22 -38.18 7.73
CA GLU D 304 2.82 -39.35 7.09
C GLU D 304 2.25 -39.65 5.70
N LYS D 305 1.01 -39.25 5.44
CA LYS D 305 0.43 -39.42 4.12
C LYS D 305 0.14 -38.08 3.44
N GLY D 306 0.67 -37.01 4.01
CA GLY D 306 0.51 -35.67 3.47
C GLY D 306 -0.91 -35.16 3.51
N ARG D 307 -1.61 -35.48 4.60
CA ARG D 307 -3.03 -35.16 4.75
C ARG D 307 -3.26 -34.10 5.83
N HIS D 308 -2.20 -33.70 6.51
CA HIS D 308 -2.31 -32.73 7.61
C HIS D 308 -2.93 -31.41 7.23
N MET D 309 -2.78 -31.02 5.98
CA MET D 309 -3.33 -29.76 5.49
C MET D 309 -4.86 -29.84 5.33
N GLU D 310 -5.38 -31.06 5.20
CA GLU D 310 -6.81 -31.29 4.95
C GLU D 310 -7.68 -30.95 6.15
N TYR D 311 -7.07 -30.70 7.30
CA TYR D 311 -7.78 -30.39 8.55
C TYR D 311 -8.27 -28.95 8.68
N GLU D 312 -7.84 -28.08 7.77
CA GLU D 312 -8.22 -26.66 7.77
C GLU D 312 -7.87 -25.96 9.10
N CYS D 313 -7.06 -26.62 9.92
CA CYS D 313 -6.63 -26.12 11.23
C CYS D 313 -6.13 -24.67 11.18
N PRO D 314 -6.70 -23.80 12.03
CA PRO D 314 -6.37 -22.37 11.98
C PRO D 314 -5.16 -21.97 12.85
N TYR D 315 -4.47 -22.95 13.43
CA TYR D 315 -3.25 -22.68 14.21
C TYR D 315 -1.99 -23.01 13.42
N LEU D 316 -2.16 -23.77 12.36
CA LEU D 316 -1.10 -24.03 11.43
C LEU D 316 -1.25 -23.08 10.25
N VAL D 317 -0.20 -22.31 9.98
CA VAL D 317 -0.14 -21.44 8.79
C VAL D 317 0.97 -21.87 7.84
N TYR D 318 0.66 -21.85 6.55
CA TYR D 318 1.63 -22.13 5.50
C TYR D 318 1.68 -20.95 4.56
N VAL D 319 2.89 -20.50 4.24
CA VAL D 319 3.11 -19.43 3.27
C VAL D 319 4.38 -19.74 2.45
N PRO D 320 4.29 -19.63 1.11
CA PRO D 320 5.48 -19.75 0.27
C PRO D 320 6.31 -18.47 0.34
N VAL D 321 7.58 -18.57 0.70
CA VAL D 321 8.42 -17.40 0.94
C VAL D 321 9.74 -17.41 0.16
N VAL D 322 10.38 -16.25 0.06
CA VAL D 322 11.73 -16.19 -0.50
C VAL D 322 12.72 -15.82 0.59
N ALA D 323 12.22 -15.29 1.69
CA ALA D 323 13.09 -14.87 2.78
C ALA D 323 12.30 -14.80 4.07
N PHE D 324 13.02 -14.88 5.20
CA PHE D 324 12.41 -14.82 6.54
C PHE D 324 13.40 -14.30 7.57
N ARG D 325 12.89 -13.87 8.71
CA ARG D 325 13.72 -13.58 9.88
C ARG D 325 13.00 -14.18 11.06
N LEU D 326 13.75 -14.67 12.03
CA LEU D 326 13.17 -15.26 13.21
C LEU D 326 13.96 -14.89 14.45
N GLU D 327 13.27 -14.30 15.41
CA GLU D 327 13.90 -13.67 16.54
C GLU D 327 13.38 -14.22 17.88
N PRO D 328 14.03 -15.27 18.43
CA PRO D 328 13.82 -15.57 19.86
C PRO D 328 14.84 -14.73 20.67
N LYS D 329 14.44 -13.83 21.56
CA LYS D 329 13.23 -13.81 22.38
C LYS D 329 13.54 -14.62 23.62
N ASP D 330 14.20 -13.94 24.56
CA ASP D 330 14.89 -14.56 25.69
C ASP D 330 16.06 -15.44 25.25
N GLY D 331 17.23 -14.81 25.18
CA GLY D 331 18.50 -15.50 24.91
C GLY D 331 18.59 -16.27 23.61
N LYS D 332 19.69 -17.01 23.48
CA LYS D 332 19.94 -17.89 22.35
C LYS D 332 18.84 -18.96 22.22
N GLY D 333 18.36 -19.14 21.00
CA GLY D 333 17.38 -20.17 20.70
C GLY D 333 18.06 -21.37 20.10
N VAL D 334 17.42 -22.53 20.23
CA VAL D 334 17.94 -23.78 19.66
C VAL D 334 17.21 -24.07 18.35
N PHE D 335 17.99 -24.19 17.28
CA PHE D 335 17.46 -24.48 15.95
C PHE D 335 18.09 -25.77 15.47
N ALA D 336 17.45 -26.37 14.47
CA ALA D 336 18.05 -27.42 13.69
C ALA D 336 18.17 -26.93 12.25
N VAL D 337 19.38 -27.00 11.70
CA VAL D 337 19.63 -26.63 10.31
C VAL D 337 19.98 -27.90 9.56
N ASP D 338 19.12 -28.30 8.63
CA ASP D 338 19.31 -29.55 7.91
C ASP D 338 19.55 -30.74 8.87
N GLY D 339 18.85 -30.73 10.01
CA GLY D 339 19.03 -31.74 11.05
C GLY D 339 19.99 -31.31 12.14
N GLU D 340 21.07 -30.62 11.79
CA GLU D 340 22.15 -30.33 12.76
C GLU D 340 21.80 -29.20 13.71
N LEU D 341 22.16 -29.38 14.98
CA LEU D 341 22.00 -28.36 16.01
C LEU D 341 22.76 -27.07 15.69
N MET D 342 22.07 -25.95 15.86
CA MET D 342 22.68 -24.63 15.81
C MET D 342 21.98 -23.78 16.88
N VAL D 343 22.74 -22.89 17.50
CA VAL D 343 22.21 -22.02 18.55
C VAL D 343 22.60 -20.56 18.29
N SER D 344 21.59 -19.70 18.19
CA SER D 344 21.82 -18.25 18.02
C SER D 344 20.64 -17.40 18.47
N GLU D 345 20.91 -16.11 18.69
CA GLU D 345 19.93 -15.11 19.13
C GLU D 345 18.90 -14.82 18.05
N ALA D 346 19.33 -14.89 16.80
CA ALA D 346 18.47 -14.53 15.69
C ALA D 346 19.06 -15.03 14.38
N VAL D 347 18.18 -15.36 13.44
CA VAL D 347 18.58 -15.98 12.20
C VAL D 347 17.68 -15.40 11.13
N GLN D 348 18.26 -15.11 9.96
CA GLN D 348 17.43 -14.76 8.83
C GLN D 348 18.02 -15.42 7.61
N GLY D 349 17.23 -15.51 6.55
CA GLY D 349 17.69 -16.14 5.34
C GLY D 349 16.87 -15.82 4.12
N GLN D 350 17.45 -16.12 2.96
CA GLN D 350 16.78 -15.97 1.69
C GLN D 350 17.16 -17.13 0.80
N VAL D 351 16.29 -17.45 -0.14
CA VAL D 351 16.47 -18.57 -1.01
C VAL D 351 17.19 -18.10 -2.26
N HIS D 352 18.05 -18.94 -2.81
CA HIS D 352 18.69 -18.66 -4.08
C HIS D 352 18.23 -19.68 -5.05
N PRO D 353 17.71 -19.26 -6.21
CA PRO D 353 17.08 -20.23 -7.11
C PRO D 353 18.06 -21.17 -7.80
N ASN D 354 17.69 -22.44 -7.88
CA ASN D 354 18.41 -23.41 -8.68
C ASN D 354 19.93 -23.21 -8.58
N TYR D 355 20.46 -23.21 -7.37
CA TYR D 355 21.89 -22.99 -7.20
C TYR D 355 22.81 -24.18 -7.48
N PHE D 356 22.35 -25.38 -7.24
CA PHE D 356 23.17 -26.58 -7.46
C PHE D 356 22.32 -27.66 -8.11
N TRP D 357 22.98 -28.63 -8.73
CA TRP D 357 22.28 -29.70 -9.43
C TRP D 357 22.31 -30.95 -8.62
N MET D 358 21.21 -31.69 -8.66
CA MET D 358 21.15 -33.01 -8.03
C MET D 358 20.69 -34.05 -9.01
N VAL D 359 21.15 -35.28 -8.82
CA VAL D 359 20.58 -36.39 -9.58
C VAL D 359 19.17 -36.64 -9.06
N SER D 360 18.25 -36.84 -10.01
CA SER D 360 16.83 -37.16 -9.72
C SER D 360 16.07 -37.47 -11.01
N GLY D 361 14.90 -38.08 -10.89
CA GLY D 361 14.10 -38.45 -12.06
C GLY D 361 12.87 -37.59 -12.24
N SER E 5 1.85 0.14 7.43
CA SER E 5 0.56 -0.08 8.12
C SER E 5 0.37 0.92 9.27
N GLY E 6 -0.28 0.48 10.33
CA GLY E 6 -0.53 1.34 11.49
C GLY E 6 0.38 1.02 12.65
N VAL E 7 1.57 0.50 12.34
CA VAL E 7 2.54 0.04 13.34
C VAL E 7 3.98 0.49 12.99
N LEU E 8 4.64 1.22 13.89
CA LEU E 8 6.08 1.49 13.76
C LEU E 8 6.87 0.19 13.68
N PRO E 9 7.97 0.20 12.91
CA PRO E 9 8.82 -0.98 12.83
C PRO E 9 9.51 -1.27 14.19
N ARG E 10 9.98 -2.50 14.35
CA ARG E 10 10.80 -2.85 15.52
C ARG E 10 12.10 -3.57 15.11
N PRO E 11 13.28 -3.05 15.53
CA PRO E 11 13.44 -1.79 16.24
C PRO E 11 13.16 -0.60 15.32
N CYS E 12 13.25 0.62 15.85
CA CYS E 12 13.08 1.80 15.03
C CYS E 12 13.91 2.95 15.58
N ARG E 13 13.96 4.05 14.83
CA ARG E 13 14.71 5.20 15.31
C ARG E 13 13.89 6.46 15.17
N VAL E 14 14.10 7.36 16.09
CA VAL E 14 13.13 8.38 16.38
C VAL E 14 13.79 9.73 16.62
N LEU E 15 13.22 10.80 16.08
CA LEU E 15 13.75 12.13 16.35
C LEU E 15 12.98 12.83 17.46
N VAL E 16 13.65 13.06 18.57
CA VAL E 16 13.04 13.73 19.70
C VAL E 16 13.38 15.22 19.73
N LEU E 17 12.40 16.05 19.38
CA LEU E 17 12.49 17.49 19.46
C LEU E 17 11.94 17.92 20.81
N LEU E 18 12.83 18.41 21.66
CA LEU E 18 12.56 18.71 23.04
C LEU E 18 12.85 20.18 23.36
N ASN E 19 11.88 20.86 23.96
CA ASN E 19 12.08 22.20 24.47
C ASN E 19 12.53 22.14 25.94
N PRO E 20 13.82 22.39 26.21
CA PRO E 20 14.39 22.17 27.54
C PRO E 20 13.93 23.19 28.58
N ARG E 21 13.43 24.33 28.10
CA ARG E 21 12.76 25.29 28.95
C ARG E 21 11.28 24.93 28.96
N GLY E 22 11.05 23.61 28.95
CA GLY E 22 9.76 22.95 29.11
C GLY E 22 9.84 22.06 30.34
N GLY E 23 8.75 21.36 30.66
CA GLY E 23 8.57 20.76 31.99
C GLY E 23 8.79 21.94 32.92
N LYS E 24 8.34 23.08 32.41
CA LYS E 24 8.81 24.44 32.75
C LYS E 24 10.13 24.50 33.52
N GLY E 25 11.20 24.22 32.76
CA GLY E 25 12.56 24.13 33.26
C GLY E 25 13.11 22.72 33.30
N LYS E 26 12.25 21.72 33.14
CA LYS E 26 12.63 20.34 33.50
C LYS E 26 12.43 19.26 32.44
N ALA E 27 11.83 19.61 31.31
CA ALA E 27 11.54 18.64 30.24
C ALA E 27 12.66 17.64 29.94
N LEU E 28 13.90 18.11 29.89
CA LEU E 28 15.04 17.22 29.61
C LEU E 28 15.29 16.21 30.72
N GLN E 29 15.26 16.68 31.96
CA GLN E 29 15.42 15.81 33.12
C GLN E 29 14.29 14.75 33.13
N LEU E 30 13.09 15.20 32.82
CA LEU E 30 11.92 14.32 32.71
C LEU E 30 12.14 13.26 31.64
N PHE E 31 12.59 13.67 30.45
CA PHE E 31 12.95 12.70 29.39
C PHE E 31 13.90 11.63 29.88
N ARG E 32 14.91 12.07 30.62
CA ARG E 32 15.97 11.19 31.10
C ARG E 32 15.43 10.14 32.10
N SER E 33 14.67 10.60 33.08
CA SER E 33 14.15 9.71 34.12
C SER E 33 12.90 8.89 33.70
N HIS E 34 11.98 9.53 32.98
CA HIS E 34 10.65 8.95 32.70
C HIS E 34 10.47 8.39 31.31
N VAL E 35 11.21 8.93 30.34
CA VAL E 35 11.01 8.51 28.93
C VAL E 35 12.04 7.48 28.48
N GLN E 36 13.33 7.81 28.66
CA GLN E 36 14.45 6.99 28.14
C GLN E 36 14.45 5.51 28.54
N PRO E 37 14.34 5.19 29.86
CA PRO E 37 14.39 3.77 30.28
C PRO E 37 13.38 2.89 29.54
N LEU E 38 12.18 3.42 29.32
CA LEU E 38 11.13 2.69 28.60
C LEU E 38 11.46 2.59 27.12
N LEU E 39 12.10 3.63 26.56
CA LEU E 39 12.53 3.60 25.14
C LEU E 39 13.55 2.50 24.86
N ALA E 40 14.49 2.33 25.78
CA ALA E 40 15.51 1.27 25.69
C ALA E 40 14.92 -0.15 25.73
N GLU E 41 13.99 -0.40 26.66
CA GLU E 41 13.30 -1.69 26.72
C GLU E 41 12.52 -1.98 25.43
N ALA E 42 11.92 -0.94 24.87
CA ALA E 42 11.10 -1.06 23.66
C ALA E 42 11.90 -1.09 22.36
N GLU E 43 13.23 -1.00 22.47
CA GLU E 43 14.12 -1.04 21.29
C GLU E 43 13.89 0.15 20.33
N ILE E 44 13.70 1.32 20.89
CA ILE E 44 13.52 2.53 20.12
C ILE E 44 14.73 3.43 20.34
N SER E 45 15.55 3.53 19.31
CA SER E 45 16.65 4.49 19.30
C SER E 45 16.12 5.91 19.14
N PHE E 46 16.80 6.87 19.76
CA PHE E 46 16.39 8.25 19.68
C PHE E 46 17.64 9.14 19.47
N THR E 47 17.45 10.31 18.87
CA THR E 47 18.43 11.35 19.04
C THR E 47 17.70 12.61 19.47
N LEU E 48 18.24 13.29 20.49
CA LEU E 48 17.60 14.50 20.97
C LEU E 48 18.06 15.76 20.20
N MET E 49 17.12 16.63 19.93
CA MET E 49 17.39 17.90 19.29
C MET E 49 16.68 18.97 20.11
N LEU E 50 17.44 19.88 20.72
CA LEU E 50 16.84 20.91 21.57
C LEU E 50 16.32 22.08 20.74
N THR E 51 15.21 22.65 21.18
CA THR E 51 14.58 23.75 20.45
C THR E 51 13.80 24.68 21.37
N GLU E 52 14.31 25.89 21.59
CA GLU E 52 13.62 26.83 22.48
C GLU E 52 13.34 28.23 21.92
N ARG E 53 14.12 28.67 20.93
CA ARG E 53 13.83 29.95 20.27
C ARG E 53 12.63 29.80 19.33
N ARG E 54 12.02 30.91 18.93
CA ARG E 54 10.86 30.89 18.04
C ARG E 54 11.23 30.41 16.63
N ASN E 55 10.27 29.82 15.92
CA ASN E 55 10.46 29.33 14.54
C ASN E 55 11.51 28.21 14.36
N HIS E 56 12.23 27.90 15.44
CA HIS E 56 13.38 27.03 15.37
C HIS E 56 12.97 25.62 15.02
N ALA E 57 12.06 25.08 15.81
CA ALA E 57 11.48 23.75 15.59
C ALA E 57 10.95 23.61 14.17
N ARG E 58 10.19 24.60 13.75
CA ARG E 58 9.56 24.66 12.43
C ARG E 58 10.56 24.66 11.27
N GLU E 59 11.69 25.34 11.46
CA GLU E 59 12.71 25.43 10.43
C GLU E 59 13.45 24.11 10.27
N LEU E 60 13.86 23.53 11.40
CA LEU E 60 14.47 22.20 11.44
C LEU E 60 13.66 21.14 10.70
N VAL E 61 12.35 21.13 10.92
CA VAL E 61 11.49 20.09 10.38
C VAL E 61 11.30 20.28 8.87
N ARG E 62 11.21 21.55 8.48
CA ARG E 62 11.04 21.95 7.08
C ARG E 62 12.24 21.51 6.24
N SER E 63 13.43 21.53 6.83
CA SER E 63 14.64 21.23 6.08
C SER E 63 15.12 19.79 6.29
N GLU E 64 14.62 19.15 7.35
CA GLU E 64 15.07 17.81 7.80
C GLU E 64 15.00 16.72 6.73
N GLU E 65 15.99 15.85 6.74
CA GLU E 65 15.96 14.65 5.93
C GLU E 65 15.03 13.62 6.62
N LEU E 66 13.78 13.50 6.15
CA LEU E 66 12.80 12.71 6.90
C LEU E 66 12.97 11.20 6.74
N GLY E 67 13.76 10.78 5.75
CA GLY E 67 13.98 9.37 5.48
C GLY E 67 14.77 8.63 6.54
N ARG E 68 15.47 9.37 7.39
CA ARG E 68 16.30 8.75 8.42
C ARG E 68 15.51 8.44 9.71
N TRP E 69 14.24 8.82 9.76
CA TRP E 69 13.42 8.65 10.98
C TRP E 69 12.18 7.86 10.71
N ASP E 70 11.79 7.04 11.67
CA ASP E 70 10.52 6.30 11.61
C ASP E 70 9.39 7.09 12.28
N ALA E 71 9.77 8.01 13.19
CA ALA E 71 8.81 8.93 13.78
C ALA E 71 9.49 10.20 14.27
N LEU E 72 8.70 11.23 14.48
CA LEU E 72 9.11 12.43 15.18
C LEU E 72 8.41 12.54 16.53
N VAL E 73 9.17 12.60 17.63
CA VAL E 73 8.55 12.86 18.90
C VAL E 73 8.82 14.26 19.44
N VAL E 74 7.71 14.93 19.69
CA VAL E 74 7.66 16.28 20.17
C VAL E 74 7.45 16.21 21.68
N MET E 75 8.48 16.56 22.43
CA MET E 75 8.37 16.67 23.87
C MET E 75 8.36 18.11 24.37
N SER E 76 7.19 18.70 24.42
CA SER E 76 6.97 20.02 24.99
C SER E 76 5.46 20.16 25.12
N GLY E 77 4.91 21.29 24.71
CA GLY E 77 3.47 21.47 24.75
C GLY E 77 2.82 21.25 23.40
N ASP E 78 1.59 21.75 23.30
CA ASP E 78 0.82 21.72 22.07
C ASP E 78 1.45 22.65 21.01
N GLY E 79 2.24 23.62 21.48
CA GLY E 79 2.89 24.59 20.61
C GLY E 79 3.99 23.95 19.76
N LEU E 80 4.87 23.18 20.39
CA LEU E 80 5.92 22.50 19.67
C LEU E 80 5.34 21.62 18.57
N MET E 81 4.22 20.96 18.87
CA MET E 81 3.52 20.14 17.91
C MET E 81 2.95 20.99 16.77
N HIS E 82 2.42 22.15 17.11
CA HIS E 82 1.90 23.07 16.12
C HIS E 82 2.98 23.57 15.18
N GLU E 83 4.18 23.78 15.73
CA GLU E 83 5.33 24.21 14.94
C GLU E 83 5.75 23.10 14.02
N VAL E 84 5.87 21.89 14.57
CA VAL E 84 6.30 20.74 13.80
C VAL E 84 5.39 20.46 12.59
N VAL E 85 4.08 20.49 12.82
CA VAL E 85 3.13 20.16 11.76
C VAL E 85 3.06 21.22 10.67
N ASN E 86 3.09 22.49 11.07
CA ASN E 86 3.15 23.55 10.07
C ASN E 86 4.46 23.49 9.26
N GLY E 87 5.57 23.20 9.94
CA GLY E 87 6.86 22.92 9.31
C GLY E 87 6.84 21.86 8.21
N LEU E 88 6.09 20.79 8.46
CA LEU E 88 5.98 19.71 7.48
C LEU E 88 5.14 20.15 6.29
N MET E 89 4.10 20.94 6.56
CA MET E 89 3.18 21.38 5.54
C MET E 89 3.79 22.46 4.62
N GLU E 90 4.73 23.22 5.16
CA GLU E 90 5.42 24.26 4.40
C GLU E 90 6.43 23.71 3.42
N ARG E 91 6.75 22.42 3.50
CA ARG E 91 7.68 21.81 2.55
C ARG E 91 7.07 21.60 1.17
N PRO E 92 7.91 21.64 0.11
CA PRO E 92 7.49 21.24 -1.23
C PRO E 92 6.95 19.82 -1.26
N ASP E 93 7.59 18.92 -0.52
CA ASP E 93 7.15 17.53 -0.43
C ASP E 93 6.12 17.28 0.71
N TRP E 94 5.24 18.26 0.98
CA TRP E 94 4.26 18.15 2.07
C TRP E 94 3.33 16.95 2.01
N GLU E 95 2.93 16.55 0.80
CA GLU E 95 2.07 15.38 0.61
C GLU E 95 2.59 14.10 1.29
N THR E 96 3.90 13.88 1.25
CA THR E 96 4.48 12.67 1.86
C THR E 96 5.12 12.97 3.22
N ALA E 97 5.49 14.23 3.41
CA ALA E 97 6.13 14.67 4.63
C ALA E 97 5.20 14.56 5.84
N ILE E 98 3.93 14.93 5.65
CA ILE E 98 2.92 15.02 6.70
C ILE E 98 2.49 13.62 7.14
N GLN E 99 2.92 12.61 6.36
CA GLN E 99 2.64 11.20 6.60
C GLN E 99 3.65 10.54 7.52
N LYS E 100 4.67 11.30 7.91
CA LYS E 100 5.65 10.83 8.89
C LYS E 100 4.96 10.71 10.25
N PRO E 101 5.06 9.54 10.93
CA PRO E 101 4.37 9.42 12.21
C PRO E 101 4.88 10.37 13.27
N LEU E 102 3.96 10.90 14.05
CA LEU E 102 4.19 11.92 15.06
C LEU E 102 3.80 11.40 16.45
N CYS E 103 4.35 12.00 17.47
CA CYS E 103 4.08 11.59 18.83
C CYS E 103 4.19 12.79 19.76
N SER E 104 3.28 12.89 20.72
CA SER E 104 3.30 13.97 21.70
C SER E 104 3.54 13.41 23.07
N LEU E 105 4.59 13.92 23.70
CA LEU E 105 5.00 13.53 25.04
C LEU E 105 4.93 14.80 25.85
N PRO E 106 4.07 14.81 26.88
CA PRO E 106 3.74 16.08 27.52
C PRO E 106 4.82 16.55 28.49
N ALA E 107 5.17 17.84 28.40
CA ALA E 107 6.16 18.41 29.31
C ALA E 107 5.80 19.84 29.71
N GLY E 108 5.63 20.72 28.73
CA GLY E 108 5.35 22.14 28.97
C GLY E 108 3.97 22.49 29.52
N SER E 109 3.48 23.67 29.16
CA SER E 109 2.15 24.11 29.57
C SER E 109 1.23 24.15 28.34
N GLY E 110 0.07 23.50 28.48
CA GLY E 110 -0.79 23.21 27.35
C GLY E 110 -0.44 21.83 26.83
N ASN E 111 -1.12 20.81 27.37
CA ASN E 111 -0.90 19.43 26.94
C ASN E 111 -2.19 18.73 26.51
N ALA E 112 -3.08 19.53 25.94
CA ALA E 112 -4.37 19.09 25.49
C ALA E 112 -4.30 17.85 24.60
N LEU E 113 -3.41 17.86 23.61
CA LEU E 113 -3.25 16.73 22.69
C LEU E 113 -2.81 15.42 23.40
N ALA E 114 -1.72 15.46 24.15
CA ALA E 114 -1.30 14.29 24.94
C ALA E 114 -2.38 13.83 25.93
N ALA E 115 -3.14 14.76 26.48
CA ALA E 115 -4.24 14.40 27.39
C ALA E 115 -5.40 13.73 26.63
N SER E 116 -5.73 14.26 25.45
CA SER E 116 -6.74 13.65 24.59
C SER E 116 -6.38 12.23 24.18
N LEU E 117 -5.10 12.00 23.86
CA LEU E 117 -4.64 10.69 23.41
C LEU E 117 -4.61 9.68 24.57
N ASN E 118 -4.20 10.16 25.73
CA ASN E 118 -4.25 9.37 26.96
C ASN E 118 -5.68 8.92 27.26
N HIS E 119 -6.63 9.76 26.89
CA HIS E 119 -8.01 9.49 27.14
C HIS E 119 -8.58 8.53 26.14
N TYR E 120 -8.22 8.68 24.87
CA TYR E 120 -8.63 7.70 23.85
C TYR E 120 -8.00 6.34 24.15
N ALA E 121 -6.96 6.33 24.98
CA ALA E 121 -6.22 5.10 25.24
C ALA E 121 -6.91 4.34 26.35
N GLY E 122 -7.83 5.01 27.05
CA GLY E 122 -8.57 4.39 28.14
C GLY E 122 -8.09 4.70 29.54
N TYR E 123 -7.00 5.46 29.67
CA TYR E 123 -6.46 5.78 30.99
C TYR E 123 -7.28 6.85 31.69
N GLU E 124 -6.99 7.04 32.97
CA GLU E 124 -7.60 8.09 33.77
C GLU E 124 -7.03 9.46 33.41
N GLN E 125 -7.73 10.51 33.81
CA GLN E 125 -7.33 11.87 33.52
C GLN E 125 -6.19 12.27 34.43
N VAL E 126 -5.03 11.69 34.14
CA VAL E 126 -3.81 11.89 34.91
C VAL E 126 -3.04 13.14 34.45
N THR E 127 -2.03 13.50 35.24
CA THR E 127 -1.32 14.75 35.05
C THR E 127 0.20 14.55 35.10
N ASN E 128 0.94 15.59 34.73
CA ASN E 128 2.40 15.64 34.90
C ASN E 128 3.11 14.30 34.64
N GLU E 129 3.84 13.78 35.62
CA GLU E 129 4.65 12.58 35.41
C GLU E 129 3.82 11.43 34.87
N ASP E 130 2.63 11.26 35.45
CA ASP E 130 1.71 10.16 35.12
C ASP E 130 1.31 10.15 33.66
N LEU E 131 0.86 11.31 33.17
CA LEU E 131 0.48 11.52 31.78
C LEU E 131 1.67 11.28 30.87
N LEU E 132 2.84 11.74 31.29
CA LEU E 132 4.04 11.57 30.47
C LEU E 132 4.33 10.09 30.32
N THR E 133 4.28 9.36 31.44
CA THR E 133 4.62 7.92 31.48
C THR E 133 3.68 7.13 30.58
N ASN E 134 2.40 7.53 30.61
CA ASN E 134 1.37 6.90 29.83
C ASN E 134 1.56 7.17 28.35
N CYS E 135 1.73 8.45 28.01
CA CYS E 135 2.07 8.84 26.64
C CYS E 135 3.28 8.11 26.09
N THR E 136 4.27 7.87 26.94
CA THR E 136 5.46 7.11 26.55
C THR E 136 5.15 5.65 26.28
N LEU E 137 4.25 5.06 27.09
CA LEU E 137 3.88 3.65 26.92
C LEU E 137 3.23 3.44 25.55
N LEU E 138 2.42 4.41 25.16
CA LEU E 138 1.81 4.42 23.84
C LEU E 138 2.85 4.43 22.73
N LEU E 139 3.95 5.17 22.90
CA LEU E 139 4.98 5.16 21.85
C LEU E 139 5.63 3.80 21.78
N CYS E 140 5.94 3.23 22.95
CA CYS E 140 6.57 1.91 22.99
C CYS E 140 5.67 0.78 22.49
N ARG E 141 4.37 1.01 22.44
CA ARG E 141 3.48 0.00 21.88
C ARG E 141 3.33 0.11 20.34
N ARG E 142 3.70 1.29 19.81
CA ARG E 142 4.03 1.45 18.38
C ARG E 142 2.85 1.56 17.45
N LEU E 143 1.65 1.62 17.99
CA LEU E 143 0.45 1.67 17.17
C LEU E 143 0.14 3.10 16.73
N LEU E 144 -0.29 3.23 15.47
CA LEU E 144 -0.58 4.53 14.88
C LEU E 144 -2.06 4.65 14.56
N SER E 145 -2.63 5.83 14.77
CA SER E 145 -3.95 6.11 14.22
C SER E 145 -4.01 7.51 13.61
N PRO E 146 -4.88 7.70 12.61
CA PRO E 146 -4.95 8.99 11.95
C PRO E 146 -5.76 10.07 12.65
N MET E 147 -5.28 11.30 12.54
CA MET E 147 -5.86 12.45 13.18
C MET E 147 -6.33 13.48 12.16
N ASN E 148 -7.35 14.24 12.55
CA ASN E 148 -7.80 15.34 11.74
C ASN E 148 -6.86 16.51 11.85
N LEU E 149 -6.86 17.34 10.81
CA LEU E 149 -6.04 18.55 10.72
C LEU E 149 -6.90 19.72 10.24
N LEU E 150 -6.86 20.84 10.96
CA LEU E 150 -7.61 22.04 10.57
C LEU E 150 -6.78 22.95 9.65
N SER E 151 -7.29 23.19 8.44
CA SER E 151 -6.68 24.11 7.49
C SER E 151 -7.27 25.50 7.71
N LEU E 152 -6.42 26.50 7.87
CA LEU E 152 -6.87 27.84 8.20
C LEU E 152 -6.43 28.90 7.18
N HIS E 153 -7.30 29.88 6.94
CA HIS E 153 -7.00 31.04 6.10
C HIS E 153 -7.36 32.30 6.86
N THR E 154 -6.54 33.34 6.74
CA THR E 154 -6.87 34.65 7.34
C THR E 154 -7.04 35.74 6.29
N ALA E 155 -7.46 36.93 6.77
CA ALA E 155 -7.60 38.11 5.92
C ALA E 155 -6.25 38.53 5.37
N SER E 156 -5.22 38.39 6.21
CA SER E 156 -3.83 38.66 5.83
C SER E 156 -3.33 37.69 4.73
N GLY E 157 -4.23 36.88 4.18
CA GLY E 157 -3.87 35.86 3.20
C GLY E 157 -2.98 34.76 3.75
N LEU E 158 -2.77 34.74 5.06
CA LEU E 158 -1.97 33.71 5.73
C LEU E 158 -2.66 32.33 5.78
N ARG E 159 -1.89 31.29 5.47
CA ARG E 159 -2.37 29.91 5.49
C ARG E 159 -1.55 29.11 6.50
N LEU E 160 -2.22 28.57 7.51
CA LEU E 160 -1.59 27.78 8.58
C LEU E 160 -2.50 26.62 9.04
N PHE E 161 -1.91 25.63 9.70
CA PHE E 161 -2.66 24.43 10.08
C PHE E 161 -2.78 24.24 11.59
N SER E 162 -3.95 23.76 12.03
CA SER E 162 -4.21 23.53 13.45
C SER E 162 -4.42 22.05 13.72
N VAL E 163 -3.74 21.55 14.76
CA VAL E 163 -3.89 20.14 15.17
C VAL E 163 -4.89 19.98 16.31
N LEU E 164 -5.21 21.08 17.01
CA LEU E 164 -5.95 20.97 18.26
C LEU E 164 -7.11 21.93 18.38
N SER E 165 -6.81 23.23 18.37
CA SER E 165 -7.83 24.25 18.63
C SER E 165 -7.58 25.62 17.99
N LEU E 166 -8.68 26.30 17.69
CA LEU E 166 -8.69 27.72 17.39
C LEU E 166 -9.68 28.38 18.34
N ALA E 167 -9.18 29.28 19.19
CA ALA E 167 -10.02 29.93 20.17
C ALA E 167 -10.10 31.45 19.96
N TRP E 168 -11.29 32.00 20.17
CA TRP E 168 -11.52 33.44 20.10
C TRP E 168 -12.24 33.90 21.32
N GLY E 169 -11.87 35.08 21.80
CA GLY E 169 -12.59 35.69 22.92
C GLY E 169 -12.04 35.28 24.27
N PHE E 170 -12.95 34.92 25.18
CA PHE E 170 -12.61 34.66 26.58
C PHE E 170 -11.35 33.82 26.69
N ILE E 171 -11.34 32.65 26.02
CA ILE E 171 -10.22 31.71 26.06
C ILE E 171 -8.96 32.30 25.44
N ALA E 172 -9.09 32.86 24.24
CA ALA E 172 -7.95 33.50 23.56
C ALA E 172 -7.31 34.60 24.42
N ASP E 173 -8.14 35.40 25.08
CA ASP E 173 -7.65 36.43 26.01
C ASP E 173 -6.91 35.80 27.20
N VAL E 174 -7.49 34.76 27.81
CA VAL E 174 -6.83 34.09 28.95
C VAL E 174 -5.48 33.48 28.55
N ASP E 175 -5.41 32.93 27.34
CA ASP E 175 -4.18 32.30 26.89
C ASP E 175 -3.07 33.31 26.74
N LEU E 176 -3.44 34.49 26.22
CA LEU E 176 -2.53 35.63 26.03
C LEU E 176 -2.13 36.23 27.37
N GLU E 177 -3.13 36.59 28.18
CA GLU E 177 -2.87 37.17 29.50
C GLU E 177 -2.12 36.18 30.42
N SER E 178 -2.02 34.91 30.02
CA SER E 178 -1.24 33.89 30.74
C SER E 178 0.26 34.00 30.51
N GLU E 179 0.99 33.91 31.63
CA GLU E 179 2.39 34.26 31.73
C GLU E 179 2.90 33.68 33.06
N LYS E 180 2.03 32.90 33.69
CA LYS E 180 2.34 32.18 34.92
C LYS E 180 3.11 30.90 34.59
N TYR E 181 3.96 30.46 35.53
CA TYR E 181 4.86 29.32 35.35
C TYR E 181 4.12 28.01 35.11
N ARG E 182 3.70 27.38 36.20
CA ARG E 182 3.10 26.04 36.18
C ARG E 182 1.86 25.94 37.08
N MET E 187 -3.53 26.11 38.24
CA MET E 187 -2.82 26.23 36.97
C MET E 187 -3.02 27.65 36.45
N ARG E 188 -2.27 27.99 35.40
CA ARG E 188 -2.37 29.33 34.82
C ARG E 188 -3.69 29.54 34.11
N PHE E 189 -4.31 28.45 33.67
CA PHE E 189 -5.60 28.55 32.98
C PHE E 189 -6.75 28.82 33.96
N THR E 190 -6.63 28.29 35.17
CA THR E 190 -7.62 28.53 36.22
C THR E 190 -7.53 29.98 36.70
N LEU E 191 -6.36 30.36 37.21
CA LEU E 191 -6.14 31.72 37.69
C LEU E 191 -6.55 32.72 36.63
N GLY E 192 -6.09 32.47 35.39
CA GLY E 192 -6.39 33.31 34.24
C GLY E 192 -7.87 33.46 33.97
N THR E 193 -8.62 32.39 34.23
CA THR E 193 -10.06 32.40 33.97
C THR E 193 -10.77 33.19 35.05
N PHE E 194 -10.45 32.87 36.30
CA PHE E 194 -10.94 33.61 37.45
C PHE E 194 -10.82 35.11 37.20
N LEU E 195 -9.65 35.54 36.76
CA LEU E 195 -9.34 36.95 36.58
C LEU E 195 -10.06 37.59 35.38
N ARG E 196 -10.10 36.89 34.25
CA ARG E 196 -10.81 37.38 33.06
C ARG E 196 -12.32 37.49 33.35
N LEU E 197 -12.79 36.66 34.28
CA LEU E 197 -14.17 36.62 34.70
C LEU E 197 -14.61 37.89 35.44
N ALA E 198 -13.77 38.36 36.37
CA ALA E 198 -14.02 39.55 37.17
C ALA E 198 -14.22 40.78 36.27
N ALA E 199 -13.60 40.76 35.09
CA ALA E 199 -13.84 41.78 34.07
C ALA E 199 -14.45 41.16 32.81
N LEU E 200 -15.42 40.27 33.00
CA LEU E 200 -16.03 39.54 31.88
C LEU E 200 -16.40 40.48 30.75
N ARG E 201 -15.80 40.28 29.59
CA ARG E 201 -16.18 41.09 28.44
C ARG E 201 -16.70 40.23 27.31
N THR E 202 -17.62 40.81 26.53
CA THR E 202 -18.12 40.13 25.36
C THR E 202 -17.36 40.67 24.13
N TYR E 203 -17.52 40.01 22.98
CA TYR E 203 -16.73 40.31 21.80
C TYR E 203 -17.63 40.32 20.59
N ARG E 204 -17.47 41.35 19.76
CA ARG E 204 -18.31 41.54 18.58
C ARG E 204 -17.69 40.85 17.36
N GLY E 205 -18.46 39.95 16.76
CA GLY E 205 -18.02 39.23 15.58
C GLY E 205 -19.18 38.54 14.90
N ARG E 206 -18.97 38.06 13.68
CA ARG E 206 -19.97 37.22 13.01
C ARG E 206 -19.41 35.80 12.90
N LEU E 207 -20.25 34.81 13.21
CA LEU E 207 -19.86 33.41 13.13
C LEU E 207 -20.73 32.66 12.14
N ALA E 208 -20.08 31.96 11.23
CA ALA E 208 -20.77 31.07 10.30
C ALA E 208 -20.11 29.69 10.41
N TYR E 209 -20.86 28.64 10.12
CA TYR E 209 -20.29 27.28 10.09
C TYR E 209 -21.04 26.38 9.14
N LEU E 210 -20.32 25.37 8.64
CA LEU E 210 -20.94 24.29 7.89
C LEU E 210 -21.05 23.02 8.76
N PRO E 211 -22.28 22.64 9.14
CA PRO E 211 -22.47 21.47 10.00
C PRO E 211 -22.38 20.18 9.20
N VAL E 212 -22.03 19.09 9.90
CA VAL E 212 -21.87 17.74 9.31
C VAL E 212 -23.03 17.36 8.38
N GLY E 213 -24.25 17.74 8.74
CA GLY E 213 -25.42 17.45 7.90
C GLY E 213 -25.41 17.86 6.43
N ARG E 214 -25.07 19.11 6.15
CA ARG E 214 -25.24 19.67 4.80
C ARG E 214 -24.12 19.33 3.82
N VAL E 215 -23.00 18.84 4.36
CA VAL E 215 -21.75 18.60 3.61
C VAL E 215 -21.87 18.45 2.07
N GLY E 216 -22.69 17.50 1.63
CA GLY E 216 -22.97 17.26 0.19
C GLY E 216 -21.70 17.10 -0.65
N GLN E 228 2.26 24.32 -2.08
CA GLN E 228 0.99 24.21 -2.77
C GLN E 228 -0.18 24.21 -1.77
N GLY E 229 -0.25 23.18 -0.94
CA GLY E 229 -1.33 22.99 0.02
C GLY E 229 -2.46 22.13 -0.53
N PRO E 230 -3.30 21.56 0.36
CA PRO E 230 -4.49 20.85 -0.09
C PRO E 230 -5.64 21.82 -0.30
N VAL E 231 -6.58 21.46 -1.17
CA VAL E 231 -7.69 22.37 -1.48
C VAL E 231 -8.83 22.31 -0.44
N ASP E 232 -9.20 23.49 0.05
CA ASP E 232 -10.34 23.66 0.94
C ASP E 232 -11.62 23.88 0.13
N ALA E 233 -12.20 22.77 -0.35
CA ALA E 233 -13.38 22.79 -1.23
C ALA E 233 -14.67 23.39 -0.64
N HIS E 234 -14.76 23.46 0.69
CA HIS E 234 -15.93 24.02 1.36
C HIS E 234 -15.74 25.49 1.58
N LEU E 235 -14.57 26.00 1.21
CA LEU E 235 -14.23 27.41 1.45
C LEU E 235 -14.27 28.28 0.19
N VAL E 236 -14.92 29.43 0.29
CA VAL E 236 -14.80 30.50 -0.71
C VAL E 236 -14.08 31.66 -0.02
N PRO E 237 -13.39 32.54 -0.79
CA PRO E 237 -12.52 33.54 -0.15
C PRO E 237 -13.28 34.47 0.79
N LEU E 238 -12.55 35.14 1.68
CA LEU E 238 -13.15 35.94 2.74
C LEU E 238 -13.83 37.22 2.25
N GLU E 239 -13.43 37.70 1.08
CA GLU E 239 -14.05 38.88 0.46
C GLU E 239 -15.46 38.55 0.00
N GLU E 240 -15.70 37.28 -0.31
CA GLU E 240 -17.02 36.81 -0.68
C GLU E 240 -17.80 36.42 0.57
N PRO E 241 -19.14 36.59 0.55
CA PRO E 241 -19.99 36.10 1.63
C PRO E 241 -20.05 34.58 1.65
N VAL E 242 -20.33 34.00 2.83
CA VAL E 242 -20.39 32.54 2.98
C VAL E 242 -21.48 31.94 2.09
N PRO E 243 -21.27 30.69 1.61
CA PRO E 243 -22.29 30.02 0.80
C PRO E 243 -23.65 29.95 1.52
N SER E 244 -24.71 29.79 0.73
CA SER E 244 -26.09 29.84 1.23
C SER E 244 -26.39 28.73 2.24
N HIS E 245 -25.87 27.53 2.00
CA HIS E 245 -26.12 26.35 2.85
C HIS E 245 -25.46 26.36 4.21
N TRP E 246 -24.51 27.28 4.41
CA TRP E 246 -23.91 27.49 5.73
C TRP E 246 -24.89 28.03 6.72
N THR E 247 -24.53 27.95 8.00
CA THR E 247 -25.36 28.50 9.06
C THR E 247 -24.73 29.78 9.61
N VAL E 248 -25.35 30.92 9.28
CA VAL E 248 -24.96 32.21 9.86
C VAL E 248 -25.62 32.31 11.23
N VAL E 249 -24.80 32.39 12.28
CA VAL E 249 -25.32 32.51 13.64
C VAL E 249 -25.92 33.91 13.79
N PRO E 250 -27.21 33.98 14.19
CA PRO E 250 -27.89 35.26 14.37
C PRO E 250 -27.13 36.21 15.31
N ASP E 251 -26.76 35.72 16.50
CA ASP E 251 -26.00 36.53 17.46
C ASP E 251 -24.76 37.10 16.83
N GLU E 252 -24.40 38.31 17.25
CA GLU E 252 -23.13 38.90 16.82
C GLU E 252 -22.37 39.51 17.98
N ASP E 253 -22.68 38.99 19.17
CA ASP E 253 -21.95 39.33 20.38
C ASP E 253 -21.70 38.01 21.11
N PHE E 254 -20.43 37.72 21.39
CA PHE E 254 -20.04 36.43 21.95
C PHE E 254 -19.13 36.61 23.16
N VAL E 255 -19.06 35.60 24.03
CA VAL E 255 -18.05 35.58 25.08
C VAL E 255 -16.83 34.72 24.69
N LEU E 256 -17.08 33.60 24.02
CA LEU E 256 -16.02 32.76 23.45
C LEU E 256 -16.50 32.00 22.21
N VAL E 257 -15.58 31.74 21.28
CA VAL E 257 -15.81 30.78 20.19
C VAL E 257 -14.65 29.78 20.17
N LEU E 258 -14.97 28.50 20.11
CA LEU E 258 -13.97 27.45 20.20
C LEU E 258 -14.16 26.36 19.15
N ALA E 259 -13.16 26.21 18.29
CA ALA E 259 -13.06 25.07 17.40
C ALA E 259 -12.07 24.11 18.06
N LEU E 260 -12.51 22.87 18.28
CA LEU E 260 -11.71 21.91 19.01
C LEU E 260 -11.69 20.56 18.29
N LEU E 261 -10.51 20.07 17.97
CA LEU E 261 -10.38 18.85 17.19
C LEU E 261 -10.32 17.60 18.06
N HIS E 262 -10.23 17.76 19.38
CA HIS E 262 -9.99 16.65 20.29
C HIS E 262 -10.86 16.71 21.52
N SER E 263 -10.65 15.82 22.48
CA SER E 263 -11.57 15.69 23.61
C SER E 263 -11.26 16.69 24.73
N HIS E 264 -9.98 17.02 24.87
CA HIS E 264 -9.48 17.88 25.93
C HIS E 264 -8.96 19.20 25.46
N LEU E 265 -9.42 20.27 26.13
CA LEU E 265 -8.85 21.62 25.98
C LEU E 265 -7.60 21.81 26.81
N GLY E 266 -7.24 20.80 27.57
CA GLY E 266 -6.10 20.81 28.49
C GLY E 266 -6.16 19.51 29.26
N SER E 267 -5.10 19.18 29.99
CA SER E 267 -5.03 17.90 30.70
C SER E 267 -6.01 17.78 31.87
N GLU E 268 -6.59 18.89 32.30
CA GLU E 268 -7.65 18.87 33.30
C GLU E 268 -8.86 19.65 32.80
N MET E 269 -9.03 19.70 31.48
CA MET E 269 -10.17 20.31 30.85
C MET E 269 -10.78 19.39 29.79
N PHE E 270 -11.70 18.54 30.23
CA PHE E 270 -12.40 17.58 29.40
C PHE E 270 -13.53 18.35 28.72
N ALA E 271 -13.19 19.10 27.68
CA ALA E 271 -14.12 20.06 27.12
C ALA E 271 -15.13 19.42 26.20
N ALA E 272 -14.77 18.28 25.62
CA ALA E 272 -15.66 17.64 24.65
C ALA E 272 -16.02 16.23 25.11
N PRO E 273 -16.99 16.11 26.05
CA PRO E 273 -17.33 14.83 26.70
C PRO E 273 -17.85 13.76 25.72
N MET E 274 -18.46 14.18 24.62
CA MET E 274 -18.66 13.26 23.49
C MET E 274 -17.26 12.83 23.05
N GLY E 275 -17.15 11.80 22.21
CA GLY E 275 -15.82 11.20 22.04
C GLY E 275 -14.71 11.99 21.36
N ARG E 276 -13.67 11.24 20.98
CA ARG E 276 -12.76 11.60 19.92
C ARG E 276 -13.64 12.03 18.74
N CYS E 277 -13.20 13.01 17.96
CA CYS E 277 -13.96 13.39 16.77
C CYS E 277 -13.96 12.26 15.76
N ALA E 278 -15.05 12.14 15.01
CA ALA E 278 -15.09 11.32 13.83
C ALA E 278 -14.10 11.87 12.79
N ALA E 279 -13.82 11.10 11.74
CA ALA E 279 -12.96 11.59 10.67
C ALA E 279 -13.59 12.79 9.94
N GLY E 280 -12.81 13.85 9.75
CA GLY E 280 -13.31 15.05 9.05
C GLY E 280 -14.33 15.92 9.79
N VAL E 281 -14.33 15.85 11.11
CA VAL E 281 -15.32 16.57 11.91
C VAL E 281 -14.55 17.29 12.99
N MET E 282 -15.02 18.46 13.40
CA MET E 282 -14.49 19.09 14.62
C MET E 282 -15.60 19.59 15.53
N HIS E 283 -15.28 19.70 16.82
CA HIS E 283 -16.20 20.23 17.80
C HIS E 283 -16.16 21.72 17.73
N LEU E 284 -17.33 22.34 17.56
CA LEU E 284 -17.47 23.80 17.66
C LEU E 284 -18.34 24.21 18.84
N PHE E 285 -17.76 24.97 19.75
CA PHE E 285 -18.48 25.58 20.88
C PHE E 285 -18.52 27.10 20.76
N TYR E 286 -19.62 27.68 21.24
CA TYR E 286 -19.64 29.12 21.45
C TYR E 286 -20.52 29.48 22.60
N VAL E 287 -20.08 30.49 23.35
CA VAL E 287 -20.86 31.04 24.44
C VAL E 287 -21.41 32.41 24.01
N ARG E 288 -22.73 32.53 24.00
CA ARG E 288 -23.37 33.77 23.59
C ARG E 288 -23.36 34.80 24.71
N ALA E 289 -23.54 36.07 24.34
CA ALA E 289 -23.56 37.17 25.29
C ALA E 289 -24.81 37.08 26.14
N GLY E 290 -24.67 37.48 27.41
CA GLY E 290 -25.79 37.53 28.34
C GLY E 290 -25.67 36.51 29.45
N VAL E 291 -24.53 35.81 29.50
CA VAL E 291 -24.30 34.77 30.51
C VAL E 291 -23.91 35.45 31.79
N SER E 292 -24.35 34.89 32.91
CA SER E 292 -23.94 35.39 34.21
C SER E 292 -22.54 34.93 34.57
N ARG E 293 -21.77 35.83 35.17
CA ARG E 293 -20.44 35.53 35.68
C ARG E 293 -20.42 34.20 36.44
N ALA E 294 -21.46 33.95 37.25
CA ALA E 294 -21.52 32.76 38.09
C ALA E 294 -21.79 31.48 37.30
N MET E 295 -22.57 31.60 36.22
CA MET E 295 -22.88 30.47 35.34
C MET E 295 -21.65 30.08 34.50
N LEU E 296 -20.93 31.09 33.98
CA LEU E 296 -19.71 30.87 33.21
C LEU E 296 -18.66 30.13 34.05
N LEU E 297 -18.53 30.55 35.32
CA LEU E 297 -17.67 29.89 36.31
C LEU E 297 -18.15 28.48 36.66
N ARG E 298 -19.47 28.28 36.61
CA ARG E 298 -20.10 26.99 36.90
C ARG E 298 -19.68 25.99 35.80
N LEU E 299 -19.93 26.38 34.55
CA LEU E 299 -19.50 25.62 33.38
C LEU E 299 -18.01 25.30 33.38
N PHE E 300 -17.19 26.31 33.68
CA PHE E 300 -15.74 26.12 33.72
C PHE E 300 -15.27 25.10 34.75
N LEU E 301 -15.74 25.20 35.99
CA LEU E 301 -15.31 24.25 37.02
C LEU E 301 -15.80 22.84 36.72
N ALA E 302 -17.02 22.74 36.17
CA ALA E 302 -17.59 21.45 35.78
C ALA E 302 -16.84 20.84 34.61
N MET E 303 -16.09 21.65 33.87
CA MET E 303 -15.35 21.22 32.68
C MET E 303 -14.24 20.23 32.99
N GLU E 304 -13.74 20.25 34.21
CA GLU E 304 -12.72 19.31 34.66
C GLU E 304 -13.14 17.85 34.53
N LYS E 305 -14.38 17.54 34.89
CA LYS E 305 -14.89 16.17 34.78
C LYS E 305 -15.77 15.99 33.55
N GLY E 306 -15.81 17.02 32.70
CA GLY E 306 -16.62 17.01 31.50
C GLY E 306 -18.12 17.05 31.77
N ARG E 307 -18.51 17.71 32.85
CA ARG E 307 -19.94 17.75 33.22
C ARG E 307 -20.64 19.05 32.83
N HIS E 308 -19.89 19.95 32.19
CA HIS E 308 -20.41 21.26 31.83
C HIS E 308 -21.56 21.19 30.86
N MET E 309 -21.66 20.10 30.11
CA MET E 309 -22.79 19.93 29.19
C MET E 309 -24.03 19.41 29.90
N GLU E 310 -23.90 19.10 31.19
CA GLU E 310 -25.04 18.60 31.96
C GLU E 310 -25.91 19.70 32.57
N TYR E 311 -25.44 20.94 32.49
CA TYR E 311 -26.16 22.09 32.97
C TYR E 311 -27.05 22.70 31.88
N GLU E 312 -28.24 23.10 32.27
CA GLU E 312 -29.13 23.82 31.38
C GLU E 312 -28.53 25.22 31.25
N CYS E 313 -27.93 25.50 30.10
CA CYS E 313 -27.42 26.82 29.82
C CYS E 313 -27.60 27.19 28.34
N PRO E 314 -28.68 27.93 28.04
CA PRO E 314 -29.05 28.33 26.68
C PRO E 314 -27.94 29.12 26.00
N TYR E 315 -27.02 29.67 26.80
CA TYR E 315 -25.94 30.50 26.28
C TYR E 315 -24.80 29.68 25.67
N LEU E 316 -24.66 28.43 26.12
CA LEU E 316 -23.66 27.50 25.58
C LEU E 316 -24.23 26.70 24.42
N VAL E 317 -23.69 26.89 23.21
CA VAL E 317 -24.11 26.12 22.05
C VAL E 317 -22.99 25.19 21.53
N TYR E 318 -23.35 23.96 21.17
CA TYR E 318 -22.41 22.98 20.61
C TYR E 318 -22.88 22.51 19.24
N VAL E 319 -21.98 22.50 18.26
CA VAL E 319 -22.27 21.91 16.94
C VAL E 319 -21.01 21.21 16.38
N PRO E 320 -21.18 19.98 15.84
CA PRO E 320 -20.15 19.34 15.02
C PRO E 320 -20.08 19.92 13.60
N VAL E 321 -18.91 20.41 13.21
CA VAL E 321 -18.79 21.10 11.93
C VAL E 321 -17.58 20.63 11.12
N VAL E 322 -17.66 20.75 9.78
CA VAL E 322 -16.50 20.49 8.92
C VAL E 322 -15.78 21.78 8.54
N ALA E 323 -16.45 22.92 8.72
CA ALA E 323 -15.93 24.23 8.34
C ALA E 323 -16.58 25.34 9.13
N PHE E 324 -15.94 26.51 9.13
CA PHE E 324 -16.43 27.68 9.85
C PHE E 324 -15.78 28.98 9.35
N ARG E 325 -16.46 30.09 9.54
CA ARG E 325 -15.86 31.40 9.31
C ARG E 325 -16.15 32.28 10.50
N LEU E 326 -15.13 33.01 10.93
CA LEU E 326 -15.28 33.93 12.04
C LEU E 326 -14.58 35.25 11.73
N GLU E 327 -15.39 36.31 11.66
CA GLU E 327 -14.89 37.67 11.38
C GLU E 327 -15.29 38.65 12.47
N PRO E 328 -14.31 39.13 13.26
CA PRO E 328 -14.43 40.33 14.09
C PRO E 328 -13.73 41.54 13.42
N LYS E 329 -14.42 42.66 13.14
CA LYS E 329 -15.74 43.10 13.64
C LYS E 329 -15.65 43.62 15.08
N ASP E 330 -14.51 43.35 15.71
CA ASP E 330 -14.10 43.95 16.98
C ASP E 330 -12.87 44.83 16.69
N GLY E 331 -12.82 45.38 15.48
CA GLY E 331 -11.61 46.00 14.94
C GLY E 331 -10.67 44.91 14.49
N LYS E 332 -9.66 44.64 15.32
CA LYS E 332 -8.79 43.49 15.13
C LYS E 332 -8.89 42.57 16.33
N GLY E 333 -9.06 41.27 16.07
CA GLY E 333 -9.24 40.26 17.10
C GLY E 333 -8.04 39.38 17.41
N VAL E 334 -7.84 39.11 18.70
CA VAL E 334 -6.85 38.16 19.20
C VAL E 334 -7.39 36.72 19.20
N PHE E 335 -6.68 35.83 18.51
CA PHE E 335 -7.00 34.40 18.52
C PHE E 335 -5.92 33.64 19.31
N ALA E 336 -6.26 32.43 19.75
CA ALA E 336 -5.27 31.44 20.16
C ALA E 336 -5.47 30.22 19.25
N VAL E 337 -4.40 29.79 18.60
CA VAL E 337 -4.41 28.66 17.68
C VAL E 337 -3.48 27.63 18.28
N ASP E 338 -4.04 26.51 18.76
CA ASP E 338 -3.26 25.50 19.46
C ASP E 338 -2.52 26.16 20.63
N GLY E 339 -3.13 27.23 21.17
CA GLY E 339 -2.56 27.98 22.29
C GLY E 339 -1.50 29.00 21.88
N GLU E 340 -1.35 29.25 20.58
CA GLU E 340 -0.43 30.27 20.07
C GLU E 340 -1.22 31.53 19.76
N LEU E 341 -0.73 32.68 20.23
CA LEU E 341 -1.34 33.97 19.88
C LEU E 341 -1.34 34.23 18.37
N MET E 342 -2.44 34.76 17.88
CA MET E 342 -2.55 35.20 16.50
C MET E 342 -3.58 36.32 16.41
N VAL E 343 -3.24 37.37 15.68
CA VAL E 343 -4.18 38.49 15.49
C VAL E 343 -4.72 38.56 14.06
N SER E 344 -6.01 38.83 13.92
CA SER E 344 -6.64 38.92 12.61
C SER E 344 -8.02 39.54 12.61
N GLU E 345 -8.40 40.07 11.45
CA GLU E 345 -9.71 40.65 11.24
C GLU E 345 -10.74 39.60 10.84
N ALA E 346 -10.29 38.47 10.29
CA ALA E 346 -11.19 37.41 9.79
C ALA E 346 -10.46 36.09 9.59
N VAL E 347 -11.09 35.00 10.02
CA VAL E 347 -10.50 33.65 9.92
C VAL E 347 -11.54 32.62 9.49
N GLN E 348 -11.23 31.88 8.44
CA GLN E 348 -12.02 30.71 8.08
C GLN E 348 -11.18 29.42 8.04
N GLY E 349 -11.86 28.27 8.12
CA GLY E 349 -11.17 26.99 8.17
C GLY E 349 -11.99 25.77 7.79
N GLN E 350 -11.28 24.74 7.30
CA GLN E 350 -11.87 23.46 6.93
C GLN E 350 -11.09 22.31 7.60
N VAL E 351 -11.82 21.31 8.12
CA VAL E 351 -11.19 20.10 8.69
C VAL E 351 -10.87 19.15 7.54
N HIS E 352 -9.66 18.60 7.57
CA HIS E 352 -9.34 17.47 6.70
C HIS E 352 -9.25 16.19 7.50
N PRO E 353 -9.93 15.12 7.02
CA PRO E 353 -9.95 13.83 7.71
C PRO E 353 -8.62 13.11 7.66
N ASN E 354 -8.26 12.48 8.78
CA ASN E 354 -7.22 11.45 8.80
C ASN E 354 -6.00 11.88 7.99
N TYR E 355 -5.45 13.03 8.34
CA TYR E 355 -4.47 13.69 7.50
C TYR E 355 -3.03 13.42 7.93
N PHE E 356 -2.86 12.94 9.15
CA PHE E 356 -1.56 12.55 9.64
C PHE E 356 -1.64 11.48 10.72
N TRP E 357 -0.52 10.76 10.90
CA TRP E 357 -0.44 9.71 11.90
C TRP E 357 0.02 10.24 13.21
N MET E 358 -0.56 9.74 14.30
CA MET E 358 0.08 9.89 15.59
C MET E 358 0.18 8.54 16.27
N VAL E 359 1.13 8.37 17.18
CA VAL E 359 1.08 7.16 18.00
C VAL E 359 -0.03 7.35 19.03
N SER E 360 -0.85 6.31 19.18
CA SER E 360 -1.95 6.34 20.14
C SER E 360 -2.40 4.92 20.40
N GLY E 361 -3.35 4.75 21.33
CA GLY E 361 -3.92 3.43 21.63
C GLY E 361 -5.45 3.40 21.57
N MET F 3 38.37 23.34 -2.78
CA MET F 3 38.58 23.90 -1.41
C MET F 3 38.93 25.40 -1.48
N GLY F 4 37.91 26.25 -1.35
CA GLY F 4 38.05 27.69 -1.58
C GLY F 4 37.56 28.62 -0.48
N SER F 5 38.51 29.18 0.27
CA SER F 5 38.29 30.26 1.26
C SER F 5 38.12 29.76 2.69
N GLY F 6 38.87 30.37 3.61
CA GLY F 6 38.89 29.94 5.00
C GLY F 6 38.08 30.84 5.90
N VAL F 7 36.85 31.14 5.50
CA VAL F 7 35.95 31.97 6.31
C VAL F 7 34.52 31.44 6.36
N LEU F 8 33.92 31.54 7.55
CA LEU F 8 32.50 31.30 7.71
C LEU F 8 31.67 32.53 7.35
N PRO F 9 30.50 32.31 6.72
CA PRO F 9 29.52 33.38 6.53
C PRO F 9 29.19 34.16 7.82
N ARG F 10 28.76 35.42 7.65
CA ARG F 10 28.12 36.21 8.72
C ARG F 10 26.84 36.89 8.19
N PRO F 11 25.68 36.53 8.77
CA PRO F 11 25.61 35.55 9.85
C PRO F 11 25.67 34.13 9.30
N CYS F 12 25.77 33.15 10.19
CA CYS F 12 25.76 31.74 9.81
C CYS F 12 25.02 30.87 10.84
N ARG F 13 24.60 29.69 10.42
CA ARG F 13 24.05 28.69 11.34
C ARG F 13 24.84 27.39 11.38
N VAL F 14 24.94 26.81 12.57
CA VAL F 14 25.86 25.71 12.83
C VAL F 14 25.20 24.56 13.62
N LEU F 15 25.51 23.33 13.24
CA LEU F 15 25.03 22.18 13.97
C LEU F 15 26.03 21.81 15.05
N VAL F 16 25.58 21.86 16.31
CA VAL F 16 26.39 21.48 17.46
C VAL F 16 26.06 20.05 17.91
N LEU F 17 26.94 19.11 17.56
CA LEU F 17 26.90 17.77 18.12
C LEU F 17 27.61 17.81 19.46
N LEU F 18 26.83 17.60 20.52
CA LEU F 18 27.33 17.70 21.89
C LEU F 18 27.02 16.42 22.67
N ASN F 19 28.06 15.80 23.23
CA ASN F 19 27.89 14.68 24.15
C ASN F 19 27.71 15.19 25.59
N PRO F 20 26.48 15.10 26.13
CA PRO F 20 26.11 15.65 27.45
C PRO F 20 26.87 15.01 28.61
N ARG F 21 27.28 13.76 28.42
CA ARG F 21 28.13 13.04 29.38
C ARG F 21 29.57 13.56 29.40
N GLY F 22 29.83 14.57 28.58
CA GLY F 22 31.12 15.25 28.53
C GLY F 22 31.28 16.21 29.69
N GLY F 23 32.53 16.34 30.15
CA GLY F 23 32.88 17.10 31.36
C GLY F 23 32.31 16.43 32.61
N LYS F 24 32.24 15.10 32.56
CA LYS F 24 31.41 14.28 33.47
C LYS F 24 30.07 14.97 33.79
N GLY F 25 29.25 15.12 32.75
CA GLY F 25 27.88 15.62 32.89
C GLY F 25 27.66 17.11 32.69
N LYS F 26 28.73 17.89 32.67
CA LYS F 26 28.60 19.36 32.62
C LYS F 26 28.42 19.96 31.20
N ALA F 27 28.80 19.19 30.18
CA ALA F 27 28.89 19.65 28.79
C ALA F 27 27.86 20.70 28.36
N LEU F 28 26.60 20.43 28.66
CA LEU F 28 25.50 21.27 28.19
C LEU F 28 25.40 22.56 29.00
N GLN F 29 25.67 22.46 30.30
CA GLN F 29 25.74 23.63 31.17
C GLN F 29 26.85 24.55 30.66
N LEU F 30 28.06 23.99 30.49
CA LEU F 30 29.21 24.67 29.86
C LEU F 30 28.84 25.39 28.54
N PHE F 31 28.05 24.74 27.69
CA PHE F 31 27.62 25.35 26.44
C PHE F 31 26.73 26.59 26.67
N ARG F 32 25.74 26.43 27.54
CA ARG F 32 24.77 27.48 27.85
C ARG F 32 25.44 28.65 28.59
N SER F 33 26.43 28.32 29.41
CA SER F 33 27.17 29.35 30.16
C SER F 33 28.28 30.03 29.33
N HIS F 34 29.14 29.22 28.70
CA HIS F 34 30.31 29.74 27.98
C HIS F 34 30.10 30.00 26.51
N VAL F 35 29.67 28.98 25.78
CA VAL F 35 29.60 29.08 24.33
C VAL F 35 28.48 29.99 23.85
N GLN F 36 27.25 29.67 24.23
CA GLN F 36 26.05 30.31 23.67
C GLN F 36 26.03 31.85 23.71
N PRO F 37 26.35 32.45 24.88
CA PRO F 37 26.34 33.92 24.92
C PRO F 37 27.30 34.54 23.88
N LEU F 38 28.49 33.95 23.71
CA LEU F 38 29.43 34.35 22.65
C LEU F 38 28.80 34.29 21.24
N LEU F 39 28.18 33.15 20.93
CA LEU F 39 27.58 32.94 19.63
C LEU F 39 26.53 33.98 19.32
N ALA F 40 25.77 34.38 20.34
CA ALA F 40 24.69 35.35 20.16
C ALA F 40 25.23 36.69 19.67
N GLU F 41 26.30 37.17 20.30
CA GLU F 41 26.95 38.42 19.86
C GLU F 41 27.61 38.28 18.47
N ALA F 42 28.17 37.09 18.20
CA ALA F 42 28.73 36.75 16.89
C ALA F 42 27.71 36.46 15.80
N GLU F 43 26.42 36.60 16.11
CA GLU F 43 25.33 36.25 15.19
C GLU F 43 25.47 34.82 14.62
N ILE F 44 25.90 33.90 15.46
CA ILE F 44 26.01 32.49 15.11
C ILE F 44 24.80 31.70 15.64
N SER F 45 23.86 31.39 14.74
CA SER F 45 22.77 30.45 15.02
C SER F 45 23.30 29.05 15.26
N PHE F 46 22.64 28.32 16.15
CA PHE F 46 23.00 26.93 16.46
C PHE F 46 21.76 26.07 16.72
N THR F 47 21.85 24.77 16.41
CA THR F 47 20.89 23.83 16.96
C THR F 47 21.63 22.69 17.59
N LEU F 48 21.41 22.52 18.89
CA LEU F 48 22.03 21.45 19.66
C LEU F 48 21.40 20.10 19.33
N MET F 49 22.24 19.09 19.24
CA MET F 49 21.82 17.74 18.99
C MET F 49 22.77 16.87 19.80
N LEU F 50 22.23 15.91 20.54
CA LEU F 50 23.01 15.14 21.51
C LEU F 50 23.30 13.72 21.06
N THR F 51 24.43 13.18 21.53
CA THR F 51 24.88 11.84 21.14
C THR F 51 24.90 10.87 22.30
N GLU F 52 24.14 9.78 22.15
CA GLU F 52 23.91 8.81 23.21
C GLU F 52 25.00 7.74 23.33
N ARG F 53 25.21 7.03 22.23
CA ARG F 53 26.07 5.86 22.21
C ARG F 53 27.22 6.05 21.22
N ARG F 54 28.02 5.01 21.02
CA ARG F 54 29.08 4.99 20.01
C ARG F 54 28.48 4.90 18.59
N ASN F 55 29.21 5.38 17.59
CA ASN F 55 28.75 5.40 16.19
C ASN F 55 27.51 6.25 15.91
N HIS F 56 27.01 6.92 16.94
CA HIS F 56 25.77 7.67 16.86
C HIS F 56 25.91 8.93 16.06
N ALA F 57 26.94 9.73 16.37
CA ALA F 57 27.22 10.97 15.62
C ALA F 57 27.54 10.65 14.17
N ARG F 58 28.28 9.58 14.00
CA ARG F 58 28.71 9.10 12.71
C ARG F 58 27.55 8.74 11.76
N GLU F 59 26.51 8.07 12.29
CA GLU F 59 25.37 7.72 11.47
C GLU F 59 24.59 8.97 11.13
N LEU F 60 24.53 9.89 12.11
CA LEU F 60 23.83 11.15 11.92
C LEU F 60 24.47 11.96 10.82
N VAL F 61 25.79 12.10 10.88
CA VAL F 61 26.51 12.90 9.90
C VAL F 61 26.40 12.26 8.52
N ARG F 62 26.48 10.94 8.46
CA ARG F 62 26.34 10.18 7.22
C ARG F 62 25.00 10.39 6.52
N SER F 63 23.95 10.70 7.29
CA SER F 63 22.62 10.86 6.70
C SER F 63 22.14 12.30 6.67
N GLU F 64 22.94 13.20 7.24
CA GLU F 64 22.56 14.61 7.40
C GLU F 64 22.43 15.39 6.07
N GLU F 65 21.43 16.26 6.03
CA GLU F 65 21.31 17.25 4.98
C GLU F 65 22.34 18.33 5.32
N LEU F 66 23.49 18.32 4.64
CA LEU F 66 24.57 19.24 4.99
C LEU F 66 24.33 20.70 4.58
N GLY F 67 23.56 20.90 3.52
CA GLY F 67 23.14 22.24 3.09
C GLY F 67 22.57 23.12 4.18
N ARG F 68 21.97 22.51 5.22
CA ARG F 68 21.43 23.23 6.38
C ARG F 68 22.49 24.04 7.12
N TRP F 69 23.71 23.53 7.11
CA TRP F 69 24.75 24.00 8.03
C TRP F 69 25.92 24.68 7.36
N ASP F 70 26.40 25.77 7.96
CA ASP F 70 27.62 26.43 7.48
C ASP F 70 28.83 25.72 8.11
N ALA F 71 28.62 25.12 9.28
CA ALA F 71 29.66 24.36 9.95
C ALA F 71 29.07 23.29 10.87
N LEU F 72 29.87 22.28 11.19
CA LEU F 72 29.48 21.28 12.15
C LEU F 72 30.44 21.40 13.30
N VAL F 73 29.94 21.90 14.43
CA VAL F 73 30.72 21.95 15.65
C VAL F 73 30.49 20.73 16.53
N VAL F 74 31.58 20.25 17.09
CA VAL F 74 31.64 19.04 17.86
C VAL F 74 32.09 19.49 19.25
N MET F 75 31.27 19.22 20.26
CA MET F 75 31.61 19.56 21.64
C MET F 75 31.65 18.29 22.47
N SER F 76 32.82 17.69 22.53
CA SER F 76 33.02 16.46 23.28
C SER F 76 34.50 16.24 23.50
N GLY F 77 35.01 15.12 23.01
CA GLY F 77 36.44 14.85 22.98
C GLY F 77 36.90 14.81 21.54
N ASP F 78 38.04 14.15 21.32
CA ASP F 78 38.55 13.95 19.99
C ASP F 78 37.78 12.80 19.34
N GLY F 79 37.21 11.95 20.20
CA GLY F 79 36.47 10.76 19.76
C GLY F 79 35.29 11.09 18.88
N LEU F 80 34.61 12.19 19.20
CA LEU F 80 33.44 12.62 18.45
C LEU F 80 33.81 13.16 17.06
N MET F 81 34.93 13.90 16.98
CA MET F 81 35.43 14.43 15.68
C MET F 81 35.74 13.28 14.74
N HIS F 82 36.43 12.28 15.27
CA HIS F 82 36.76 11.08 14.53
C HIS F 82 35.53 10.49 13.92
N GLU F 83 34.44 10.40 14.71
CA GLU F 83 33.20 9.79 14.24
C GLU F 83 32.60 10.63 13.12
N VAL F 84 32.60 11.94 13.33
CA VAL F 84 32.03 12.88 12.37
C VAL F 84 32.72 12.79 11.01
N VAL F 85 34.06 12.73 11.03
CA VAL F 85 34.84 12.72 9.80
C VAL F 85 34.68 11.40 9.01
N ASN F 86 34.77 10.30 9.74
CA ASN F 86 34.52 8.99 9.13
C ASN F 86 33.11 8.87 8.59
N GLY F 87 32.18 9.58 9.21
CA GLY F 87 30.78 9.62 8.75
C GLY F 87 30.61 10.43 7.48
N LEU F 88 31.33 11.55 7.39
CA LEU F 88 31.43 12.29 6.15
C LEU F 88 32.06 11.46 5.05
N MET F 89 33.15 10.78 5.37
CA MET F 89 33.89 10.05 4.33
C MET F 89 33.14 8.83 3.81
N GLU F 90 32.17 8.36 4.59
CA GLU F 90 31.40 7.17 4.22
C GLU F 90 30.24 7.45 3.29
N ARG F 91 29.86 8.73 3.17
CA ARG F 91 28.74 9.12 2.32
C ARG F 91 29.05 8.89 0.84
N PRO F 92 28.01 8.61 0.02
CA PRO F 92 28.24 8.54 -1.42
C PRO F 92 28.90 9.82 -1.93
N ASP F 93 28.46 10.96 -1.42
CA ASP F 93 28.95 12.26 -1.86
C ASP F 93 30.11 12.78 -1.00
N TRP F 94 30.94 11.87 -0.53
CA TRP F 94 32.06 12.20 0.36
C TRP F 94 32.91 13.35 -0.09
N GLU F 95 33.18 13.41 -1.40
CA GLU F 95 34.07 14.43 -1.99
C GLU F 95 33.64 15.84 -1.63
N THR F 96 32.35 16.08 -1.69
CA THR F 96 31.83 17.40 -1.36
C THR F 96 31.57 17.49 0.14
N ALA F 97 31.23 16.34 0.74
CA ALA F 97 30.87 16.27 2.16
C ALA F 97 32.05 16.65 3.08
N ILE F 98 33.23 16.09 2.79
CA ILE F 98 34.41 16.34 3.61
C ILE F 98 34.87 17.81 3.60
N GLN F 99 34.23 18.62 2.75
CA GLN F 99 34.54 20.04 2.65
C GLN F 99 33.72 20.92 3.59
N LYS F 100 32.77 20.31 4.32
CA LYS F 100 31.98 21.06 5.27
C LYS F 100 32.89 21.39 6.45
N PRO F 101 33.00 22.67 6.77
CA PRO F 101 33.94 23.07 7.79
C PRO F 101 33.53 22.51 9.14
N LEU F 102 34.51 21.98 9.85
CA LEU F 102 34.34 21.41 11.16
C LEU F 102 34.86 22.42 12.19
N CYS F 103 34.51 22.19 13.46
CA CYS F 103 34.96 23.02 14.59
C CYS F 103 34.97 22.14 15.80
N SER F 104 35.85 22.44 16.74
CA SER F 104 36.06 21.58 17.89
C SER F 104 36.00 22.40 19.17
N LEU F 105 35.01 22.09 20.00
CA LEU F 105 34.82 22.75 21.26
C LEU F 105 35.06 21.72 22.35
N PRO F 106 36.04 21.98 23.24
CA PRO F 106 36.40 21.06 24.30
C PRO F 106 35.40 21.09 25.46
N ALA F 107 34.93 19.91 25.84
CA ALA F 107 34.05 19.79 27.00
C ALA F 107 34.66 18.80 27.99
N GLY F 108 34.80 17.54 27.58
CA GLY F 108 35.28 16.52 28.48
C GLY F 108 36.79 16.44 28.63
N SER F 109 37.26 15.21 28.83
CA SER F 109 38.67 14.89 28.86
C SER F 109 39.16 14.78 27.41
N GLY F 110 40.49 14.84 27.24
CA GLY F 110 41.14 14.58 25.95
C GLY F 110 40.61 15.37 24.77
N ASN F 111 40.95 16.64 24.76
CA ASN F 111 40.65 17.50 23.62
C ASN F 111 41.98 17.95 23.02
N ALA F 112 42.77 16.99 22.52
CA ALA F 112 44.02 17.26 21.80
C ALA F 112 43.85 18.21 20.60
N LEU F 113 42.97 17.82 19.67
CA LEU F 113 42.66 18.63 18.52
C LEU F 113 42.32 20.06 18.94
N ALA F 114 41.44 20.19 19.93
CA ALA F 114 41.05 21.51 20.45
C ALA F 114 42.22 22.28 21.04
N ALA F 115 43.15 21.56 21.66
CA ALA F 115 44.32 22.15 22.31
C ALA F 115 45.35 22.61 21.29
N SER F 116 45.51 21.82 20.22
CA SER F 116 46.39 22.17 19.12
C SER F 116 45.94 23.47 18.44
N LEU F 117 44.65 23.59 18.17
CA LEU F 117 44.09 24.77 17.54
C LEU F 117 44.22 26.02 18.42
N ASN F 118 44.25 25.82 19.74
CA ASN F 118 44.42 26.91 20.69
C ASN F 118 45.88 27.35 20.70
N HIS F 119 46.77 26.37 20.59
CA HIS F 119 48.16 26.62 20.40
C HIS F 119 48.46 27.41 19.13
N TYR F 120 48.05 26.87 17.99
CA TYR F 120 48.36 27.48 16.70
C TYR F 120 47.87 28.92 16.63
N ALA F 121 46.83 29.20 17.41
CA ALA F 121 46.17 30.52 17.42
C ALA F 121 46.96 31.57 18.23
N GLY F 122 47.90 31.12 19.05
CA GLY F 122 48.73 32.04 19.83
C GLY F 122 48.41 32.09 21.31
N TYR F 123 47.43 31.31 21.75
CA TYR F 123 47.04 31.31 23.17
C TYR F 123 48.04 30.51 24.00
N GLU F 124 48.10 30.84 25.29
CA GLU F 124 48.80 30.05 26.29
C GLU F 124 48.11 28.69 26.41
N GLN F 125 48.81 27.73 27.00
CA GLN F 125 48.33 26.35 27.15
C GLN F 125 47.28 26.17 28.29
N VAL F 126 46.15 26.88 28.19
CA VAL F 126 45.08 26.83 29.20
C VAL F 126 44.19 25.57 29.05
N THR F 127 43.33 25.35 30.05
CA THR F 127 42.35 24.25 30.03
C THR F 127 40.93 24.64 30.46
N ASN F 128 40.04 23.65 30.43
CA ASN F 128 38.66 23.80 30.86
C ASN F 128 37.96 25.04 30.31
N GLU F 129 37.21 25.72 31.16
CA GLU F 129 36.43 26.90 30.77
C GLU F 129 37.25 27.88 29.91
N ASP F 130 38.46 28.19 30.38
CA ASP F 130 39.41 29.02 29.62
C ASP F 130 39.66 28.50 28.20
N LEU F 131 40.08 27.23 28.10
CA LEU F 131 40.20 26.57 26.80
C LEU F 131 38.91 26.70 26.00
N LEU F 132 37.80 26.26 26.59
CA LEU F 132 36.49 26.31 25.95
C LEU F 132 36.18 27.72 25.40
N THR F 133 36.52 28.74 26.19
CA THR F 133 36.30 30.15 25.84
C THR F 133 37.08 30.52 24.58
N ASN F 134 38.34 30.06 24.51
CA ASN F 134 39.21 30.43 23.39
C ASN F 134 38.71 29.83 22.06
N CYS F 135 38.47 28.52 22.06
CA CYS F 135 37.96 27.83 20.87
C CYS F 135 36.63 28.42 20.38
N THR F 136 35.85 28.99 21.30
CA THR F 136 34.58 29.60 20.98
C THR F 136 34.80 30.95 20.32
N LEU F 137 35.78 31.69 20.85
CA LEU F 137 36.27 32.91 20.21
C LEU F 137 36.72 32.59 18.79
N LEU F 138 37.47 31.48 18.66
CA LEU F 138 37.92 31.02 17.35
C LEU F 138 36.75 30.94 16.38
N LEU F 139 35.74 30.15 16.75
CA LEU F 139 34.53 30.04 15.97
C LEU F 139 33.87 31.42 15.74
N CYS F 140 33.87 32.29 16.76
CA CYS F 140 33.26 33.61 16.58
C CYS F 140 34.04 34.49 15.60
N ARG F 141 35.34 34.24 15.49
CA ARG F 141 36.14 34.94 14.49
C ARG F 141 35.84 34.43 13.09
N ARG F 142 35.42 33.18 13.01
CA ARG F 142 34.93 32.58 11.76
C ARG F 142 36.04 32.19 10.75
N LEU F 143 37.28 32.04 11.23
CA LEU F 143 38.39 31.72 10.31
C LEU F 143 38.76 30.23 10.34
N LEU F 144 38.99 29.68 9.16
CA LEU F 144 39.23 28.26 8.94
C LEU F 144 40.63 28.02 8.38
N SER F 145 41.22 26.89 8.72
CA SER F 145 42.45 26.41 8.10
C SER F 145 42.25 25.01 7.60
N PRO F 146 42.90 24.68 6.45
CA PRO F 146 42.95 23.30 5.98
C PRO F 146 43.72 22.42 6.96
N MET F 147 43.37 21.14 7.01
CA MET F 147 44.00 20.21 7.93
C MET F 147 44.30 18.90 7.24
N ASN F 148 45.37 18.23 7.68
CA ASN F 148 45.71 16.94 7.14
C ASN F 148 44.77 15.85 7.63
N LEU F 149 44.65 14.81 6.82
CA LEU F 149 43.81 13.70 7.16
C LEU F 149 44.55 12.40 6.89
N LEU F 150 44.66 11.56 7.91
CA LEU F 150 45.32 10.25 7.77
C LEU F 150 44.35 9.22 7.25
N SER F 151 44.76 8.45 6.24
CA SER F 151 43.93 7.42 5.65
C SER F 151 44.50 6.05 5.99
N LEU F 152 43.67 5.20 6.63
CA LEU F 152 44.11 3.92 7.20
C LEU F 152 43.46 2.69 6.57
N HIS F 153 44.29 1.66 6.37
CA HIS F 153 43.85 0.38 5.83
C HIS F 153 44.23 -0.67 6.81
N THR F 154 43.40 -1.71 6.95
CA THR F 154 43.73 -2.86 7.83
C THR F 154 43.81 -4.19 7.07
N ALA F 155 44.51 -5.15 7.68
CA ALA F 155 44.57 -6.52 7.16
C ALA F 155 43.16 -7.04 6.96
N SER F 156 42.34 -6.87 7.99
CA SER F 156 40.91 -7.11 7.95
C SER F 156 40.27 -6.65 6.62
N GLY F 157 40.85 -5.60 6.02
CA GLY F 157 40.34 -5.03 4.77
C GLY F 157 39.53 -3.75 4.99
N LEU F 158 39.49 -3.29 6.23
CA LEU F 158 38.75 -2.09 6.58
C LEU F 158 39.50 -0.84 6.13
N ARG F 159 38.75 0.21 5.81
CA ARG F 159 39.33 1.49 5.52
C ARG F 159 38.73 2.57 6.41
N LEU F 160 39.56 3.28 7.16
CA LEU F 160 39.05 4.36 8.01
C LEU F 160 40.02 5.53 8.00
N PHE F 161 39.66 6.61 8.69
CA PHE F 161 40.42 7.84 8.64
C PHE F 161 40.71 8.39 10.03
N SER F 162 41.90 8.96 10.20
CA SER F 162 42.31 9.54 11.48
C SER F 162 42.52 11.03 11.37
N VAL F 163 41.98 11.80 12.32
CA VAL F 163 42.16 13.23 12.31
C VAL F 163 43.34 13.69 13.18
N LEU F 164 43.85 12.79 14.02
CA LEU F 164 44.76 13.21 15.06
C LEU F 164 45.92 12.26 15.33
N SER F 165 45.61 10.98 15.56
CA SER F 165 46.65 10.05 15.96
C SER F 165 46.30 8.61 15.69
N LEU F 166 47.34 7.81 15.52
CA LEU F 166 47.27 6.37 15.62
C LEU F 166 48.34 6.02 16.61
N ALA F 167 47.90 5.53 17.76
CA ALA F 167 48.78 5.17 18.87
C ALA F 167 48.79 3.65 19.05
N TRP F 168 49.90 3.14 19.60
CA TRP F 168 50.11 1.69 19.80
C TRP F 168 51.07 1.48 20.93
N GLY F 169 50.88 0.42 21.69
CA GLY F 169 51.73 0.15 22.84
C GLY F 169 51.28 0.94 24.06
N PHE F 170 52.26 1.35 24.87
CA PHE F 170 52.01 2.04 26.14
C PHE F 170 50.79 2.98 26.09
N ILE F 171 50.80 3.93 25.14
CA ILE F 171 49.74 4.93 25.03
C ILE F 171 48.37 4.28 24.74
N ALA F 172 48.35 3.34 23.79
CA ALA F 172 47.15 2.57 23.48
C ALA F 172 46.63 1.87 24.73
N ASP F 173 47.52 1.17 25.42
CA ASP F 173 47.15 0.38 26.58
C ASP F 173 46.69 1.21 27.78
N VAL F 174 47.35 2.35 28.02
CA VAL F 174 46.89 3.33 29.01
C VAL F 174 45.53 3.94 28.60
N ASP F 175 45.28 4.09 27.29
CA ASP F 175 43.97 4.57 26.79
C ASP F 175 42.87 3.53 27.01
N LEU F 176 43.15 2.30 26.58
CA LEU F 176 42.25 1.16 26.70
C LEU F 176 41.90 0.90 28.17
N GLU F 177 42.80 0.23 28.89
CA GLU F 177 42.62 -0.04 30.31
C GLU F 177 42.78 1.25 31.09
N SER F 178 41.78 2.13 30.96
CA SER F 178 41.74 3.40 31.69
C SER F 178 40.32 3.92 31.89
N GLU F 179 39.36 2.99 31.82
CA GLU F 179 37.93 3.28 32.02
C GLU F 179 37.57 4.34 33.09
N LYS F 180 38.35 4.38 34.18
CA LYS F 180 38.01 5.18 35.38
C LYS F 180 37.82 6.69 35.17
N TYR F 181 36.57 7.07 34.94
CA TYR F 181 36.10 8.46 35.00
C TYR F 181 37.12 9.48 34.47
N ARG F 182 37.57 10.38 35.35
CA ARG F 182 38.56 11.40 35.01
C ARG F 182 39.38 11.82 36.23
N MET F 187 44.53 14.05 35.28
CA MET F 187 43.68 13.14 34.51
C MET F 187 44.13 11.69 34.66
N ARG F 188 43.22 10.78 34.36
CA ARG F 188 43.47 9.33 34.41
C ARG F 188 44.64 8.88 33.52
N PHE F 189 45.04 9.74 32.60
CA PHE F 189 46.16 9.46 31.72
C PHE F 189 47.44 9.39 32.54
N THR F 190 47.62 10.39 33.41
CA THR F 190 48.76 10.48 34.32
C THR F 190 48.82 9.29 35.29
N LEU F 191 47.69 8.99 35.91
CA LEU F 191 47.57 7.82 36.81
C LEU F 191 47.74 6.51 36.04
N GLY F 192 47.06 6.40 34.89
CA GLY F 192 47.19 5.25 34.01
C GLY F 192 48.64 5.04 33.63
N THR F 193 49.30 6.15 33.28
CA THR F 193 50.74 6.18 32.98
C THR F 193 51.59 5.74 34.16
N PHE F 194 51.36 6.34 35.33
CA PHE F 194 52.09 5.96 36.54
C PHE F 194 51.95 4.45 36.79
N LEU F 195 50.74 3.94 36.56
CA LEU F 195 50.44 2.52 36.74
C LEU F 195 51.19 1.65 35.74
N ARG F 196 51.05 1.95 34.45
CA ARG F 196 51.72 1.18 33.42
C ARG F 196 53.23 1.36 33.46
N LEU F 197 53.69 2.45 34.07
CA LEU F 197 55.11 2.68 34.31
C LEU F 197 55.70 1.50 35.07
N ALA F 198 55.07 1.14 36.18
CA ALA F 198 55.49 0.02 37.01
C ALA F 198 55.23 -1.29 36.29
N ALA F 199 54.18 -1.30 35.47
CA ALA F 199 53.83 -2.46 34.68
C ALA F 199 54.53 -2.42 33.32
N LEU F 200 55.79 -2.02 33.30
CA LEU F 200 56.50 -1.87 32.02
C LEU F 200 56.78 -3.18 31.33
N ARG F 201 56.79 -3.12 30.00
CA ARG F 201 56.92 -4.26 29.11
C ARG F 201 56.95 -3.72 27.68
N THR F 202 57.35 -4.57 26.73
CA THR F 202 57.39 -4.17 25.33
C THR F 202 56.61 -5.13 24.44
N TYR F 203 56.08 -4.59 23.34
CA TYR F 203 55.27 -5.33 22.37
C TYR F 203 56.11 -5.64 21.13
N ARG F 204 55.83 -6.77 20.49
CA ARG F 204 56.54 -7.18 19.28
C ARG F 204 55.91 -6.51 18.07
N GLY F 205 56.76 -5.91 17.23
CA GLY F 205 56.27 -5.16 16.05
C GLY F 205 57.26 -4.89 14.93
N ARG F 206 56.73 -4.87 13.71
CA ARG F 206 57.45 -4.49 12.50
C ARG F 206 56.95 -3.11 12.04
N LEU F 207 57.83 -2.11 12.09
CA LEU F 207 57.50 -0.73 11.72
C LEU F 207 58.26 -0.29 10.45
N ALA F 208 57.52 0.14 9.42
CA ALA F 208 58.11 0.69 8.18
C ALA F 208 57.50 2.05 7.81
N TYR F 209 58.32 2.98 7.32
CA TYR F 209 57.82 4.32 6.97
C TYR F 209 58.46 5.00 5.76
N LEU F 210 57.67 5.79 5.05
CA LEU F 210 58.18 6.63 3.98
C LEU F 210 58.42 8.04 4.52
N PRO F 211 59.70 8.40 4.70
CA PRO F 211 60.02 9.68 5.31
C PRO F 211 59.84 10.83 4.32
N VAL F 212 59.64 12.01 4.88
CA VAL F 212 59.20 13.20 4.17
C VAL F 212 60.03 13.59 2.93
N GLY F 213 61.35 13.43 3.01
CA GLY F 213 62.25 13.88 1.94
C GLY F 213 62.44 12.99 0.72
N ARG F 214 62.11 11.70 0.81
CA ARG F 214 62.50 10.75 -0.24
C ARG F 214 61.53 10.66 -1.43
N VAL F 215 62.10 10.54 -2.62
CA VAL F 215 61.36 10.47 -3.88
C VAL F 215 61.32 9.05 -4.49
N GLY F 216 60.38 8.84 -5.42
CA GLY F 216 60.27 7.59 -6.20
C GLY F 216 59.21 7.71 -7.31
N GLN F 228 34.78 5.71 -4.93
CA GLN F 228 35.58 4.87 -4.05
C GLN F 228 35.91 5.61 -2.74
N GLY F 229 36.70 6.66 -2.88
CA GLY F 229 37.39 7.31 -1.76
C GLY F 229 38.72 7.78 -2.33
N PRO F 230 39.51 8.54 -1.54
CA PRO F 230 40.81 9.04 -1.99
C PRO F 230 41.81 7.92 -2.27
N VAL F 231 42.62 8.08 -3.33
CA VAL F 231 43.60 7.07 -3.71
C VAL F 231 44.86 7.20 -2.88
N ASP F 232 45.31 6.08 -2.31
CA ASP F 232 46.52 6.07 -1.49
C ASP F 232 47.69 5.56 -2.31
N ALA F 233 48.19 6.43 -3.19
CA ALA F 233 49.21 6.07 -4.18
C ALA F 233 50.57 5.66 -3.60
N HIS F 234 50.87 6.15 -2.39
CA HIS F 234 52.10 5.75 -1.70
C HIS F 234 52.07 4.36 -1.13
N LEU F 235 50.88 3.78 -1.01
CA LEU F 235 50.74 2.42 -0.46
C LEU F 235 50.60 1.35 -1.55
N VAL F 236 51.25 0.20 -1.31
CA VAL F 236 50.93 -1.03 -2.03
C VAL F 236 50.07 -1.87 -1.08
N PRO F 237 49.36 -2.89 -1.60
CA PRO F 237 48.60 -3.77 -0.69
C PRO F 237 49.42 -4.37 0.46
N LEU F 238 48.74 -4.80 1.53
CA LEU F 238 49.42 -5.31 2.73
C LEU F 238 50.12 -6.67 2.50
N GLU F 239 49.73 -7.36 1.43
CA GLU F 239 50.36 -8.61 1.00
C GLU F 239 51.82 -8.38 0.60
N GLU F 240 52.03 -7.40 -0.27
CA GLU F 240 53.35 -7.07 -0.80
C GLU F 240 54.30 -6.55 0.29
N PRO F 241 55.62 -6.66 0.05
CA PRO F 241 56.57 -5.94 0.90
C PRO F 241 56.49 -4.45 0.61
N VAL F 242 56.86 -3.62 1.59
CA VAL F 242 56.93 -2.18 1.37
C VAL F 242 57.77 -1.86 0.13
N PRO F 243 57.44 -0.78 -0.59
CA PRO F 243 58.34 -0.31 -1.63
C PRO F 243 59.74 -0.06 -1.03
N SER F 244 60.77 -0.39 -1.80
CA SER F 244 62.14 -0.44 -1.27
C SER F 244 62.70 0.90 -0.76
N HIS F 245 62.09 2.02 -1.17
CA HIS F 245 62.55 3.33 -0.70
C HIS F 245 62.12 3.72 0.70
N TRP F 246 61.19 2.97 1.29
CA TRP F 246 60.78 3.18 2.69
C TRP F 246 61.87 2.78 3.64
N THR F 247 61.86 3.40 4.82
CA THR F 247 62.78 3.08 5.89
C THR F 247 62.21 1.97 6.76
N VAL F 248 62.85 0.79 6.71
CA VAL F 248 62.48 -0.36 7.53
C VAL F 248 63.20 -0.26 8.88
N VAL F 249 62.44 -0.16 9.97
CA VAL F 249 63.03 0.00 11.31
C VAL F 249 63.57 -1.35 11.79
N PRO F 250 64.84 -1.39 12.22
CA PRO F 250 65.49 -2.62 12.71
C PRO F 250 64.81 -3.25 13.94
N ASP F 251 64.41 -2.40 14.89
CA ASP F 251 63.81 -2.83 16.16
C ASP F 251 62.51 -3.63 16.01
N GLU F 252 62.41 -4.74 16.73
CA GLU F 252 61.20 -5.58 16.70
C GLU F 252 60.39 -5.53 18.01
N ASP F 253 60.82 -4.66 18.92
CA ASP F 253 60.09 -4.42 20.16
C ASP F 253 59.99 -2.93 20.42
N PHE F 254 58.84 -2.48 20.89
CA PHE F 254 58.60 -1.07 21.12
C PHE F 254 57.82 -0.85 22.41
N VAL F 255 58.23 0.14 23.20
CA VAL F 255 57.35 0.64 24.27
C VAL F 255 56.14 1.42 23.70
N LEU F 256 56.36 2.24 22.67
CA LEU F 256 55.25 2.98 22.01
C LEU F 256 55.56 3.43 20.57
N VAL F 257 54.52 3.44 19.72
CA VAL F 257 54.56 4.01 18.35
C VAL F 257 53.41 5.02 18.18
N LEU F 258 53.75 6.27 17.83
CA LEU F 258 52.76 7.36 17.78
C LEU F 258 52.86 8.19 16.50
N ALA F 259 51.90 7.96 15.60
CA ALA F 259 51.71 8.80 14.44
C ALA F 259 50.79 9.92 14.89
N LEU F 260 51.23 11.17 14.73
CA LEU F 260 50.51 12.31 15.27
C LEU F 260 50.49 13.46 14.26
N LEU F 261 49.33 14.09 14.12
CA LEU F 261 49.15 15.04 13.06
C LEU F 261 49.11 16.46 13.60
N HIS F 262 49.30 16.61 14.91
CA HIS F 262 49.25 17.92 15.51
C HIS F 262 50.25 18.12 16.62
N SER F 263 50.20 19.27 17.28
CA SER F 263 51.21 19.59 18.29
C SER F 263 50.98 18.85 19.61
N HIS F 264 49.72 18.80 20.04
CA HIS F 264 49.34 18.26 21.35
C HIS F 264 48.74 16.88 21.29
N LEU F 265 49.09 16.07 22.29
CA LEU F 265 48.44 14.76 22.54
C LEU F 265 47.23 14.86 23.48
N GLY F 266 47.33 15.75 24.46
CA GLY F 266 46.23 16.08 25.36
C GLY F 266 46.36 17.55 25.69
N SER F 267 45.34 18.15 26.30
CA SER F 267 45.32 19.60 26.53
C SER F 267 46.54 20.14 27.32
N GLU F 268 47.17 19.24 28.09
CA GLU F 268 48.40 19.55 28.82
C GLU F 268 49.51 18.58 28.40
N MET F 269 49.45 18.15 27.14
CA MET F 269 50.51 17.36 26.53
C MET F 269 50.96 17.97 25.18
N PHE F 270 52.03 18.76 25.23
CA PHE F 270 52.62 19.41 24.05
C PHE F 270 53.68 18.47 23.48
N ALA F 271 53.21 17.39 22.85
CA ALA F 271 54.05 16.28 22.39
C ALA F 271 54.94 16.52 21.16
N ALA F 272 54.64 17.58 20.40
CA ALA F 272 55.43 17.95 19.20
C ALA F 272 55.81 19.44 19.20
N PRO F 273 56.86 19.80 19.95
CA PRO F 273 57.30 21.19 20.13
C PRO F 273 58.04 21.77 18.92
N MET F 274 58.57 20.90 18.04
CA MET F 274 59.02 21.33 16.71
C MET F 274 57.75 21.80 15.99
N GLY F 275 57.90 22.70 15.04
CA GLY F 275 56.77 23.43 14.48
C GLY F 275 55.60 22.61 13.97
N ARG F 276 54.50 23.30 13.75
CA ARG F 276 53.26 22.73 13.23
C ARG F 276 53.49 22.05 11.87
N CYS F 277 52.94 20.84 11.72
CA CYS F 277 53.06 20.07 10.47
C CYS F 277 52.64 20.86 9.22
N ALA F 278 53.49 20.82 8.20
CA ALA F 278 53.14 21.31 6.88
C ALA F 278 52.14 20.35 6.21
N ALA F 279 51.53 20.79 5.12
CA ALA F 279 50.60 19.95 4.38
C ALA F 279 51.18 18.59 4.00
N GLY F 280 50.41 17.52 4.23
CA GLY F 280 50.81 16.17 3.84
C GLY F 280 51.91 15.54 4.66
N VAL F 281 52.25 16.15 5.78
CA VAL F 281 53.28 15.65 6.68
C VAL F 281 52.68 15.28 8.03
N MET F 282 53.06 14.13 8.58
CA MET F 282 52.72 13.80 9.96
C MET F 282 53.93 13.41 10.82
N HIS F 283 53.92 13.85 12.08
CA HIS F 283 54.91 13.41 13.05
C HIS F 283 54.79 11.92 13.28
N LEU F 284 55.93 11.24 13.30
CA LEU F 284 56.02 9.86 13.78
C LEU F 284 57.06 9.80 14.92
N PHE F 285 56.60 9.56 16.15
CA PHE F 285 57.51 9.29 17.23
C PHE F 285 57.52 7.79 17.46
N TYR F 286 58.56 7.31 18.12
CA TYR F 286 58.54 6.00 18.78
C TYR F 286 59.60 5.87 19.87
N VAL F 287 59.31 5.03 20.86
CA VAL F 287 60.25 4.69 21.91
C VAL F 287 60.65 3.22 21.77
N ARG F 288 61.95 2.97 21.58
CA ARG F 288 62.48 1.60 21.48
C ARG F 288 62.76 1.02 22.86
N ALA F 289 62.95 -0.29 22.94
CA ALA F 289 63.19 -1.00 24.21
C ALA F 289 64.46 -0.55 24.94
N GLY F 290 64.40 -0.46 26.27
CA GLY F 290 65.58 -0.15 27.06
C GLY F 290 65.43 0.99 28.05
N VAL F 291 64.50 1.92 27.79
CA VAL F 291 64.26 3.08 28.66
C VAL F 291 64.02 2.65 30.10
N SER F 292 64.58 3.41 31.03
CA SER F 292 64.23 3.25 32.41
C SER F 292 62.85 3.86 32.62
N ARG F 293 62.06 3.22 33.50
CA ARG F 293 60.82 3.78 34.00
C ARG F 293 60.98 5.26 34.36
N ALA F 294 62.03 5.55 35.14
CA ALA F 294 62.35 6.89 35.65
C ALA F 294 62.53 7.93 34.54
N MET F 295 63.20 7.53 33.45
CA MET F 295 63.36 8.38 32.27
C MET F 295 62.04 8.52 31.52
N LEU F 296 61.29 7.43 31.42
CA LEU F 296 60.04 7.42 30.68
C LEU F 296 59.02 8.39 31.30
N LEU F 297 59.04 8.45 32.63
CA LEU F 297 58.21 9.39 33.38
C LEU F 297 58.61 10.84 33.15
N ARG F 298 59.91 11.10 33.14
CA ARG F 298 60.45 12.44 32.85
C ARG F 298 60.04 12.92 31.45
N LEU F 299 60.18 12.05 30.45
CA LEU F 299 59.68 12.33 29.11
C LEU F 299 58.23 12.80 29.19
N PHE F 300 57.40 11.99 29.86
CA PHE F 300 55.98 12.30 30.03
C PHE F 300 55.75 13.63 30.75
N LEU F 301 56.40 13.83 31.90
CA LEU F 301 56.21 15.03 32.70
C LEU F 301 56.68 16.31 32.00
N ALA F 302 57.85 16.24 31.36
CA ALA F 302 58.39 17.37 30.59
C ALA F 302 57.48 17.71 29.39
N MET F 303 56.77 16.71 28.87
CA MET F 303 55.86 16.89 27.75
C MET F 303 54.75 17.89 28.04
N GLU F 304 54.50 18.18 29.30
CA GLU F 304 53.51 19.19 29.63
C GLU F 304 53.87 20.58 29.05
N LYS F 305 55.06 21.07 29.40
CA LYS F 305 55.62 22.30 28.83
C LYS F 305 56.30 22.07 27.47
N GLY F 306 56.23 20.84 26.96
CA GLY F 306 56.81 20.47 25.68
C GLY F 306 58.33 20.47 25.68
N ARG F 307 58.93 20.19 26.83
CA ARG F 307 60.39 20.21 26.97
C ARG F 307 61.01 18.80 26.93
N HIS F 308 60.35 17.84 26.28
CA HIS F 308 60.79 16.45 26.32
C HIS F 308 61.83 16.07 25.31
N MET F 309 61.84 16.78 24.18
CA MET F 309 62.87 16.58 23.15
C MET F 309 64.25 17.06 23.62
N GLU F 310 64.24 18.02 24.57
CA GLU F 310 65.44 18.64 25.14
C GLU F 310 66.41 17.69 25.85
N TYR F 311 66.04 16.43 26.02
CA TYR F 311 66.96 15.44 26.54
C TYR F 311 67.79 14.87 25.40
N GLU F 312 67.12 14.66 24.27
CA GLU F 312 67.62 13.76 23.22
C GLU F 312 67.96 12.40 23.83
N CYS F 313 67.05 11.93 24.69
CA CYS F 313 67.03 10.57 25.18
C CYS F 313 67.13 9.63 23.97
N PRO F 314 68.20 8.81 23.91
CA PRO F 314 68.51 8.00 22.72
C PRO F 314 67.45 6.95 22.37
N TYR F 315 66.46 6.77 23.26
CA TYR F 315 65.36 5.82 23.03
C TYR F 315 64.16 6.41 22.27
N LEU F 316 63.93 7.72 22.42
CA LEU F 316 62.83 8.40 21.75
C LEU F 316 63.25 8.86 20.36
N VAL F 317 62.70 8.19 19.35
CA VAL F 317 62.96 8.54 17.94
C VAL F 317 61.83 9.42 17.38
N TYR F 318 62.20 10.42 16.57
CA TYR F 318 61.24 11.26 15.86
C TYR F 318 61.57 11.34 14.37
N VAL F 319 60.54 11.31 13.54
CA VAL F 319 60.68 11.43 12.07
C VAL F 319 59.45 12.13 11.51
N PRO F 320 59.64 13.09 10.57
CA PRO F 320 58.53 13.50 9.73
C PRO F 320 58.28 12.47 8.64
N VAL F 321 57.02 12.10 8.42
CA VAL F 321 56.66 11.03 7.45
C VAL F 321 55.37 11.34 6.70
N VAL F 322 55.11 10.60 5.63
CA VAL F 322 53.89 10.79 4.84
C VAL F 322 53.09 9.49 4.79
N ALA F 323 53.76 8.39 5.09
CA ALA F 323 53.17 7.07 5.06
C ALA F 323 53.84 6.20 6.12
N PHE F 324 53.16 5.12 6.53
CA PHE F 324 53.74 4.15 7.47
C PHE F 324 53.08 2.79 7.36
N ARG F 325 53.71 1.81 7.98
CA ARG F 325 53.17 0.47 8.15
C ARG F 325 53.65 -0.05 9.50
N LEU F 326 52.70 -0.48 10.31
CA LEU F 326 53.00 -1.09 11.61
C LEU F 326 52.40 -2.49 11.65
N GLU F 327 53.13 -3.42 12.23
CA GLU F 327 52.69 -4.83 12.26
C GLU F 327 52.93 -5.58 13.57
N PRO F 328 51.84 -5.89 14.30
CA PRO F 328 51.89 -7.04 15.21
C PRO F 328 50.96 -8.15 14.68
N LYS F 329 51.43 -9.39 14.44
CA LYS F 329 52.77 -9.97 14.75
C LYS F 329 53.20 -9.85 16.22
N ASP F 330 52.40 -10.52 17.06
CA ASP F 330 52.36 -10.40 18.52
C ASP F 330 50.95 -10.88 18.90
N GLY F 331 50.32 -11.58 17.96
CA GLY F 331 48.87 -11.85 18.00
C GLY F 331 48.17 -10.66 17.35
N LYS F 332 46.87 -10.51 17.63
CA LYS F 332 46.12 -9.33 17.17
C LYS F 332 46.41 -8.11 18.05
N GLY F 333 46.55 -6.96 17.42
CA GLY F 333 47.06 -5.75 18.06
C GLY F 333 46.04 -4.67 18.42
N VAL F 334 46.30 -4.00 19.52
CA VAL F 334 45.38 -3.00 20.10
C VAL F 334 45.87 -1.55 19.91
N PHE F 335 45.07 -0.74 19.19
CA PHE F 335 45.42 0.65 18.88
C PHE F 335 44.46 1.67 19.46
N ALA F 336 44.98 2.89 19.68
CA ALA F 336 44.16 4.05 19.94
C ALA F 336 44.16 4.94 18.69
N VAL F 337 42.99 5.08 18.07
CA VAL F 337 42.84 5.87 16.86
C VAL F 337 41.98 7.07 17.22
N ASP F 338 42.60 8.23 17.27
CA ASP F 338 41.98 9.47 17.81
C ASP F 338 41.37 9.24 19.21
N GLY F 339 42.01 8.38 19.99
CA GLY F 339 41.56 8.05 21.35
C GLY F 339 40.61 6.86 21.41
N GLU F 340 39.89 6.60 20.32
CA GLU F 340 38.98 5.48 20.21
C GLU F 340 39.75 4.18 20.09
N LEU F 341 39.32 3.16 20.85
CA LEU F 341 39.93 1.83 20.84
C LEU F 341 39.62 1.04 19.55
N MET F 342 40.59 0.23 19.13
CA MET F 342 40.45 -0.62 17.95
C MET F 342 41.45 -1.75 18.03
N VAL F 343 41.15 -2.87 17.36
CA VAL F 343 42.04 -4.05 17.35
C VAL F 343 42.17 -4.68 15.95
N SER F 344 43.40 -4.84 15.47
CA SER F 344 43.67 -5.51 14.19
C SER F 344 45.13 -5.98 14.05
N GLU F 345 45.40 -6.68 12.94
CA GLU F 345 46.68 -7.32 12.68
C GLU F 345 47.70 -6.37 12.04
N ALA F 346 47.34 -5.84 10.87
CA ALA F 346 48.26 -5.02 10.10
C ALA F 346 47.57 -3.74 9.64
N VAL F 347 48.11 -2.61 10.07
CA VAL F 347 47.57 -1.31 9.72
C VAL F 347 48.60 -0.45 9.02
N GLN F 348 48.22 0.12 7.87
CA GLN F 348 49.06 1.10 7.21
C GLN F 348 48.25 2.28 6.68
N GLY F 349 48.91 3.42 6.51
CA GLY F 349 48.24 4.64 6.08
C GLY F 349 49.12 5.74 5.50
N GLN F 350 48.47 6.72 4.89
CA GLN F 350 49.16 7.89 4.37
C GLN F 350 48.43 9.20 4.66
N VAL F 351 49.20 10.27 4.83
CA VAL F 351 48.63 11.59 5.05
C VAL F 351 48.12 12.16 3.73
N HIS F 352 46.93 12.73 3.78
CA HIS F 352 46.41 13.51 2.67
C HIS F 352 46.47 14.96 3.05
N PRO F 353 47.14 15.78 2.22
CA PRO F 353 47.40 17.19 2.41
C PRO F 353 46.13 18.02 2.50
N ASN F 354 46.07 18.88 3.52
CA ASN F 354 45.02 19.91 3.60
C ASN F 354 43.70 19.39 3.02
N TYR F 355 43.16 18.37 3.69
CA TYR F 355 42.03 17.62 3.17
C TYR F 355 40.68 18.15 3.64
N PHE F 356 40.61 18.70 4.86
CA PHE F 356 39.34 19.25 5.37
C PHE F 356 39.53 20.59 6.09
N TRP F 357 38.44 21.30 6.32
CA TRP F 357 38.46 22.61 6.97
C TRP F 357 38.12 22.54 8.43
N MET F 358 38.94 23.17 9.28
CA MET F 358 38.58 23.39 10.67
C MET F 358 38.70 24.84 11.09
N VAL F 359 37.81 25.30 11.98
CA VAL F 359 37.94 26.66 12.50
C VAL F 359 39.21 26.70 13.34
N SER F 360 39.97 27.78 13.17
CA SER F 360 41.25 27.98 13.85
C SER F 360 41.73 29.41 13.69
N GLY F 361 42.68 29.81 14.53
CA GLY F 361 43.33 31.12 14.40
C GLY F 361 44.66 31.03 13.67
C16 UUL G . -28.38 -14.10 19.03
C19 UUL G . -29.20 -12.97 18.93
C12 UUL G . -30.40 -13.05 18.23
O20 UUL G . -31.23 -12.00 18.10
C18 UUL G . -30.77 -14.24 17.62
C17 UUL G . -29.94 -15.35 17.73
C10 UUL G . -28.74 -15.30 18.42
N6 UUL G . -28.01 -16.43 18.47
C2 UUL G . -26.67 -16.53 18.53
N1 UUL G . -25.80 -15.51 18.58
S4 UUL G . -25.76 -17.98 18.59
C5 UUL G . -24.26 -17.20 18.69
C3 UUL G . -24.49 -15.86 18.65
C7 UUL G . -23.48 -14.89 18.71
C8 UUL G . -23.84 -13.55 18.56
C14 UUL G . -22.89 -12.54 18.62
C11 UUL G . -21.55 -12.88 18.82
CL UUL G . -20.37 -11.61 18.90
C13 UUL G . -21.18 -14.21 18.98
C9 UUL G . -22.14 -15.23 18.92
C16 UUL H . 11.54 -24.05 -32.26
C19 UUL H . 10.76 -22.92 -32.02
C12 UUL H . 10.54 -21.97 -33.01
O20 UUL H . 9.76 -20.87 -32.75
C18 UUL H . 11.14 -22.13 -34.26
C17 UUL H . 11.93 -23.25 -34.51
C10 UUL H . 12.14 -24.21 -33.51
N6 UUL H . 12.91 -25.28 -33.79
C2 UUL H . 13.84 -25.82 -32.98
N1 UUL H . 14.07 -25.52 -31.69
S4 UUL H . 14.91 -27.02 -33.43
C5 UUL H . 15.66 -27.12 -31.91
C3 UUL H . 15.07 -26.23 -31.11
C7 UUL H . 15.42 -26.03 -29.76
C8 UUL H . 14.72 -25.06 -29.04
C14 UUL H . 15.02 -24.82 -27.70
C11 UUL H . 16.02 -25.55 -27.08
CL UUL H . 16.36 -25.21 -25.42
C13 UUL H . 16.71 -26.53 -27.79
C9 UUL H . 16.42 -26.77 -29.13
C16 UUL I . -44.62 5.31 -35.58
C19 UUL I . -43.31 5.31 -35.13
C12 UUL I . -42.89 4.42 -34.14
O20 UUL I . -41.61 4.42 -33.71
C18 UUL I . -43.79 3.54 -33.56
C17 UUL I . -45.11 3.55 -34.01
C10 UUL I . -45.54 4.42 -35.00
N6 UUL I . -46.83 4.34 -35.38
C2 UUL I . -47.60 5.35 -35.81
N1 UUL I . -47.23 6.63 -36.01
S4 UUL I . -49.22 5.22 -36.23
C5 UUL I . -49.40 6.85 -36.66
C3 UUL I . -48.20 7.45 -36.46
C7 UUL I . -47.97 8.80 -36.73
C8 UUL I . -46.72 9.34 -36.37
C14 UUL I . -46.44 10.67 -36.62
C11 UUL I . -47.40 11.47 -37.25
CL UUL I . -47.02 13.12 -37.54
C13 UUL I . -48.64 10.94 -37.62
C9 UUL I . -48.92 9.61 -37.36
C16 UUL J . 8.68 -33.70 13.11
C19 UUL J . 9.93 -33.78 12.54
C12 UUL J . 11.07 -33.77 13.36
O20 UUL J . 12.31 -33.84 12.79
C18 UUL J . 10.95 -33.69 14.73
C17 UUL J . 9.68 -33.60 15.30
C10 UUL J . 8.55 -33.61 14.49
N6 UUL J . 7.36 -33.55 15.11
C2 UUL J . 6.29 -32.87 14.69
N1 UUL J . 6.13 -32.27 13.50
S4 UUL J . 4.90 -32.62 15.61
C5 UUL J . 4.10 -31.74 14.39
C3 UUL J . 4.93 -31.65 13.32
C7 UUL J . 4.61 -30.97 12.13
C8 UUL J . 5.59 -30.73 11.16
C14 UUL J . 5.29 -30.05 9.99
C11 UUL J . 3.99 -29.58 9.78
CL UUL J . 3.59 -28.73 8.32
C13 UUL J . 3.01 -29.82 10.74
C9 UUL J . 3.32 -30.51 11.91
C1 EDO K . 13.25 -27.62 -4.30
O1 EDO K . 14.38 -26.97 -4.91
C2 EDO K . 12.05 -27.56 -5.24
O2 EDO K . 12.23 -28.40 -6.40
C16 UUL L . -10.20 27.56 29.22
C19 UUL L . -9.06 27.21 28.50
C12 UUL L . -8.08 28.16 28.19
O20 UUL L . -6.99 27.79 27.49
C18 UUL L . -8.24 29.49 28.60
C17 UUL L . -9.38 29.84 29.33
C10 UUL L . -10.36 28.90 29.64
N6 UUL L . -11.44 29.28 30.35
C2 UUL L . -12.71 28.94 30.12
N1 UUL L . -13.18 28.03 29.27
S4 UUL L . -14.00 29.62 30.93
C5 UUL L . -15.18 28.70 30.11
C3 UUL L . -14.53 27.91 29.23
C7 UUL L . -15.15 26.96 28.40
C8 UUL L . -14.42 26.40 27.34
C14 UUL L . -15.00 25.44 26.52
C11 UUL L . -16.31 25.01 26.75
CL UUL L . -17.02 23.79 25.74
C13 UUL L . -17.04 25.56 27.82
C9 UUL L . -16.46 26.52 28.64
C16 UUL M . 50.27 9.90 27.09
C19 UUL M . 49.05 10.07 26.44
C12 UUL M . 48.03 9.11 26.56
O20 UUL M . 46.82 9.24 25.93
C18 UUL M . 48.24 7.97 27.35
C17 UUL M . 49.45 7.80 28.00
C10 UUL M . 50.48 8.74 27.87
N6 UUL M . 51.61 8.50 28.56
C2 UUL M . 52.86 8.70 28.15
N1 UUL M . 53.23 9.37 27.06
S4 UUL M . 54.26 8.17 28.94
C5 UUL M . 55.31 8.83 27.79
C3 UUL M . 54.56 9.45 26.85
C7 UUL M . 55.07 10.12 25.73
C8 UUL M . 54.48 9.92 24.48
C14 UUL M . 54.96 10.59 23.36
C11 UUL M . 56.03 11.47 23.49
CL UUL M . 56.62 12.29 22.08
C13 UUL M . 56.62 11.69 24.73
C9 UUL M . 56.15 11.02 25.85
C1 EDO N . 48.12 19.83 10.40
O1 EDO N . 47.06 19.64 9.47
C2 EDO N . 48.34 21.33 10.44
O2 EDO N . 49.45 21.59 11.29
#